data_5HA8
# 
_entry.id   5HA8 
# 
_audit_conform.dict_name       mmcif_pdbx.dic 
_audit_conform.dict_version    5.387 
_audit_conform.dict_location   http://mmcif.pdb.org/dictionaries/ascii/mmcif_pdbx.dic 
# 
loop_
_database_2.database_id 
_database_2.database_code 
_database_2.pdbx_database_accession 
_database_2.pdbx_DOI 
PDB   5HA8         pdb_00005ha8 10.2210/pdb5ha8/pdb 
WWPDB D_1000216748 ?            ?                   
# 
loop_
_pdbx_audit_revision_history.ordinal 
_pdbx_audit_revision_history.data_content_type 
_pdbx_audit_revision_history.major_revision 
_pdbx_audit_revision_history.minor_revision 
_pdbx_audit_revision_history.revision_date 
1 'Structure model' 1 0 2017-01-18 
2 'Structure model' 1 1 2017-10-18 
3 'Structure model' 1 2 2024-03-20 
# 
_pdbx_audit_revision_details.ordinal             1 
_pdbx_audit_revision_details.revision_ordinal    1 
_pdbx_audit_revision_details.data_content_type   'Structure model' 
_pdbx_audit_revision_details.provider            repository 
_pdbx_audit_revision_details.type                'Initial release' 
_pdbx_audit_revision_details.description         ? 
_pdbx_audit_revision_details.details             ? 
# 
loop_
_pdbx_audit_revision_group.ordinal 
_pdbx_audit_revision_group.revision_ordinal 
_pdbx_audit_revision_group.data_content_type 
_pdbx_audit_revision_group.group 
1 2 'Structure model' 'Author supporting evidence' 
2 3 'Structure model' 'Data collection'            
3 3 'Structure model' 'Database references'        
# 
loop_
_pdbx_audit_revision_category.ordinal 
_pdbx_audit_revision_category.revision_ordinal 
_pdbx_audit_revision_category.data_content_type 
_pdbx_audit_revision_category.category 
1 2 'Structure model' pdbx_audit_support 
2 3 'Structure model' chem_comp_atom     
3 3 'Structure model' chem_comp_bond     
4 3 'Structure model' database_2         
# 
loop_
_pdbx_audit_revision_item.ordinal 
_pdbx_audit_revision_item.revision_ordinal 
_pdbx_audit_revision_item.data_content_type 
_pdbx_audit_revision_item.item 
1 2 'Structure model' '_pdbx_audit_support.funding_organization' 
2 3 'Structure model' '_database_2.pdbx_DOI'                     
3 3 'Structure model' '_database_2.pdbx_database_accession'      
# 
_pdbx_database_status.status_code                     REL 
_pdbx_database_status.status_code_sf                  REL 
_pdbx_database_status.status_code_mr                  ? 
_pdbx_database_status.entry_id                        5HA8 
_pdbx_database_status.recvd_initial_deposition_date   2015-12-30 
_pdbx_database_status.SG_entry                        N 
_pdbx_database_status.deposit_site                    RCSB 
_pdbx_database_status.process_site                    PDBJ 
_pdbx_database_status.status_code_cs                  ? 
_pdbx_database_status.methods_development_category    ? 
_pdbx_database_status.pdb_format_compatible           Y 
_pdbx_database_status.status_code_nmr_data            ? 
# 
loop_
_audit_author.name 
_audit_author.pdbx_ordinal 
'Gao, S.'  1 
'Feng, Y.' 2 
# 
_citation.abstract                  ? 
_citation.abstract_id_CAS           ? 
_citation.book_id_ISBN              ? 
_citation.book_publisher            ? 
_citation.book_publisher_city       ? 
_citation.book_title                ? 
_citation.coordinate_linkage        ? 
_citation.country                   ? 
_citation.database_id_Medline       ? 
_citation.details                   ? 
_citation.id                        primary 
_citation.journal_abbrev            'To Be Published' 
_citation.journal_id_ASTM           ? 
_citation.journal_id_CSD            0353 
_citation.journal_id_ISSN           ? 
_citation.journal_full              ? 
_citation.journal_issue             ? 
_citation.journal_volume            ? 
_citation.language                  ? 
_citation.page_first                ? 
_citation.page_last                 ? 
_citation.title                     'Structure of a cysteine hydrolase' 
_citation.year                      ? 
_citation.database_id_CSD           ? 
_citation.pdbx_database_id_DOI      ? 
_citation.pdbx_database_id_PubMed   ? 
_citation.unpublished_flag          ? 
# 
loop_
_citation_author.citation_id 
_citation_author.name 
_citation_author.ordinal 
_citation_author.identifier_ORCID 
primary 'Gao, S.'  1 ? 
primary 'Feng, Y.' 2 ? 
# 
loop_
_entity.id 
_entity.type 
_entity.src_method 
_entity.pdbx_description 
_entity.formula_weight 
_entity.pdbx_number_of_molecules 
_entity.pdbx_ec 
_entity.pdbx_mutation 
_entity.pdbx_fragment 
_entity.details 
1 polymer man Isochorismatase 20457.863 1   ? ? ? ? 
2 water   nat water           18.015    139 ? ? ? ? 
# 
_entity_name_com.entity_id   1 
_entity_name_com.name        'cysteine hydrolase' 
# 
_entity_poly.entity_id                      1 
_entity_poly.type                           'polypeptide(L)' 
_entity_poly.nstd_linkage                   no 
_entity_poly.nstd_monomer                   no 
_entity_poly.pdbx_seq_one_letter_code       
;MGSHHHHHHMAAPRRTVVLAIDLQAGVTPGCFDEEGVLSRAAALVERARAGGVPVVWVHHDPVGVGTPEWELAAPLHRAE
GEPLVRKNYRDSFADTTLRETLDELGATHLVITGAQSDFCVRTTMQRAAAEGYDVTLVSDAHTTVDTEWEGVRISGEQIV
AHTNMYFSGLRYPGQEFVIATHDHVAL
;
_entity_poly.pdbx_seq_one_letter_code_can   
;MGSHHHHHHMAAPRRTVVLAIDLQAGVTPGCFDEEGVLSRAAALVERARAGGVPVVWVHHDPVGVGTPEWELAAPLHRAE
GEPLVRKNYRDSFADTTLRETLDELGATHLVITGAQSDFCVRTTMQRAAAEGYDVTLVSDAHTTVDTEWEGVRISGEQIV
AHTNMYFSGLRYPGQEFVIATHDHVAL
;
_entity_poly.pdbx_strand_id                 A 
_entity_poly.pdbx_target_identifier         ? 
# 
_pdbx_entity_nonpoly.entity_id   2 
_pdbx_entity_nonpoly.name        water 
_pdbx_entity_nonpoly.comp_id     HOH 
# 
loop_
_entity_poly_seq.entity_id 
_entity_poly_seq.num 
_entity_poly_seq.mon_id 
_entity_poly_seq.hetero 
1 1   MET n 
1 2   GLY n 
1 3   SER n 
1 4   HIS n 
1 5   HIS n 
1 6   HIS n 
1 7   HIS n 
1 8   HIS n 
1 9   HIS n 
1 10  MET n 
1 11  ALA n 
1 12  ALA n 
1 13  PRO n 
1 14  ARG n 
1 15  ARG n 
1 16  THR n 
1 17  VAL n 
1 18  VAL n 
1 19  LEU n 
1 20  ALA n 
1 21  ILE n 
1 22  ASP n 
1 23  LEU n 
1 24  GLN n 
1 25  ALA n 
1 26  GLY n 
1 27  VAL n 
1 28  THR n 
1 29  PRO n 
1 30  GLY n 
1 31  CYS n 
1 32  PHE n 
1 33  ASP n 
1 34  GLU n 
1 35  GLU n 
1 36  GLY n 
1 37  VAL n 
1 38  LEU n 
1 39  SER n 
1 40  ARG n 
1 41  ALA n 
1 42  ALA n 
1 43  ALA n 
1 44  LEU n 
1 45  VAL n 
1 46  GLU n 
1 47  ARG n 
1 48  ALA n 
1 49  ARG n 
1 50  ALA n 
1 51  GLY n 
1 52  GLY n 
1 53  VAL n 
1 54  PRO n 
1 55  VAL n 
1 56  VAL n 
1 57  TRP n 
1 58  VAL n 
1 59  HIS n 
1 60  HIS n 
1 61  ASP n 
1 62  PRO n 
1 63  VAL n 
1 64  GLY n 
1 65  VAL n 
1 66  GLY n 
1 67  THR n 
1 68  PRO n 
1 69  GLU n 
1 70  TRP n 
1 71  GLU n 
1 72  LEU n 
1 73  ALA n 
1 74  ALA n 
1 75  PRO n 
1 76  LEU n 
1 77  HIS n 
1 78  ARG n 
1 79  ALA n 
1 80  GLU n 
1 81  GLY n 
1 82  GLU n 
1 83  PRO n 
1 84  LEU n 
1 85  VAL n 
1 86  ARG n 
1 87  LYS n 
1 88  ASN n 
1 89  TYR n 
1 90  ARG n 
1 91  ASP n 
1 92  SER n 
1 93  PHE n 
1 94  ALA n 
1 95  ASP n 
1 96  THR n 
1 97  THR n 
1 98  LEU n 
1 99  ARG n 
1 100 GLU n 
1 101 THR n 
1 102 LEU n 
1 103 ASP n 
1 104 GLU n 
1 105 LEU n 
1 106 GLY n 
1 107 ALA n 
1 108 THR n 
1 109 HIS n 
1 110 LEU n 
1 111 VAL n 
1 112 ILE n 
1 113 THR n 
1 114 GLY n 
1 115 ALA n 
1 116 GLN n 
1 117 SER n 
1 118 ASP n 
1 119 PHE n 
1 120 CYS n 
1 121 VAL n 
1 122 ARG n 
1 123 THR n 
1 124 THR n 
1 125 MET n 
1 126 GLN n 
1 127 ARG n 
1 128 ALA n 
1 129 ALA n 
1 130 ALA n 
1 131 GLU n 
1 132 GLY n 
1 133 TYR n 
1 134 ASP n 
1 135 VAL n 
1 136 THR n 
1 137 LEU n 
1 138 VAL n 
1 139 SER n 
1 140 ASP n 
1 141 ALA n 
1 142 HIS n 
1 143 THR n 
1 144 THR n 
1 145 VAL n 
1 146 ASP n 
1 147 THR n 
1 148 GLU n 
1 149 TRP n 
1 150 GLU n 
1 151 GLY n 
1 152 VAL n 
1 153 ARG n 
1 154 ILE n 
1 155 SER n 
1 156 GLY n 
1 157 GLU n 
1 158 GLN n 
1 159 ILE n 
1 160 VAL n 
1 161 ALA n 
1 162 HIS n 
1 163 THR n 
1 164 ASN n 
1 165 MET n 
1 166 TYR n 
1 167 PHE n 
1 168 SER n 
1 169 GLY n 
1 170 LEU n 
1 171 ARG n 
1 172 TYR n 
1 173 PRO n 
1 174 GLY n 
1 175 GLN n 
1 176 GLU n 
1 177 PHE n 
1 178 VAL n 
1 179 ILE n 
1 180 ALA n 
1 181 THR n 
1 182 HIS n 
1 183 ASP n 
1 184 HIS n 
1 185 VAL n 
1 186 ALA n 
1 187 LEU n 
# 
_entity_src_gen.entity_id                          1 
_entity_src_gen.pdbx_src_id                        1 
_entity_src_gen.pdbx_alt_source_flag               sample 
_entity_src_gen.pdbx_seq_type                      'Biological sequence' 
_entity_src_gen.pdbx_beg_seq_num                   1 
_entity_src_gen.pdbx_end_seq_num                   187 
_entity_src_gen.gene_src_common_name               ? 
_entity_src_gen.gene_src_genus                     ? 
_entity_src_gen.pdbx_gene_src_gene                 ? 
_entity_src_gen.gene_src_species                   ? 
_entity_src_gen.gene_src_strain                    ? 
_entity_src_gen.gene_src_tissue                    ? 
_entity_src_gen.gene_src_tissue_fraction           ? 
_entity_src_gen.gene_src_details                   ? 
_entity_src_gen.pdbx_gene_src_fragment             ? 
_entity_src_gen.pdbx_gene_src_scientific_name      'Microbacterium hydrocarbonoxydans' 
_entity_src_gen.pdbx_gene_src_ncbi_taxonomy_id     273678 
_entity_src_gen.pdbx_gene_src_variant              ? 
_entity_src_gen.pdbx_gene_src_cell_line            ? 
_entity_src_gen.pdbx_gene_src_atcc                 ? 
_entity_src_gen.pdbx_gene_src_organ                ? 
_entity_src_gen.pdbx_gene_src_organelle            ? 
_entity_src_gen.pdbx_gene_src_cell                 ? 
_entity_src_gen.pdbx_gene_src_cellular_location    ? 
_entity_src_gen.host_org_common_name               ? 
_entity_src_gen.pdbx_host_org_scientific_name      'Escherichia coli' 
_entity_src_gen.pdbx_host_org_ncbi_taxonomy_id     562 
_entity_src_gen.host_org_genus                     ? 
_entity_src_gen.pdbx_host_org_gene                 ? 
_entity_src_gen.pdbx_host_org_organ                ? 
_entity_src_gen.host_org_species                   ? 
_entity_src_gen.pdbx_host_org_tissue               ? 
_entity_src_gen.pdbx_host_org_tissue_fraction      ? 
_entity_src_gen.pdbx_host_org_strain               ? 
_entity_src_gen.pdbx_host_org_variant              ? 
_entity_src_gen.pdbx_host_org_cell_line            ? 
_entity_src_gen.pdbx_host_org_atcc                 ? 
_entity_src_gen.pdbx_host_org_culture_collection   ? 
_entity_src_gen.pdbx_host_org_cell                 ? 
_entity_src_gen.pdbx_host_org_organelle            ? 
_entity_src_gen.pdbx_host_org_cellular_location    ? 
_entity_src_gen.pdbx_host_org_vector_type          plasmid 
_entity_src_gen.pdbx_host_org_vector               ? 
_entity_src_gen.host_org_details                   ? 
_entity_src_gen.expression_system_id               ? 
_entity_src_gen.plasmid_name                       ? 
_entity_src_gen.plasmid_details                    ? 
_entity_src_gen.pdbx_description                   ? 
# 
loop_
_chem_comp.id 
_chem_comp.type 
_chem_comp.mon_nstd_flag 
_chem_comp.name 
_chem_comp.pdbx_synonyms 
_chem_comp.formula 
_chem_comp.formula_weight 
ALA 'L-peptide linking' y ALANINE         ? 'C3 H7 N O2'     89.093  
ARG 'L-peptide linking' y ARGININE        ? 'C6 H15 N4 O2 1' 175.209 
ASN 'L-peptide linking' y ASPARAGINE      ? 'C4 H8 N2 O3'    132.118 
ASP 'L-peptide linking' y 'ASPARTIC ACID' ? 'C4 H7 N O4'     133.103 
CYS 'L-peptide linking' y CYSTEINE        ? 'C3 H7 N O2 S'   121.158 
GLN 'L-peptide linking' y GLUTAMINE       ? 'C5 H10 N2 O3'   146.144 
GLU 'L-peptide linking' y 'GLUTAMIC ACID' ? 'C5 H9 N O4'     147.129 
GLY 'peptide linking'   y GLYCINE         ? 'C2 H5 N O2'     75.067  
HIS 'L-peptide linking' y HISTIDINE       ? 'C6 H10 N3 O2 1' 156.162 
HOH non-polymer         . WATER           ? 'H2 O'           18.015  
ILE 'L-peptide linking' y ISOLEUCINE      ? 'C6 H13 N O2'    131.173 
LEU 'L-peptide linking' y LEUCINE         ? 'C6 H13 N O2'    131.173 
LYS 'L-peptide linking' y LYSINE          ? 'C6 H15 N2 O2 1' 147.195 
MET 'L-peptide linking' y METHIONINE      ? 'C5 H11 N O2 S'  149.211 
PHE 'L-peptide linking' y PHENYLALANINE   ? 'C9 H11 N O2'    165.189 
PRO 'L-peptide linking' y PROLINE         ? 'C5 H9 N O2'     115.130 
SER 'L-peptide linking' y SERINE          ? 'C3 H7 N O3'     105.093 
THR 'L-peptide linking' y THREONINE       ? 'C4 H9 N O3'     119.119 
TRP 'L-peptide linking' y TRYPTOPHAN      ? 'C11 H12 N2 O2'  204.225 
TYR 'L-peptide linking' y TYROSINE        ? 'C9 H11 N O3'    181.189 
VAL 'L-peptide linking' y VALINE          ? 'C5 H11 N O2'    117.146 
# 
loop_
_pdbx_poly_seq_scheme.asym_id 
_pdbx_poly_seq_scheme.entity_id 
_pdbx_poly_seq_scheme.seq_id 
_pdbx_poly_seq_scheme.mon_id 
_pdbx_poly_seq_scheme.ndb_seq_num 
_pdbx_poly_seq_scheme.pdb_seq_num 
_pdbx_poly_seq_scheme.auth_seq_num 
_pdbx_poly_seq_scheme.pdb_mon_id 
_pdbx_poly_seq_scheme.auth_mon_id 
_pdbx_poly_seq_scheme.pdb_strand_id 
_pdbx_poly_seq_scheme.pdb_ins_code 
_pdbx_poly_seq_scheme.hetero 
A 1 1   MET 1   -8  ?   ?   ?   A . n 
A 1 2   GLY 2   -7  ?   ?   ?   A . n 
A 1 3   SER 3   -6  ?   ?   ?   A . n 
A 1 4   HIS 4   -5  ?   ?   ?   A . n 
A 1 5   HIS 5   -4  ?   ?   ?   A . n 
A 1 6   HIS 6   -3  ?   ?   ?   A . n 
A 1 7   HIS 7   -2  ?   ?   ?   A . n 
A 1 8   HIS 8   -1  ?   ?   ?   A . n 
A 1 9   HIS 9   0   ?   ?   ?   A . n 
A 1 10  MET 10  1   ?   ?   ?   A . n 
A 1 11  ALA 11  2   ?   ?   ?   A . n 
A 1 12  ALA 12  3   ?   ?   ?   A . n 
A 1 13  PRO 13  4   4   PRO PRO A . n 
A 1 14  ARG 14  5   5   ARG ARG A . n 
A 1 15  ARG 15  6   6   ARG ARG A . n 
A 1 16  THR 16  7   7   THR THR A . n 
A 1 17  VAL 17  8   8   VAL VAL A . n 
A 1 18  VAL 18  9   9   VAL VAL A . n 
A 1 19  LEU 19  10  10  LEU LEU A . n 
A 1 20  ALA 20  11  11  ALA ALA A . n 
A 1 21  ILE 21  12  12  ILE ILE A . n 
A 1 22  ASP 22  13  13  ASP ASP A . n 
A 1 23  LEU 23  14  14  LEU LEU A . n 
A 1 24  GLN 24  15  15  GLN GLN A . n 
A 1 25  ALA 25  16  16  ALA ALA A . n 
A 1 26  GLY 26  17  17  GLY GLY A . n 
A 1 27  VAL 27  18  18  VAL VAL A . n 
A 1 28  THR 28  19  19  THR THR A . n 
A 1 29  PRO 29  20  20  PRO PRO A . n 
A 1 30  GLY 30  21  21  GLY GLY A . n 
A 1 31  CYS 31  22  22  CYS CYS A . n 
A 1 32  PHE 32  23  23  PHE PHE A . n 
A 1 33  ASP 33  24  24  ASP ASP A . n 
A 1 34  GLU 34  25  25  GLU GLU A . n 
A 1 35  GLU 35  26  26  GLU GLU A . n 
A 1 36  GLY 36  27  27  GLY GLY A . n 
A 1 37  VAL 37  28  28  VAL VAL A . n 
A 1 38  LEU 38  29  29  LEU LEU A . n 
A 1 39  SER 39  30  30  SER SER A . n 
A 1 40  ARG 40  31  31  ARG ARG A . n 
A 1 41  ALA 41  32  32  ALA ALA A . n 
A 1 42  ALA 42  33  33  ALA ALA A . n 
A 1 43  ALA 43  34  34  ALA ALA A . n 
A 1 44  LEU 44  35  35  LEU LEU A . n 
A 1 45  VAL 45  36  36  VAL VAL A . n 
A 1 46  GLU 46  37  37  GLU GLU A . n 
A 1 47  ARG 47  38  38  ARG ARG A . n 
A 1 48  ALA 48  39  39  ALA ALA A . n 
A 1 49  ARG 49  40  40  ARG ARG A . n 
A 1 50  ALA 50  41  41  ALA ALA A . n 
A 1 51  GLY 51  42  42  GLY GLY A . n 
A 1 52  GLY 52  43  43  GLY GLY A . n 
A 1 53  VAL 53  44  44  VAL VAL A . n 
A 1 54  PRO 54  45  45  PRO PRO A . n 
A 1 55  VAL 55  46  46  VAL VAL A . n 
A 1 56  VAL 56  47  47  VAL VAL A . n 
A 1 57  TRP 57  48  48  TRP TRP A . n 
A 1 58  VAL 58  49  49  VAL VAL A . n 
A 1 59  HIS 59  50  50  HIS HIS A . n 
A 1 60  HIS 60  51  51  HIS HIS A . n 
A 1 61  ASP 61  52  52  ASP ASP A . n 
A 1 62  PRO 62  53  53  PRO PRO A . n 
A 1 63  VAL 63  54  54  VAL VAL A . n 
A 1 64  GLY 64  55  55  GLY GLY A . n 
A 1 65  VAL 65  56  56  VAL VAL A . n 
A 1 66  GLY 66  57  57  GLY GLY A . n 
A 1 67  THR 67  58  58  THR THR A . n 
A 1 68  PRO 68  59  59  PRO PRO A . n 
A 1 69  GLU 69  60  60  GLU GLU A . n 
A 1 70  TRP 70  61  61  TRP TRP A . n 
A 1 71  GLU 71  62  62  GLU GLU A . n 
A 1 72  LEU 72  63  63  LEU LEU A . n 
A 1 73  ALA 73  64  64  ALA ALA A . n 
A 1 74  ALA 74  65  65  ALA ALA A . n 
A 1 75  PRO 75  66  66  PRO PRO A . n 
A 1 76  LEU 76  67  67  LEU LEU A . n 
A 1 77  HIS 77  68  68  HIS HIS A . n 
A 1 78  ARG 78  69  69  ARG ARG A . n 
A 1 79  ALA 79  70  70  ALA ALA A . n 
A 1 80  GLU 80  71  71  GLU GLU A . n 
A 1 81  GLY 81  72  72  GLY GLY A . n 
A 1 82  GLU 82  73  73  GLU GLU A . n 
A 1 83  PRO 83  74  74  PRO PRO A . n 
A 1 84  LEU 84  75  75  LEU LEU A . n 
A 1 85  VAL 85  76  76  VAL VAL A . n 
A 1 86  ARG 86  77  77  ARG ARG A . n 
A 1 87  LYS 87  78  78  LYS LYS A . n 
A 1 88  ASN 88  79  79  ASN ASN A . n 
A 1 89  TYR 89  80  80  TYR TYR A . n 
A 1 90  ARG 90  81  81  ARG ARG A . n 
A 1 91  ASP 91  82  82  ASP ASP A . n 
A 1 92  SER 92  83  83  SER SER A . n 
A 1 93  PHE 93  84  84  PHE PHE A . n 
A 1 94  ALA 94  85  85  ALA ALA A . n 
A 1 95  ASP 95  86  86  ASP ASP A . n 
A 1 96  THR 96  87  87  THR THR A . n 
A 1 97  THR 97  88  88  THR THR A . n 
A 1 98  LEU 98  89  89  LEU LEU A . n 
A 1 99  ARG 99  90  90  ARG ARG A . n 
A 1 100 GLU 100 91  91  GLU GLU A . n 
A 1 101 THR 101 92  92  THR THR A . n 
A 1 102 LEU 102 93  93  LEU LEU A . n 
A 1 103 ASP 103 94  94  ASP ASP A . n 
A 1 104 GLU 104 95  95  GLU ALA A . n 
A 1 105 LEU 105 96  96  LEU LEU A . n 
A 1 106 GLY 106 97  97  GLY GLY A . n 
A 1 107 ALA 107 98  98  ALA ALA A . n 
A 1 108 THR 108 99  99  THR THR A . n 
A 1 109 HIS 109 100 100 HIS HIS A . n 
A 1 110 LEU 110 101 101 LEU LEU A . n 
A 1 111 VAL 111 102 102 VAL VAL A . n 
A 1 112 ILE 112 103 103 ILE ILE A . n 
A 1 113 THR 113 104 104 THR THR A . n 
A 1 114 GLY 114 105 105 GLY GLY A . n 
A 1 115 ALA 115 106 106 ALA ALA A . n 
A 1 116 GLN 116 107 107 GLN GLN A . n 
A 1 117 SER 117 108 108 SER SER A . n 
A 1 118 ASP 118 109 109 ASP ASP A . n 
A 1 119 PHE 119 110 110 PHE PHE A . n 
A 1 120 CYS 120 111 111 CYS CYS A . n 
A 1 121 VAL 121 112 112 VAL VAL A . n 
A 1 122 ARG 122 113 113 ARG ARG A . n 
A 1 123 THR 123 114 114 THR THR A . n 
A 1 124 THR 124 115 115 THR THR A . n 
A 1 125 MET 125 116 116 MET MET A . n 
A 1 126 GLN 126 117 117 GLN GLN A . n 
A 1 127 ARG 127 118 118 ARG ARG A . n 
A 1 128 ALA 128 119 119 ALA ALA A . n 
A 1 129 ALA 129 120 120 ALA ALA A . n 
A 1 130 ALA 130 121 121 ALA ALA A . n 
A 1 131 GLU 131 122 122 GLU GLU A . n 
A 1 132 GLY 132 123 123 GLY GLY A . n 
A 1 133 TYR 133 124 124 TYR TYR A . n 
A 1 134 ASP 134 125 125 ASP ASP A . n 
A 1 135 VAL 135 126 126 VAL VAL A . n 
A 1 136 THR 136 127 127 THR THR A . n 
A 1 137 LEU 137 128 128 LEU LEU A . n 
A 1 138 VAL 138 129 129 VAL VAL A . n 
A 1 139 SER 139 130 130 SER SER A . n 
A 1 140 ASP 140 131 131 ASP ASP A . n 
A 1 141 ALA 141 132 132 ALA ALA A . n 
A 1 142 HIS 142 133 133 HIS HIS A . n 
A 1 143 THR 143 134 134 THR THR A . n 
A 1 144 THR 144 135 135 THR THR A . n 
A 1 145 VAL 145 136 136 VAL VAL A . n 
A 1 146 ASP 146 137 137 ASP ASP A . n 
A 1 147 THR 147 138 138 THR THR A . n 
A 1 148 GLU 148 139 139 GLU GLU A . n 
A 1 149 TRP 149 140 140 TRP TRP A . n 
A 1 150 GLU 150 141 141 GLU GLU A . n 
A 1 151 GLY 151 142 142 GLY GLY A . n 
A 1 152 VAL 152 143 143 VAL VAL A . n 
A 1 153 ARG 153 144 144 ARG ARG A . n 
A 1 154 ILE 154 145 145 ILE ILE A . n 
A 1 155 SER 155 146 146 SER SER A . n 
A 1 156 GLY 156 147 147 GLY GLY A . n 
A 1 157 GLU 157 148 148 GLU GLU A . n 
A 1 158 GLN 158 149 149 GLN GLN A . n 
A 1 159 ILE 159 150 150 ILE ILE A . n 
A 1 160 VAL 160 151 151 VAL VAL A . n 
A 1 161 ALA 161 152 152 ALA ALA A . n 
A 1 162 HIS 162 153 153 HIS HIS A . n 
A 1 163 THR 163 154 154 THR THR A . n 
A 1 164 ASN 164 155 155 ASN ASN A . n 
A 1 165 MET 165 156 156 MET MET A . n 
A 1 166 TYR 166 157 157 TYR TYR A . n 
A 1 167 PHE 167 158 158 PHE PHE A . n 
A 1 168 SER 168 159 159 SER SER A . n 
A 1 169 GLY 169 160 160 GLY GLY A . n 
A 1 170 LEU 170 161 161 LEU LEU A . n 
A 1 171 ARG 171 162 162 ARG ARG A . n 
A 1 172 TYR 172 163 163 TYR TYR A . n 
A 1 173 PRO 173 164 164 PRO PRO A . n 
A 1 174 GLY 174 165 165 GLY GLY A . n 
A 1 175 GLN 175 166 166 GLN GLN A . n 
A 1 176 GLU 176 167 167 GLU GLU A . n 
A 1 177 PHE 177 168 168 PHE PHE A . n 
A 1 178 VAL 178 169 169 VAL VAL A . n 
A 1 179 ILE 179 170 170 ILE ILE A . n 
A 1 180 ALA 180 171 171 ALA ALA A . n 
A 1 181 THR 181 172 172 THR THR A . n 
A 1 182 HIS 182 173 173 HIS HIS A . n 
A 1 183 ASP 183 174 174 ASP ASP A . n 
A 1 184 HIS 184 175 175 HIS HIS A . n 
A 1 185 VAL 185 176 176 VAL VAL A . n 
A 1 186 ALA 186 177 177 ALA ALA A . n 
A 1 187 LEU 187 178 178 LEU LEU A . n 
# 
loop_
_pdbx_nonpoly_scheme.asym_id 
_pdbx_nonpoly_scheme.entity_id 
_pdbx_nonpoly_scheme.mon_id 
_pdbx_nonpoly_scheme.ndb_seq_num 
_pdbx_nonpoly_scheme.pdb_seq_num 
_pdbx_nonpoly_scheme.auth_seq_num 
_pdbx_nonpoly_scheme.pdb_mon_id 
_pdbx_nonpoly_scheme.auth_mon_id 
_pdbx_nonpoly_scheme.pdb_strand_id 
_pdbx_nonpoly_scheme.pdb_ins_code 
B 2 HOH 1   201 109 HOH HOH A . 
B 2 HOH 2   202 30  HOH HOH A . 
B 2 HOH 3   203 35  HOH HOH A . 
B 2 HOH 4   204 119 HOH HOH A . 
B 2 HOH 5   205 130 HOH HOH A . 
B 2 HOH 6   206 110 HOH HOH A . 
B 2 HOH 7   207 123 HOH HOH A . 
B 2 HOH 8   208 120 HOH HOH A . 
B 2 HOH 9   209 75  HOH HOH A . 
B 2 HOH 10  210 28  HOH HOH A . 
B 2 HOH 11  211 10  HOH HOH A . 
B 2 HOH 12  212 59  HOH HOH A . 
B 2 HOH 13  213 58  HOH HOH A . 
B 2 HOH 14  214 4   HOH HOH A . 
B 2 HOH 15  215 36  HOH HOH A . 
B 2 HOH 16  216 122 HOH HOH A . 
B 2 HOH 17  217 17  HOH HOH A . 
B 2 HOH 18  218 79  HOH HOH A . 
B 2 HOH 19  219 47  HOH HOH A . 
B 2 HOH 20  220 38  HOH HOH A . 
B 2 HOH 21  221 72  HOH HOH A . 
B 2 HOH 22  222 29  HOH HOH A . 
B 2 HOH 23  223 7   HOH HOH A . 
B 2 HOH 24  224 8   HOH HOH A . 
B 2 HOH 25  225 135 HOH HOH A . 
B 2 HOH 26  226 37  HOH HOH A . 
B 2 HOH 27  227 3   HOH HOH A . 
B 2 HOH 28  228 9   HOH HOH A . 
B 2 HOH 29  229 26  HOH HOH A . 
B 2 HOH 30  230 15  HOH HOH A . 
B 2 HOH 31  231 99  HOH HOH A . 
B 2 HOH 32  232 23  HOH HOH A . 
B 2 HOH 33  233 32  HOH HOH A . 
B 2 HOH 34  234 50  HOH HOH A . 
B 2 HOH 35  235 1   HOH HOH A . 
B 2 HOH 36  236 39  HOH HOH A . 
B 2 HOH 37  237 2   HOH HOH A . 
B 2 HOH 38  238 48  HOH HOH A . 
B 2 HOH 39  239 77  HOH HOH A . 
B 2 HOH 40  240 31  HOH HOH A . 
B 2 HOH 41  241 6   HOH HOH A . 
B 2 HOH 42  242 44  HOH HOH A . 
B 2 HOH 43  243 85  HOH HOH A . 
B 2 HOH 44  244 126 HOH HOH A . 
B 2 HOH 45  245 62  HOH HOH A . 
B 2 HOH 46  246 114 HOH HOH A . 
B 2 HOH 47  247 13  HOH HOH A . 
B 2 HOH 48  248 25  HOH HOH A . 
B 2 HOH 49  249 124 HOH HOH A . 
B 2 HOH 50  250 49  HOH HOH A . 
B 2 HOH 51  251 53  HOH HOH A . 
B 2 HOH 52  252 66  HOH HOH A . 
B 2 HOH 53  253 82  HOH HOH A . 
B 2 HOH 54  254 103 HOH HOH A . 
B 2 HOH 55  255 18  HOH HOH A . 
B 2 HOH 56  256 100 HOH HOH A . 
B 2 HOH 57  257 40  HOH HOH A . 
B 2 HOH 58  258 63  HOH HOH A . 
B 2 HOH 59  259 41  HOH HOH A . 
B 2 HOH 60  260 24  HOH HOH A . 
B 2 HOH 61  261 42  HOH HOH A . 
B 2 HOH 62  262 55  HOH HOH A . 
B 2 HOH 63  263 115 HOH HOH A . 
B 2 HOH 64  264 16  HOH HOH A . 
B 2 HOH 65  265 73  HOH HOH A . 
B 2 HOH 66  266 56  HOH HOH A . 
B 2 HOH 67  267 95  HOH HOH A . 
B 2 HOH 68  268 12  HOH HOH A . 
B 2 HOH 69  269 19  HOH HOH A . 
B 2 HOH 70  270 118 HOH HOH A . 
B 2 HOH 71  271 54  HOH HOH A . 
B 2 HOH 72  272 68  HOH HOH A . 
B 2 HOH 73  273 76  HOH HOH A . 
B 2 HOH 74  274 81  HOH HOH A . 
B 2 HOH 75  275 108 HOH HOH A . 
B 2 HOH 76  276 96  HOH HOH A . 
B 2 HOH 77  277 22  HOH HOH A . 
B 2 HOH 78  278 46  HOH HOH A . 
B 2 HOH 79  279 34  HOH HOH A . 
B 2 HOH 80  280 65  HOH HOH A . 
B 2 HOH 81  281 51  HOH HOH A . 
B 2 HOH 82  282 20  HOH HOH A . 
B 2 HOH 83  283 94  HOH HOH A . 
B 2 HOH 84  284 132 HOH HOH A . 
B 2 HOH 85  285 74  HOH HOH A . 
B 2 HOH 86  286 97  HOH HOH A . 
B 2 HOH 87  287 27  HOH HOH A . 
B 2 HOH 88  288 61  HOH HOH A . 
B 2 HOH 89  289 101 HOH HOH A . 
B 2 HOH 90  290 57  HOH HOH A . 
B 2 HOH 91  291 92  HOH HOH A . 
B 2 HOH 92  292 60  HOH HOH A . 
B 2 HOH 93  293 131 HOH HOH A . 
B 2 HOH 94  294 86  HOH HOH A . 
B 2 HOH 95  295 70  HOH HOH A . 
B 2 HOH 96  296 33  HOH HOH A . 
B 2 HOH 97  297 88  HOH HOH A . 
B 2 HOH 98  298 11  HOH HOH A . 
B 2 HOH 99  299 117 HOH HOH A . 
B 2 HOH 100 300 134 HOH HOH A . 
B 2 HOH 101 301 45  HOH HOH A . 
B 2 HOH 102 302 104 HOH HOH A . 
B 2 HOH 103 303 111 HOH HOH A . 
B 2 HOH 104 304 5   HOH HOH A . 
B 2 HOH 105 305 64  HOH HOH A . 
B 2 HOH 106 306 43  HOH HOH A . 
B 2 HOH 107 307 89  HOH HOH A . 
B 2 HOH 108 308 98  HOH HOH A . 
B 2 HOH 109 309 137 HOH HOH A . 
B 2 HOH 110 310 139 HOH HOH A . 
B 2 HOH 111 311 83  HOH HOH A . 
B 2 HOH 112 312 125 HOH HOH A . 
B 2 HOH 113 313 138 HOH HOH A . 
B 2 HOH 114 314 87  HOH HOH A . 
B 2 HOH 115 315 113 HOH HOH A . 
B 2 HOH 116 316 90  HOH HOH A . 
B 2 HOH 117 317 78  HOH HOH A . 
B 2 HOH 118 318 112 HOH HOH A . 
B 2 HOH 119 319 80  HOH HOH A . 
B 2 HOH 120 320 129 HOH HOH A . 
B 2 HOH 121 321 69  HOH HOH A . 
B 2 HOH 122 322 52  HOH HOH A . 
B 2 HOH 123 323 133 HOH HOH A . 
B 2 HOH 124 324 67  HOH HOH A . 
B 2 HOH 125 325 21  HOH HOH A . 
B 2 HOH 126 326 102 HOH HOH A . 
B 2 HOH 127 327 105 HOH HOH A . 
B 2 HOH 128 328 71  HOH HOH A . 
B 2 HOH 129 329 14  HOH HOH A . 
B 2 HOH 130 330 84  HOH HOH A . 
B 2 HOH 131 331 127 HOH HOH A . 
B 2 HOH 132 332 116 HOH HOH A . 
B 2 HOH 133 333 106 HOH HOH A . 
B 2 HOH 134 334 107 HOH HOH A . 
B 2 HOH 135 335 121 HOH HOH A . 
B 2 HOH 136 336 93  HOH HOH A . 
B 2 HOH 137 337 128 HOH HOH A . 
B 2 HOH 138 338 136 HOH HOH A . 
B 2 HOH 139 339 91  HOH HOH A . 
# 
loop_
_pdbx_unobs_or_zero_occ_atoms.id 
_pdbx_unobs_or_zero_occ_atoms.PDB_model_num 
_pdbx_unobs_or_zero_occ_atoms.polymer_flag 
_pdbx_unobs_or_zero_occ_atoms.occupancy_flag 
_pdbx_unobs_or_zero_occ_atoms.auth_asym_id 
_pdbx_unobs_or_zero_occ_atoms.auth_comp_id 
_pdbx_unobs_or_zero_occ_atoms.auth_seq_id 
_pdbx_unobs_or_zero_occ_atoms.PDB_ins_code 
_pdbx_unobs_or_zero_occ_atoms.auth_atom_id 
_pdbx_unobs_or_zero_occ_atoms.label_alt_id 
_pdbx_unobs_or_zero_occ_atoms.label_asym_id 
_pdbx_unobs_or_zero_occ_atoms.label_comp_id 
_pdbx_unobs_or_zero_occ_atoms.label_seq_id 
_pdbx_unobs_or_zero_occ_atoms.label_atom_id 
1 1 Y 1 A GLU 95 ? CG  ? A GLU 104 CG  
2 1 Y 1 A GLU 95 ? CD  ? A GLU 104 CD  
3 1 Y 1 A GLU 95 ? OE1 ? A GLU 104 OE1 
4 1 Y 1 A GLU 95 ? OE2 ? A GLU 104 OE2 
# 
loop_
_software.citation_id 
_software.classification 
_software.compiler_name 
_software.compiler_version 
_software.contact_author 
_software.contact_author_email 
_software.date 
_software.description 
_software.dependencies 
_software.hardware 
_software.language 
_software.location 
_software.mods 
_software.name 
_software.os 
_software.os_version 
_software.type 
_software.version 
_software.pdbx_ordinal 
? refinement        ? ? ? ? ? ? ? ? ? ? ? PHENIX    ? ? ? 1.9_1692 1 
? 'data processing' ? ? ? ? ? ? ? ? ? ? ? HKL-2000  ? ? ? .        2 
? 'data scaling'    ? ? ? ? ? ? ? ? ? ? ? SCALEPACK ? ? ? .        3 
# 
_cell.angle_alpha                  90.00 
_cell.angle_alpha_esd              ? 
_cell.angle_beta                   90.00 
_cell.angle_beta_esd               ? 
_cell.angle_gamma                  120.00 
_cell.angle_gamma_esd              ? 
_cell.entry_id                     5HA8 
_cell.details                      ? 
_cell.formula_units_Z              ? 
_cell.length_a                     69.454 
_cell.length_a_esd                 ? 
_cell.length_b                     69.454 
_cell.length_b_esd                 ? 
_cell.length_c                     88.052 
_cell.length_c_esd                 ? 
_cell.volume                       ? 
_cell.volume_esd                   ? 
_cell.Z_PDB                        6 
_cell.reciprocal_angle_alpha       ? 
_cell.reciprocal_angle_beta        ? 
_cell.reciprocal_angle_gamma       ? 
_cell.reciprocal_angle_alpha_esd   ? 
_cell.reciprocal_angle_beta_esd    ? 
_cell.reciprocal_angle_gamma_esd   ? 
_cell.reciprocal_length_a          ? 
_cell.reciprocal_length_b          ? 
_cell.reciprocal_length_c          ? 
_cell.reciprocal_length_a_esd      ? 
_cell.reciprocal_length_b_esd      ? 
_cell.reciprocal_length_c_esd      ? 
_cell.pdbx_unique_axis             ? 
# 
_symmetry.entry_id                         5HA8 
_symmetry.cell_setting                     ? 
_symmetry.Int_Tables_number                152 
_symmetry.space_group_name_Hall            ? 
_symmetry.space_group_name_H-M             'P 31 2 1' 
_symmetry.pdbx_full_space_group_name_H-M   ? 
# 
_exptl.absorpt_coefficient_mu     ? 
_exptl.absorpt_correction_T_max   ? 
_exptl.absorpt_correction_T_min   ? 
_exptl.absorpt_correction_type    ? 
_exptl.absorpt_process_details    ? 
_exptl.entry_id                   5HA8 
_exptl.crystals_number            1 
_exptl.details                    ? 
_exptl.method                     'X-RAY DIFFRACTION' 
_exptl.method_details             ? 
# 
_exptl_crystal.colour                      ? 
_exptl_crystal.density_diffrn              ? 
_exptl_crystal.density_Matthews            3.00 
_exptl_crystal.density_method              ? 
_exptl_crystal.density_percent_sol         58.96 
_exptl_crystal.description                 ? 
_exptl_crystal.F_000                       ? 
_exptl_crystal.id                          1 
_exptl_crystal.preparation                 ? 
_exptl_crystal.size_max                    ? 
_exptl_crystal.size_mid                    ? 
_exptl_crystal.size_min                    ? 
_exptl_crystal.size_rad                    ? 
_exptl_crystal.colour_lustre               ? 
_exptl_crystal.colour_modifier             ? 
_exptl_crystal.colour_primary              ? 
_exptl_crystal.density_meas                ? 
_exptl_crystal.density_meas_esd            ? 
_exptl_crystal.density_meas_gt             ? 
_exptl_crystal.density_meas_lt             ? 
_exptl_crystal.density_meas_temp           ? 
_exptl_crystal.density_meas_temp_esd       ? 
_exptl_crystal.density_meas_temp_gt        ? 
_exptl_crystal.density_meas_temp_lt        ? 
_exptl_crystal.pdbx_crystal_image_url      ? 
_exptl_crystal.pdbx_crystal_image_format   ? 
_exptl_crystal.pdbx_mosaicity              ? 
_exptl_crystal.pdbx_mosaicity_esd          ? 
# 
_exptl_crystal_grow.apparatus       ? 
_exptl_crystal_grow.atmosphere      ? 
_exptl_crystal_grow.crystal_id      1 
_exptl_crystal_grow.details         ? 
_exptl_crystal_grow.method          'VAPOR DIFFUSION' 
_exptl_crystal_grow.method_ref      ? 
_exptl_crystal_grow.pH              6.0 
_exptl_crystal_grow.pressure        ? 
_exptl_crystal_grow.pressure_esd    ? 
_exptl_crystal_grow.seeding         ? 
_exptl_crystal_grow.seeding_ref     ? 
_exptl_crystal_grow.temp            291 
_exptl_crystal_grow.temp_details    ? 
_exptl_crystal_grow.temp_esd        ? 
_exptl_crystal_grow.time            ? 
_exptl_crystal_grow.pdbx_details    'sodium malonate (pH 6.0), polyethylene glycol 3350' 
_exptl_crystal_grow.pdbx_pH_range   ? 
# 
_diffrn.ambient_environment    ? 
_diffrn.ambient_temp           100 
_diffrn.ambient_temp_details   ? 
_diffrn.ambient_temp_esd       ? 
_diffrn.crystal_id             1 
_diffrn.crystal_support        ? 
_diffrn.crystal_treatment      ? 
_diffrn.details                ? 
_diffrn.id                     1 
_diffrn.ambient_pressure       ? 
_diffrn.ambient_pressure_esd   ? 
_diffrn.ambient_pressure_gt    ? 
_diffrn.ambient_pressure_lt    ? 
_diffrn.ambient_temp_gt        ? 
_diffrn.ambient_temp_lt        ? 
# 
_diffrn_detector.details                      ? 
_diffrn_detector.detector                     CCD 
_diffrn_detector.diffrn_id                    1 
_diffrn_detector.type                         'ADSC QUANTUM 315r' 
_diffrn_detector.area_resol_mean              ? 
_diffrn_detector.dtime                        ? 
_diffrn_detector.pdbx_frames_total            ? 
_diffrn_detector.pdbx_collection_time_total   ? 
_diffrn_detector.pdbx_collection_date         2015-06-22 
# 
_diffrn_radiation.collimation                      ? 
_diffrn_radiation.diffrn_id                        1 
_diffrn_radiation.filter_edge                      ? 
_diffrn_radiation.inhomogeneity                    ? 
_diffrn_radiation.monochromator                    ? 
_diffrn_radiation.polarisn_norm                    ? 
_diffrn_radiation.polarisn_ratio                   ? 
_diffrn_radiation.probe                            ? 
_diffrn_radiation.type                             ? 
_diffrn_radiation.xray_symbol                      ? 
_diffrn_radiation.wavelength_id                    1 
_diffrn_radiation.pdbx_monochromatic_or_laue_m_l   M 
_diffrn_radiation.pdbx_wavelength_list             ? 
_diffrn_radiation.pdbx_wavelength                  ? 
_diffrn_radiation.pdbx_diffrn_protocol             LAUE 
_diffrn_radiation.pdbx_analyzer                    ? 
_diffrn_radiation.pdbx_scattering_type             x-ray 
# 
_diffrn_radiation_wavelength.id           1 
_diffrn_radiation_wavelength.wavelength   0.979 
_diffrn_radiation_wavelength.wt           1.0 
# 
_diffrn_source.current                     ? 
_diffrn_source.details                     ? 
_diffrn_source.diffrn_id                   1 
_diffrn_source.power                       ? 
_diffrn_source.size                        ? 
_diffrn_source.source                      SYNCHROTRON 
_diffrn_source.target                      ? 
_diffrn_source.type                        'SSRF BEAMLINE BL17B1' 
_diffrn_source.voltage                     ? 
_diffrn_source.take-off_angle              ? 
_diffrn_source.pdbx_wavelength_list        0.979 
_diffrn_source.pdbx_wavelength             ? 
_diffrn_source.pdbx_synchrotron_beamline   BL17B1 
_diffrn_source.pdbx_synchrotron_site       SSRF 
# 
_reflns.B_iso_Wilson_estimate            ? 
_reflns.entry_id                         5HA8 
_reflns.data_reduction_details           ? 
_reflns.data_reduction_method            ? 
_reflns.d_resolution_high                2.05 
_reflns.d_resolution_low                 50 
_reflns.details                          ? 
_reflns.limit_h_max                      ? 
_reflns.limit_h_min                      ? 
_reflns.limit_k_max                      ? 
_reflns.limit_k_min                      ? 
_reflns.limit_l_max                      ? 
_reflns.limit_l_min                      ? 
_reflns.number_all                       ? 
_reflns.number_obs                       15793 
_reflns.observed_criterion               ? 
_reflns.observed_criterion_F_max         ? 
_reflns.observed_criterion_F_min         ? 
_reflns.observed_criterion_I_max         ? 
_reflns.observed_criterion_I_min         ? 
_reflns.observed_criterion_sigma_F       ? 
_reflns.observed_criterion_sigma_I       ? 
_reflns.percent_possible_obs             100 
_reflns.R_free_details                   ? 
_reflns.Rmerge_F_all                     ? 
_reflns.Rmerge_F_obs                     ? 
_reflns.Friedel_coverage                 ? 
_reflns.number_gt                        ? 
_reflns.threshold_expression             ? 
_reflns.pdbx_redundancy                  13.1 
_reflns.pdbx_Rmerge_I_obs                ? 
_reflns.pdbx_Rmerge_I_all                ? 
_reflns.pdbx_Rsym_value                  ? 
_reflns.pdbx_netI_over_av_sigmaI         ? 
_reflns.pdbx_netI_over_sigmaI            39.75 
_reflns.pdbx_res_netI_over_av_sigmaI_2   ? 
_reflns.pdbx_res_netI_over_sigmaI_2      ? 
_reflns.pdbx_chi_squared                 ? 
_reflns.pdbx_scaling_rejects             ? 
_reflns.pdbx_d_res_high_opt              ? 
_reflns.pdbx_d_res_low_opt               ? 
_reflns.pdbx_d_res_opt_method            ? 
_reflns.phase_calculation_details        ? 
_reflns.pdbx_Rrim_I_all                  ? 
_reflns.pdbx_Rpim_I_all                  ? 
_reflns.pdbx_d_opt                       ? 
_reflns.pdbx_number_measured_all         ? 
_reflns.pdbx_diffrn_id                   1 
_reflns.pdbx_ordinal                     1 
_reflns.pdbx_CC_half                     ? 
_reflns.pdbx_R_split                     ? 
# 
_refine.aniso_B[1][1]                            ? 
_refine.aniso_B[1][2]                            ? 
_refine.aniso_B[1][3]                            ? 
_refine.aniso_B[2][2]                            ? 
_refine.aniso_B[2][3]                            ? 
_refine.aniso_B[3][3]                            ? 
_refine.B_iso_max                                ? 
_refine.B_iso_mean                               ? 
_refine.B_iso_min                                ? 
_refine.correlation_coeff_Fo_to_Fc               ? 
_refine.correlation_coeff_Fo_to_Fc_free          ? 
_refine.details                                  ? 
_refine.diff_density_max                         ? 
_refine.diff_density_max_esd                     ? 
_refine.diff_density_min                         ? 
_refine.diff_density_min_esd                     ? 
_refine.diff_density_rms                         ? 
_refine.diff_density_rms_esd                     ? 
_refine.entry_id                                 5HA8 
_refine.pdbx_refine_id                           'X-RAY DIFFRACTION' 
_refine.ls_abs_structure_details                 ? 
_refine.ls_abs_structure_Flack                   ? 
_refine.ls_abs_structure_Flack_esd               ? 
_refine.ls_abs_structure_Rogers                  ? 
_refine.ls_abs_structure_Rogers_esd              ? 
_refine.ls_d_res_high                            2.054 
_refine.ls_d_res_low                             35.526 
_refine.ls_extinction_coef                       ? 
_refine.ls_extinction_coef_esd                   ? 
_refine.ls_extinction_expression                 ? 
_refine.ls_extinction_method                     ? 
_refine.ls_goodness_of_fit_all                   ? 
_refine.ls_goodness_of_fit_all_esd               ? 
_refine.ls_goodness_of_fit_obs                   ? 
_refine.ls_goodness_of_fit_obs_esd               ? 
_refine.ls_hydrogen_treatment                    ? 
_refine.ls_matrix_type                           ? 
_refine.ls_number_constraints                    ? 
_refine.ls_number_parameters                     ? 
_refine.ls_number_reflns_all                     ? 
_refine.ls_number_reflns_obs                     15760 
_refine.ls_number_reflns_R_free                  784 
_refine.ls_number_reflns_R_work                  ? 
_refine.ls_number_restraints                     ? 
_refine.ls_percent_reflns_obs                    99.76 
_refine.ls_percent_reflns_R_free                 4.97 
_refine.ls_R_factor_all                          ? 
_refine.ls_R_factor_obs                          0.1720 
_refine.ls_R_factor_R_free                       0.1941 
_refine.ls_R_factor_R_free_error                 ? 
_refine.ls_R_factor_R_free_error_details         ? 
_refine.ls_R_factor_R_work                       0.1709 
_refine.ls_R_Fsqd_factor_obs                     ? 
_refine.ls_R_I_factor_obs                        ? 
_refine.ls_redundancy_reflns_all                 ? 
_refine.ls_redundancy_reflns_obs                 ? 
_refine.ls_restrained_S_all                      ? 
_refine.ls_restrained_S_obs                      ? 
_refine.ls_shift_over_esd_max                    ? 
_refine.ls_shift_over_esd_mean                   ? 
_refine.ls_structure_factor_coef                 ? 
_refine.ls_weighting_details                     ? 
_refine.ls_weighting_scheme                      ? 
_refine.ls_wR_factor_all                         ? 
_refine.ls_wR_factor_obs                         ? 
_refine.ls_wR_factor_R_free                      ? 
_refine.ls_wR_factor_R_work                      ? 
_refine.occupancy_max                            ? 
_refine.occupancy_min                            ? 
_refine.solvent_model_details                    'FLAT BULK SOLVENT MODEL' 
_refine.solvent_model_param_bsol                 ? 
_refine.solvent_model_param_ksol                 ? 
_refine.ls_R_factor_gt                           ? 
_refine.ls_goodness_of_fit_gt                    ? 
_refine.ls_goodness_of_fit_ref                   ? 
_refine.ls_shift_over_su_max                     ? 
_refine.ls_shift_over_su_max_lt                  ? 
_refine.ls_shift_over_su_mean                    ? 
_refine.ls_shift_over_su_mean_lt                 ? 
_refine.pdbx_ls_sigma_I                          ? 
_refine.pdbx_ls_sigma_F                          1.97 
_refine.pdbx_ls_sigma_Fsqd                       ? 
_refine.pdbx_data_cutoff_high_absF               ? 
_refine.pdbx_data_cutoff_high_rms_absF           ? 
_refine.pdbx_data_cutoff_low_absF                ? 
_refine.pdbx_isotropic_thermal_model             ? 
_refine.pdbx_ls_cross_valid_method               'FREE R-VALUE' 
_refine.pdbx_method_to_determine_struct          ? 
_refine.pdbx_starting_model                      ? 
_refine.pdbx_stereochemistry_target_values       ML 
_refine.pdbx_R_Free_selection_details            ? 
_refine.pdbx_stereochem_target_val_spec_case     ? 
_refine.pdbx_overall_ESU_R                       ? 
_refine.pdbx_overall_ESU_R_Free                  ? 
_refine.pdbx_solvent_vdw_probe_radii             1.11 
_refine.pdbx_solvent_ion_probe_radii             ? 
_refine.pdbx_solvent_shrinkage_radii             0.90 
_refine.pdbx_real_space_R                        ? 
_refine.pdbx_density_correlation                 ? 
_refine.pdbx_pd_number_of_powder_patterns        ? 
_refine.pdbx_pd_number_of_points                 ? 
_refine.pdbx_pd_meas_number_of_points            ? 
_refine.pdbx_pd_proc_ls_prof_R_factor            ? 
_refine.pdbx_pd_proc_ls_prof_wR_factor           ? 
_refine.pdbx_pd_Marquardt_correlation_coeff      ? 
_refine.pdbx_pd_Fsqrd_R_factor                   ? 
_refine.pdbx_pd_ls_matrix_band_width             ? 
_refine.pdbx_overall_phase_error                 19.41 
_refine.pdbx_overall_SU_R_free_Cruickshank_DPI   ? 
_refine.pdbx_overall_SU_R_free_Blow_DPI          ? 
_refine.pdbx_overall_SU_R_Blow_DPI               ? 
_refine.pdbx_TLS_residual_ADP_flag               ? 
_refine.pdbx_diffrn_id                           1 
_refine.overall_SU_B                             ? 
_refine.overall_SU_ML                            0.19 
_refine.overall_SU_R_Cruickshank_DPI             ? 
_refine.overall_SU_R_free                        ? 
_refine.overall_FOM_free_R_set                   ? 
_refine.overall_FOM_work_R_set                   ? 
_refine.pdbx_average_fsc_overall                 ? 
_refine.pdbx_average_fsc_work                    ? 
_refine.pdbx_average_fsc_free                    ? 
# 
_refine_hist.pdbx_refine_id                   'X-RAY DIFFRACTION' 
_refine_hist.cycle_id                         LAST 
_refine_hist.pdbx_number_atoms_protein        1339 
_refine_hist.pdbx_number_atoms_nucleic_acid   0 
_refine_hist.pdbx_number_atoms_ligand         0 
_refine_hist.number_atoms_solvent             139 
_refine_hist.number_atoms_total               1478 
_refine_hist.d_res_high                       2.054 
_refine_hist.d_res_low                        35.526 
# 
loop_
_refine_ls_restr.pdbx_refine_id 
_refine_ls_restr.criterion 
_refine_ls_restr.dev_ideal 
_refine_ls_restr.dev_ideal_target 
_refine_ls_restr.number 
_refine_ls_restr.rejects 
_refine_ls_restr.type 
_refine_ls_restr.weight 
_refine_ls_restr.pdbx_restraint_function 
'X-RAY DIFFRACTION' ? 0.004  ? 1369 ? f_bond_d           ? ? 
'X-RAY DIFFRACTION' ? 0.892  ? 1870 ? f_angle_d          ? ? 
'X-RAY DIFFRACTION' ? 12.718 ? 480  ? f_dihedral_angle_d ? ? 
'X-RAY DIFFRACTION' ? 0.035  ? 216  ? f_chiral_restr     ? ? 
'X-RAY DIFFRACTION' ? 0.005  ? 245  ? f_plane_restr      ? ? 
# 
loop_
_refine_ls_shell.pdbx_refine_id 
_refine_ls_shell.d_res_high 
_refine_ls_shell.d_res_low 
_refine_ls_shell.number_reflns_all 
_refine_ls_shell.number_reflns_obs 
_refine_ls_shell.number_reflns_R_free 
_refine_ls_shell.number_reflns_R_work 
_refine_ls_shell.percent_reflns_obs 
_refine_ls_shell.percent_reflns_R_free 
_refine_ls_shell.R_factor_all 
_refine_ls_shell.R_factor_obs 
_refine_ls_shell.R_factor_R_free 
_refine_ls_shell.R_factor_R_free_error 
_refine_ls_shell.R_factor_R_work 
_refine_ls_shell.redundancy_reflns_all 
_refine_ls_shell.redundancy_reflns_obs 
_refine_ls_shell.wR_factor_all 
_refine_ls_shell.wR_factor_obs 
_refine_ls_shell.wR_factor_R_free 
_refine_ls_shell.wR_factor_R_work 
_refine_ls_shell.pdbx_total_number_of_bins_used 
_refine_ls_shell.pdbx_phase_error 
_refine_ls_shell.pdbx_fsc_work 
_refine_ls_shell.pdbx_fsc_free 
'X-RAY DIFFRACTION' 2.0537 2.1824 . . 132 2402 99.00  . . . 0.2422 . 0.1936 . . . . . . . . . . 
'X-RAY DIFFRACTION' 2.1824 2.3509 . . 135 2470 100.00 . . . 0.2041 . 0.1889 . . . . . . . . . . 
'X-RAY DIFFRACTION' 2.3509 2.5874 . . 137 2466 100.00 . . . 0.2105 . 0.1893 . . . . . . . . . . 
'X-RAY DIFFRACTION' 2.5874 2.9616 . . 125 2480 100.00 . . . 0.2429 . 0.1939 . . . . . . . . . . 
'X-RAY DIFFRACTION' 2.9616 3.7307 . . 126 2523 100.00 . . . 0.1949 . 0.1801 . . . . . . . . . . 
# 
_struct.entry_id                     5HA8 
_struct.title                        'Structure of a cysteine hydrolase' 
_struct.pdbx_model_details           ? 
_struct.pdbx_formula_weight          ? 
_struct.pdbx_formula_weight_method   ? 
_struct.pdbx_model_type_details      ? 
_struct.pdbx_CASP_flag               ? 
# 
_struct_keywords.entry_id        5HA8 
_struct_keywords.text            'hydrolase, catalyic triad' 
_struct_keywords.pdbx_keywords   HYDROLASE 
# 
loop_
_struct_asym.id 
_struct_asym.pdbx_blank_PDB_chainid_flag 
_struct_asym.pdbx_modified 
_struct_asym.entity_id 
_struct_asym.details 
A N N 1 ? 
B N N 2 ? 
# 
_struct_ref.id                         1 
_struct_ref.db_name                    UNP 
_struct_ref.db_code                    A0A0K0XHU0_9MICO 
_struct_ref.pdbx_db_accession          A0A0K0XHU0 
_struct_ref.pdbx_db_isoform            ? 
_struct_ref.entity_id                  1 
_struct_ref.pdbx_seq_one_letter_code   
;MAAPRRTVVLAIDLQAGVTPGCFDEEGVLSRAAALVERARAGGVPVVWVHHDPVGVGTPEWELAAPLHRAEGEPLVRKNY
RDSFADTTLRETLDELGATHLVITGAQSDFCVRTTMQRAAAEGYDVTLVSDAHTTVDTEWEGVRISGEQIVAHTNMYFSG
LRYPGQEFVIATHDHVAL
;
_struct_ref.pdbx_align_begin           1 
# 
_struct_ref_seq.align_id                      1 
_struct_ref_seq.ref_id                        1 
_struct_ref_seq.pdbx_PDB_id_code              5HA8 
_struct_ref_seq.pdbx_strand_id                A 
_struct_ref_seq.seq_align_beg                 10 
_struct_ref_seq.pdbx_seq_align_beg_ins_code   ? 
_struct_ref_seq.seq_align_end                 187 
_struct_ref_seq.pdbx_seq_align_end_ins_code   ? 
_struct_ref_seq.pdbx_db_accession             A0A0K0XHU0 
_struct_ref_seq.db_align_beg                  1 
_struct_ref_seq.pdbx_db_align_beg_ins_code    ? 
_struct_ref_seq.db_align_end                  178 
_struct_ref_seq.pdbx_db_align_end_ins_code    ? 
_struct_ref_seq.pdbx_auth_seq_align_beg       1 
_struct_ref_seq.pdbx_auth_seq_align_end       178 
# 
loop_
_struct_ref_seq_dif.align_id 
_struct_ref_seq_dif.pdbx_pdb_id_code 
_struct_ref_seq_dif.mon_id 
_struct_ref_seq_dif.pdbx_pdb_strand_id 
_struct_ref_seq_dif.seq_num 
_struct_ref_seq_dif.pdbx_pdb_ins_code 
_struct_ref_seq_dif.pdbx_seq_db_name 
_struct_ref_seq_dif.pdbx_seq_db_accession_code 
_struct_ref_seq_dif.db_mon_id 
_struct_ref_seq_dif.pdbx_seq_db_seq_num 
_struct_ref_seq_dif.details 
_struct_ref_seq_dif.pdbx_auth_seq_num 
_struct_ref_seq_dif.pdbx_ordinal 
1 5HA8 MET A 1 ? UNP A0A0K0XHU0 ? ? 'expression tag' -8 1 
1 5HA8 GLY A 2 ? UNP A0A0K0XHU0 ? ? 'expression tag' -7 2 
1 5HA8 SER A 3 ? UNP A0A0K0XHU0 ? ? 'expression tag' -6 3 
1 5HA8 HIS A 4 ? UNP A0A0K0XHU0 ? ? 'expression tag' -5 4 
1 5HA8 HIS A 5 ? UNP A0A0K0XHU0 ? ? 'expression tag' -4 5 
1 5HA8 HIS A 6 ? UNP A0A0K0XHU0 ? ? 'expression tag' -3 6 
1 5HA8 HIS A 7 ? UNP A0A0K0XHU0 ? ? 'expression tag' -2 7 
1 5HA8 HIS A 8 ? UNP A0A0K0XHU0 ? ? 'expression tag' -1 8 
1 5HA8 HIS A 9 ? UNP A0A0K0XHU0 ? ? 'expression tag' 0  9 
# 
_pdbx_struct_assembly.id                   1 
_pdbx_struct_assembly.details              author_and_software_defined_assembly 
_pdbx_struct_assembly.method_details       PISA 
_pdbx_struct_assembly.oligomeric_details   dimeric 
_pdbx_struct_assembly.oligomeric_count     2 
# 
loop_
_pdbx_struct_assembly_prop.biol_id 
_pdbx_struct_assembly_prop.type 
_pdbx_struct_assembly_prop.value 
_pdbx_struct_assembly_prop.details 
1 'ABSA (A^2)' 3260  ? 
1 MORE         -18   ? 
1 'SSA (A^2)'  13800 ? 
# 
_pdbx_struct_assembly_gen.assembly_id       1 
_pdbx_struct_assembly_gen.oper_expression   1,2 
_pdbx_struct_assembly_gen.asym_id_list      A,B 
# 
loop_
_pdbx_struct_oper_list.id 
_pdbx_struct_oper_list.type 
_pdbx_struct_oper_list.name 
_pdbx_struct_oper_list.symmetry_operation 
_pdbx_struct_oper_list.matrix[1][1] 
_pdbx_struct_oper_list.matrix[1][2] 
_pdbx_struct_oper_list.matrix[1][3] 
_pdbx_struct_oper_list.vector[1] 
_pdbx_struct_oper_list.matrix[2][1] 
_pdbx_struct_oper_list.matrix[2][2] 
_pdbx_struct_oper_list.matrix[2][3] 
_pdbx_struct_oper_list.vector[2] 
_pdbx_struct_oper_list.matrix[3][1] 
_pdbx_struct_oper_list.matrix[3][2] 
_pdbx_struct_oper_list.matrix[3][3] 
_pdbx_struct_oper_list.vector[3] 
1 'identity operation'         1_555 x,y,z  1.0000000000  0.0000000000 0.0000000000  0.0000000000 0.0000000000 1.0000000000 0.0000000000  0.0000000000  0.0000000000  0.0000000000  1.0000000000  0.0000000000   
2 'crystal symmetry operation' 4_555 y,x,-z -0.5339082833 0.8448980539 -0.0330033867 9.0995560145 0.8448980539 0.5315713537 -0.0598262020 -5.9906451293 -0.0330033867 -0.0598262020 -0.9976630704 -24.8537137699 
# 
loop_
_struct_conf.conf_type_id 
_struct_conf.id 
_struct_conf.pdbx_PDB_helix_id 
_struct_conf.beg_label_comp_id 
_struct_conf.beg_label_asym_id 
_struct_conf.beg_label_seq_id 
_struct_conf.pdbx_beg_PDB_ins_code 
_struct_conf.end_label_comp_id 
_struct_conf.end_label_asym_id 
_struct_conf.end_label_seq_id 
_struct_conf.pdbx_end_PDB_ins_code 
_struct_conf.beg_auth_comp_id 
_struct_conf.beg_auth_asym_id 
_struct_conf.beg_auth_seq_id 
_struct_conf.end_auth_comp_id 
_struct_conf.end_auth_asym_id 
_struct_conf.end_auth_seq_id 
_struct_conf.pdbx_PDB_helix_class 
_struct_conf.details 
_struct_conf.pdbx_PDB_helix_length 
HELX_P HELX_P1 AA1 ASP A 33  ? GLY A 51  ? ASP A 24  GLY A 42  1 ? 19 
HELX_P HELX_P2 AA2 PRO A 62  ? GLY A 64  ? PRO A 53  GLY A 55  5 ? 3  
HELX_P HELX_P3 AA3 THR A 67  ? GLU A 71  ? THR A 58  GLU A 62  5 ? 5  
HELX_P HELX_P4 AA4 THR A 97  ? GLY A 106 ? THR A 88  GLY A 97  1 ? 10 
HELX_P HELX_P5 AA5 PHE A 119 ? GLY A 132 ? PHE A 110 GLY A 123 1 ? 14 
HELX_P HELX_P6 AA6 SER A 155 ? GLY A 169 ? SER A 146 GLY A 160 1 ? 15 
# 
_struct_conf_type.id          HELX_P 
_struct_conf_type.criteria    ? 
_struct_conf_type.reference   ? 
# 
loop_
_struct_mon_prot_cis.pdbx_id 
_struct_mon_prot_cis.label_comp_id 
_struct_mon_prot_cis.label_seq_id 
_struct_mon_prot_cis.label_asym_id 
_struct_mon_prot_cis.label_alt_id 
_struct_mon_prot_cis.pdbx_PDB_ins_code 
_struct_mon_prot_cis.auth_comp_id 
_struct_mon_prot_cis.auth_seq_id 
_struct_mon_prot_cis.auth_asym_id 
_struct_mon_prot_cis.pdbx_label_comp_id_2 
_struct_mon_prot_cis.pdbx_label_seq_id_2 
_struct_mon_prot_cis.pdbx_label_asym_id_2 
_struct_mon_prot_cis.pdbx_PDB_ins_code_2 
_struct_mon_prot_cis.pdbx_auth_comp_id_2 
_struct_mon_prot_cis.pdbx_auth_seq_id_2 
_struct_mon_prot_cis.pdbx_auth_asym_id_2 
_struct_mon_prot_cis.pdbx_PDB_model_num 
_struct_mon_prot_cis.pdbx_omega_angle 
1 ALA 74  A . ? ALA 65  A PRO 75  A ? PRO 66  A 1 1.04  
2 ALA 115 A . ? ALA 106 A GLN 116 A ? GLN 107 A 1 -1.23 
# 
loop_
_struct_sheet.id 
_struct_sheet.type 
_struct_sheet.number_strands 
_struct_sheet.details 
AA1 ? 6 ? 
AA2 ? 2 ? 
# 
loop_
_struct_sheet_order.sheet_id 
_struct_sheet_order.range_id_1 
_struct_sheet_order.range_id_2 
_struct_sheet_order.offset 
_struct_sheet_order.sense 
AA1 1 2 ? parallel      
AA1 2 3 ? parallel      
AA1 3 4 ? parallel      
AA1 4 5 ? parallel      
AA1 5 6 ? parallel      
AA2 1 2 ? anti-parallel 
# 
loop_
_struct_sheet_range.sheet_id 
_struct_sheet_range.id 
_struct_sheet_range.beg_label_comp_id 
_struct_sheet_range.beg_label_asym_id 
_struct_sheet_range.beg_label_seq_id 
_struct_sheet_range.pdbx_beg_PDB_ins_code 
_struct_sheet_range.end_label_comp_id 
_struct_sheet_range.end_label_asym_id 
_struct_sheet_range.end_label_seq_id 
_struct_sheet_range.pdbx_end_PDB_ins_code 
_struct_sheet_range.beg_auth_comp_id 
_struct_sheet_range.beg_auth_asym_id 
_struct_sheet_range.beg_auth_seq_id 
_struct_sheet_range.end_auth_comp_id 
_struct_sheet_range.end_auth_asym_id 
_struct_sheet_range.end_auth_seq_id 
AA1 1 LEU A 84  ? LYS A 87  ? LEU A 75  LYS A 78  
AA1 2 VAL A 55  ? HIS A 60  ? VAL A 46  HIS A 51  
AA1 3 THR A 16  ? ILE A 21  ? THR A 7   ILE A 12  
AA1 4 HIS A 109 ? ALA A 115 ? HIS A 100 ALA A 106 
AA1 5 ASP A 134 ? THR A 143 ? ASP A 125 THR A 134 
AA1 6 PHE A 177 ? ALA A 180 ? PHE A 168 ALA A 171 
AA2 1 THR A 147 ? TRP A 149 ? THR A 138 TRP A 140 
AA2 2 VAL A 152 ? ILE A 154 ? VAL A 143 ILE A 145 
# 
loop_
_pdbx_struct_sheet_hbond.sheet_id 
_pdbx_struct_sheet_hbond.range_id_1 
_pdbx_struct_sheet_hbond.range_id_2 
_pdbx_struct_sheet_hbond.range_1_label_atom_id 
_pdbx_struct_sheet_hbond.range_1_label_comp_id 
_pdbx_struct_sheet_hbond.range_1_label_asym_id 
_pdbx_struct_sheet_hbond.range_1_label_seq_id 
_pdbx_struct_sheet_hbond.range_1_PDB_ins_code 
_pdbx_struct_sheet_hbond.range_1_auth_atom_id 
_pdbx_struct_sheet_hbond.range_1_auth_comp_id 
_pdbx_struct_sheet_hbond.range_1_auth_asym_id 
_pdbx_struct_sheet_hbond.range_1_auth_seq_id 
_pdbx_struct_sheet_hbond.range_2_label_atom_id 
_pdbx_struct_sheet_hbond.range_2_label_comp_id 
_pdbx_struct_sheet_hbond.range_2_label_asym_id 
_pdbx_struct_sheet_hbond.range_2_label_seq_id 
_pdbx_struct_sheet_hbond.range_2_PDB_ins_code 
_pdbx_struct_sheet_hbond.range_2_auth_atom_id 
_pdbx_struct_sheet_hbond.range_2_auth_comp_id 
_pdbx_struct_sheet_hbond.range_2_auth_asym_id 
_pdbx_struct_sheet_hbond.range_2_auth_seq_id 
AA1 1 2 O VAL A 85  ? O VAL A 76  N TRP A 57  ? N TRP A 48  
AA1 2 3 O VAL A 56  ? O VAL A 47  N VAL A 18  ? N VAL A 9   
AA1 3 4 N LEU A 19  ? N LEU A 10  O VAL A 111 ? O VAL A 102 
AA1 4 5 N ILE A 112 ? N ILE A 103 O THR A 136 ? O THR A 127 
AA1 5 6 N LEU A 137 ? N LEU A 128 O ALA A 180 ? O ALA A 171 
AA2 1 2 N THR A 147 ? N THR A 138 O ILE A 154 ? O ILE A 145 
# 
loop_
_pdbx_validate_close_contact.id 
_pdbx_validate_close_contact.PDB_model_num 
_pdbx_validate_close_contact.auth_atom_id_1 
_pdbx_validate_close_contact.auth_asym_id_1 
_pdbx_validate_close_contact.auth_comp_id_1 
_pdbx_validate_close_contact.auth_seq_id_1 
_pdbx_validate_close_contact.PDB_ins_code_1 
_pdbx_validate_close_contact.label_alt_id_1 
_pdbx_validate_close_contact.auth_atom_id_2 
_pdbx_validate_close_contact.auth_asym_id_2 
_pdbx_validate_close_contact.auth_comp_id_2 
_pdbx_validate_close_contact.auth_seq_id_2 
_pdbx_validate_close_contact.PDB_ins_code_2 
_pdbx_validate_close_contact.label_alt_id_2 
_pdbx_validate_close_contact.dist 
1 1 OE2 A GLU 25  ? ? O A HOH 201 ? ? 1.98 
2 1 NH2 A ARG 144 ? ? O A HOH 202 ? ? 2.03 
# 
_pdbx_validate_torsion.id              1 
_pdbx_validate_torsion.PDB_model_num   1 
_pdbx_validate_torsion.auth_comp_id    PHE 
_pdbx_validate_torsion.auth_asym_id    A 
_pdbx_validate_torsion.auth_seq_id     110 
_pdbx_validate_torsion.PDB_ins_code    ? 
_pdbx_validate_torsion.label_alt_id    ? 
_pdbx_validate_torsion.phi             -120.43 
_pdbx_validate_torsion.psi             -87.88 
# 
loop_
_pdbx_struct_special_symmetry.id 
_pdbx_struct_special_symmetry.PDB_model_num 
_pdbx_struct_special_symmetry.auth_asym_id 
_pdbx_struct_special_symmetry.auth_comp_id 
_pdbx_struct_special_symmetry.auth_seq_id 
_pdbx_struct_special_symmetry.PDB_ins_code 
_pdbx_struct_special_symmetry.label_asym_id 
_pdbx_struct_special_symmetry.label_comp_id 
_pdbx_struct_special_symmetry.label_seq_id 
1 1 A HOH 307 ? B HOH . 
2 1 A HOH 311 ? B HOH . 
# 
loop_
_pdbx_unobs_or_zero_occ_residues.id 
_pdbx_unobs_or_zero_occ_residues.PDB_model_num 
_pdbx_unobs_or_zero_occ_residues.polymer_flag 
_pdbx_unobs_or_zero_occ_residues.occupancy_flag 
_pdbx_unobs_or_zero_occ_residues.auth_asym_id 
_pdbx_unobs_or_zero_occ_residues.auth_comp_id 
_pdbx_unobs_or_zero_occ_residues.auth_seq_id 
_pdbx_unobs_or_zero_occ_residues.PDB_ins_code 
_pdbx_unobs_or_zero_occ_residues.label_asym_id 
_pdbx_unobs_or_zero_occ_residues.label_comp_id 
_pdbx_unobs_or_zero_occ_residues.label_seq_id 
1  1 Y 1 A MET -8 ? A MET 1  
2  1 Y 1 A GLY -7 ? A GLY 2  
3  1 Y 1 A SER -6 ? A SER 3  
4  1 Y 1 A HIS -5 ? A HIS 4  
5  1 Y 1 A HIS -4 ? A HIS 5  
6  1 Y 1 A HIS -3 ? A HIS 6  
7  1 Y 1 A HIS -2 ? A HIS 7  
8  1 Y 1 A HIS -1 ? A HIS 8  
9  1 Y 1 A HIS 0  ? A HIS 9  
10 1 Y 1 A MET 1  ? A MET 10 
11 1 Y 1 A ALA 2  ? A ALA 11 
12 1 Y 1 A ALA 3  ? A ALA 12 
# 
loop_
_chem_comp_atom.comp_id 
_chem_comp_atom.atom_id 
_chem_comp_atom.type_symbol 
_chem_comp_atom.pdbx_aromatic_flag 
_chem_comp_atom.pdbx_stereo_config 
_chem_comp_atom.pdbx_ordinal 
ALA N    N N N 1   
ALA CA   C N S 2   
ALA C    C N N 3   
ALA O    O N N 4   
ALA CB   C N N 5   
ALA OXT  O N N 6   
ALA H    H N N 7   
ALA H2   H N N 8   
ALA HA   H N N 9   
ALA HB1  H N N 10  
ALA HB2  H N N 11  
ALA HB3  H N N 12  
ALA HXT  H N N 13  
ARG N    N N N 14  
ARG CA   C N S 15  
ARG C    C N N 16  
ARG O    O N N 17  
ARG CB   C N N 18  
ARG CG   C N N 19  
ARG CD   C N N 20  
ARG NE   N N N 21  
ARG CZ   C N N 22  
ARG NH1  N N N 23  
ARG NH2  N N N 24  
ARG OXT  O N N 25  
ARG H    H N N 26  
ARG H2   H N N 27  
ARG HA   H N N 28  
ARG HB2  H N N 29  
ARG HB3  H N N 30  
ARG HG2  H N N 31  
ARG HG3  H N N 32  
ARG HD2  H N N 33  
ARG HD3  H N N 34  
ARG HE   H N N 35  
ARG HH11 H N N 36  
ARG HH12 H N N 37  
ARG HH21 H N N 38  
ARG HH22 H N N 39  
ARG HXT  H N N 40  
ASN N    N N N 41  
ASN CA   C N S 42  
ASN C    C N N 43  
ASN O    O N N 44  
ASN CB   C N N 45  
ASN CG   C N N 46  
ASN OD1  O N N 47  
ASN ND2  N N N 48  
ASN OXT  O N N 49  
ASN H    H N N 50  
ASN H2   H N N 51  
ASN HA   H N N 52  
ASN HB2  H N N 53  
ASN HB3  H N N 54  
ASN HD21 H N N 55  
ASN HD22 H N N 56  
ASN HXT  H N N 57  
ASP N    N N N 58  
ASP CA   C N S 59  
ASP C    C N N 60  
ASP O    O N N 61  
ASP CB   C N N 62  
ASP CG   C N N 63  
ASP OD1  O N N 64  
ASP OD2  O N N 65  
ASP OXT  O N N 66  
ASP H    H N N 67  
ASP H2   H N N 68  
ASP HA   H N N 69  
ASP HB2  H N N 70  
ASP HB3  H N N 71  
ASP HD2  H N N 72  
ASP HXT  H N N 73  
CYS N    N N N 74  
CYS CA   C N R 75  
CYS C    C N N 76  
CYS O    O N N 77  
CYS CB   C N N 78  
CYS SG   S N N 79  
CYS OXT  O N N 80  
CYS H    H N N 81  
CYS H2   H N N 82  
CYS HA   H N N 83  
CYS HB2  H N N 84  
CYS HB3  H N N 85  
CYS HG   H N N 86  
CYS HXT  H N N 87  
GLN N    N N N 88  
GLN CA   C N S 89  
GLN C    C N N 90  
GLN O    O N N 91  
GLN CB   C N N 92  
GLN CG   C N N 93  
GLN CD   C N N 94  
GLN OE1  O N N 95  
GLN NE2  N N N 96  
GLN OXT  O N N 97  
GLN H    H N N 98  
GLN H2   H N N 99  
GLN HA   H N N 100 
GLN HB2  H N N 101 
GLN HB3  H N N 102 
GLN HG2  H N N 103 
GLN HG3  H N N 104 
GLN HE21 H N N 105 
GLN HE22 H N N 106 
GLN HXT  H N N 107 
GLU N    N N N 108 
GLU CA   C N S 109 
GLU C    C N N 110 
GLU O    O N N 111 
GLU CB   C N N 112 
GLU CG   C N N 113 
GLU CD   C N N 114 
GLU OE1  O N N 115 
GLU OE2  O N N 116 
GLU OXT  O N N 117 
GLU H    H N N 118 
GLU H2   H N N 119 
GLU HA   H N N 120 
GLU HB2  H N N 121 
GLU HB3  H N N 122 
GLU HG2  H N N 123 
GLU HG3  H N N 124 
GLU HE2  H N N 125 
GLU HXT  H N N 126 
GLY N    N N N 127 
GLY CA   C N N 128 
GLY C    C N N 129 
GLY O    O N N 130 
GLY OXT  O N N 131 
GLY H    H N N 132 
GLY H2   H N N 133 
GLY HA2  H N N 134 
GLY HA3  H N N 135 
GLY HXT  H N N 136 
HIS N    N N N 137 
HIS CA   C N S 138 
HIS C    C N N 139 
HIS O    O N N 140 
HIS CB   C N N 141 
HIS CG   C Y N 142 
HIS ND1  N Y N 143 
HIS CD2  C Y N 144 
HIS CE1  C Y N 145 
HIS NE2  N Y N 146 
HIS OXT  O N N 147 
HIS H    H N N 148 
HIS H2   H N N 149 
HIS HA   H N N 150 
HIS HB2  H N N 151 
HIS HB3  H N N 152 
HIS HD1  H N N 153 
HIS HD2  H N N 154 
HIS HE1  H N N 155 
HIS HE2  H N N 156 
HIS HXT  H N N 157 
HOH O    O N N 158 
HOH H1   H N N 159 
HOH H2   H N N 160 
ILE N    N N N 161 
ILE CA   C N S 162 
ILE C    C N N 163 
ILE O    O N N 164 
ILE CB   C N S 165 
ILE CG1  C N N 166 
ILE CG2  C N N 167 
ILE CD1  C N N 168 
ILE OXT  O N N 169 
ILE H    H N N 170 
ILE H2   H N N 171 
ILE HA   H N N 172 
ILE HB   H N N 173 
ILE HG12 H N N 174 
ILE HG13 H N N 175 
ILE HG21 H N N 176 
ILE HG22 H N N 177 
ILE HG23 H N N 178 
ILE HD11 H N N 179 
ILE HD12 H N N 180 
ILE HD13 H N N 181 
ILE HXT  H N N 182 
LEU N    N N N 183 
LEU CA   C N S 184 
LEU C    C N N 185 
LEU O    O N N 186 
LEU CB   C N N 187 
LEU CG   C N N 188 
LEU CD1  C N N 189 
LEU CD2  C N N 190 
LEU OXT  O N N 191 
LEU H    H N N 192 
LEU H2   H N N 193 
LEU HA   H N N 194 
LEU HB2  H N N 195 
LEU HB3  H N N 196 
LEU HG   H N N 197 
LEU HD11 H N N 198 
LEU HD12 H N N 199 
LEU HD13 H N N 200 
LEU HD21 H N N 201 
LEU HD22 H N N 202 
LEU HD23 H N N 203 
LEU HXT  H N N 204 
LYS N    N N N 205 
LYS CA   C N S 206 
LYS C    C N N 207 
LYS O    O N N 208 
LYS CB   C N N 209 
LYS CG   C N N 210 
LYS CD   C N N 211 
LYS CE   C N N 212 
LYS NZ   N N N 213 
LYS OXT  O N N 214 
LYS H    H N N 215 
LYS H2   H N N 216 
LYS HA   H N N 217 
LYS HB2  H N N 218 
LYS HB3  H N N 219 
LYS HG2  H N N 220 
LYS HG3  H N N 221 
LYS HD2  H N N 222 
LYS HD3  H N N 223 
LYS HE2  H N N 224 
LYS HE3  H N N 225 
LYS HZ1  H N N 226 
LYS HZ2  H N N 227 
LYS HZ3  H N N 228 
LYS HXT  H N N 229 
MET N    N N N 230 
MET CA   C N S 231 
MET C    C N N 232 
MET O    O N N 233 
MET CB   C N N 234 
MET CG   C N N 235 
MET SD   S N N 236 
MET CE   C N N 237 
MET OXT  O N N 238 
MET H    H N N 239 
MET H2   H N N 240 
MET HA   H N N 241 
MET HB2  H N N 242 
MET HB3  H N N 243 
MET HG2  H N N 244 
MET HG3  H N N 245 
MET HE1  H N N 246 
MET HE2  H N N 247 
MET HE3  H N N 248 
MET HXT  H N N 249 
PHE N    N N N 250 
PHE CA   C N S 251 
PHE C    C N N 252 
PHE O    O N N 253 
PHE CB   C N N 254 
PHE CG   C Y N 255 
PHE CD1  C Y N 256 
PHE CD2  C Y N 257 
PHE CE1  C Y N 258 
PHE CE2  C Y N 259 
PHE CZ   C Y N 260 
PHE OXT  O N N 261 
PHE H    H N N 262 
PHE H2   H N N 263 
PHE HA   H N N 264 
PHE HB2  H N N 265 
PHE HB3  H N N 266 
PHE HD1  H N N 267 
PHE HD2  H N N 268 
PHE HE1  H N N 269 
PHE HE2  H N N 270 
PHE HZ   H N N 271 
PHE HXT  H N N 272 
PRO N    N N N 273 
PRO CA   C N S 274 
PRO C    C N N 275 
PRO O    O N N 276 
PRO CB   C N N 277 
PRO CG   C N N 278 
PRO CD   C N N 279 
PRO OXT  O N N 280 
PRO H    H N N 281 
PRO HA   H N N 282 
PRO HB2  H N N 283 
PRO HB3  H N N 284 
PRO HG2  H N N 285 
PRO HG3  H N N 286 
PRO HD2  H N N 287 
PRO HD3  H N N 288 
PRO HXT  H N N 289 
SER N    N N N 290 
SER CA   C N S 291 
SER C    C N N 292 
SER O    O N N 293 
SER CB   C N N 294 
SER OG   O N N 295 
SER OXT  O N N 296 
SER H    H N N 297 
SER H2   H N N 298 
SER HA   H N N 299 
SER HB2  H N N 300 
SER HB3  H N N 301 
SER HG   H N N 302 
SER HXT  H N N 303 
THR N    N N N 304 
THR CA   C N S 305 
THR C    C N N 306 
THR O    O N N 307 
THR CB   C N R 308 
THR OG1  O N N 309 
THR CG2  C N N 310 
THR OXT  O N N 311 
THR H    H N N 312 
THR H2   H N N 313 
THR HA   H N N 314 
THR HB   H N N 315 
THR HG1  H N N 316 
THR HG21 H N N 317 
THR HG22 H N N 318 
THR HG23 H N N 319 
THR HXT  H N N 320 
TRP N    N N N 321 
TRP CA   C N S 322 
TRP C    C N N 323 
TRP O    O N N 324 
TRP CB   C N N 325 
TRP CG   C Y N 326 
TRP CD1  C Y N 327 
TRP CD2  C Y N 328 
TRP NE1  N Y N 329 
TRP CE2  C Y N 330 
TRP CE3  C Y N 331 
TRP CZ2  C Y N 332 
TRP CZ3  C Y N 333 
TRP CH2  C Y N 334 
TRP OXT  O N N 335 
TRP H    H N N 336 
TRP H2   H N N 337 
TRP HA   H N N 338 
TRP HB2  H N N 339 
TRP HB3  H N N 340 
TRP HD1  H N N 341 
TRP HE1  H N N 342 
TRP HE3  H N N 343 
TRP HZ2  H N N 344 
TRP HZ3  H N N 345 
TRP HH2  H N N 346 
TRP HXT  H N N 347 
TYR N    N N N 348 
TYR CA   C N S 349 
TYR C    C N N 350 
TYR O    O N N 351 
TYR CB   C N N 352 
TYR CG   C Y N 353 
TYR CD1  C Y N 354 
TYR CD2  C Y N 355 
TYR CE1  C Y N 356 
TYR CE2  C Y N 357 
TYR CZ   C Y N 358 
TYR OH   O N N 359 
TYR OXT  O N N 360 
TYR H    H N N 361 
TYR H2   H N N 362 
TYR HA   H N N 363 
TYR HB2  H N N 364 
TYR HB3  H N N 365 
TYR HD1  H N N 366 
TYR HD2  H N N 367 
TYR HE1  H N N 368 
TYR HE2  H N N 369 
TYR HH   H N N 370 
TYR HXT  H N N 371 
VAL N    N N N 372 
VAL CA   C N S 373 
VAL C    C N N 374 
VAL O    O N N 375 
VAL CB   C N N 376 
VAL CG1  C N N 377 
VAL CG2  C N N 378 
VAL OXT  O N N 379 
VAL H    H N N 380 
VAL H2   H N N 381 
VAL HA   H N N 382 
VAL HB   H N N 383 
VAL HG11 H N N 384 
VAL HG12 H N N 385 
VAL HG13 H N N 386 
VAL HG21 H N N 387 
VAL HG22 H N N 388 
VAL HG23 H N N 389 
VAL HXT  H N N 390 
# 
loop_
_chem_comp_bond.comp_id 
_chem_comp_bond.atom_id_1 
_chem_comp_bond.atom_id_2 
_chem_comp_bond.value_order 
_chem_comp_bond.pdbx_aromatic_flag 
_chem_comp_bond.pdbx_stereo_config 
_chem_comp_bond.pdbx_ordinal 
ALA N   CA   sing N N 1   
ALA N   H    sing N N 2   
ALA N   H2   sing N N 3   
ALA CA  C    sing N N 4   
ALA CA  CB   sing N N 5   
ALA CA  HA   sing N N 6   
ALA C   O    doub N N 7   
ALA C   OXT  sing N N 8   
ALA CB  HB1  sing N N 9   
ALA CB  HB2  sing N N 10  
ALA CB  HB3  sing N N 11  
ALA OXT HXT  sing N N 12  
ARG N   CA   sing N N 13  
ARG N   H    sing N N 14  
ARG N   H2   sing N N 15  
ARG CA  C    sing N N 16  
ARG CA  CB   sing N N 17  
ARG CA  HA   sing N N 18  
ARG C   O    doub N N 19  
ARG C   OXT  sing N N 20  
ARG CB  CG   sing N N 21  
ARG CB  HB2  sing N N 22  
ARG CB  HB3  sing N N 23  
ARG CG  CD   sing N N 24  
ARG CG  HG2  sing N N 25  
ARG CG  HG3  sing N N 26  
ARG CD  NE   sing N N 27  
ARG CD  HD2  sing N N 28  
ARG CD  HD3  sing N N 29  
ARG NE  CZ   sing N N 30  
ARG NE  HE   sing N N 31  
ARG CZ  NH1  sing N N 32  
ARG CZ  NH2  doub N N 33  
ARG NH1 HH11 sing N N 34  
ARG NH1 HH12 sing N N 35  
ARG NH2 HH21 sing N N 36  
ARG NH2 HH22 sing N N 37  
ARG OXT HXT  sing N N 38  
ASN N   CA   sing N N 39  
ASN N   H    sing N N 40  
ASN N   H2   sing N N 41  
ASN CA  C    sing N N 42  
ASN CA  CB   sing N N 43  
ASN CA  HA   sing N N 44  
ASN C   O    doub N N 45  
ASN C   OXT  sing N N 46  
ASN CB  CG   sing N N 47  
ASN CB  HB2  sing N N 48  
ASN CB  HB3  sing N N 49  
ASN CG  OD1  doub N N 50  
ASN CG  ND2  sing N N 51  
ASN ND2 HD21 sing N N 52  
ASN ND2 HD22 sing N N 53  
ASN OXT HXT  sing N N 54  
ASP N   CA   sing N N 55  
ASP N   H    sing N N 56  
ASP N   H2   sing N N 57  
ASP CA  C    sing N N 58  
ASP CA  CB   sing N N 59  
ASP CA  HA   sing N N 60  
ASP C   O    doub N N 61  
ASP C   OXT  sing N N 62  
ASP CB  CG   sing N N 63  
ASP CB  HB2  sing N N 64  
ASP CB  HB3  sing N N 65  
ASP CG  OD1  doub N N 66  
ASP CG  OD2  sing N N 67  
ASP OD2 HD2  sing N N 68  
ASP OXT HXT  sing N N 69  
CYS N   CA   sing N N 70  
CYS N   H    sing N N 71  
CYS N   H2   sing N N 72  
CYS CA  C    sing N N 73  
CYS CA  CB   sing N N 74  
CYS CA  HA   sing N N 75  
CYS C   O    doub N N 76  
CYS C   OXT  sing N N 77  
CYS CB  SG   sing N N 78  
CYS CB  HB2  sing N N 79  
CYS CB  HB3  sing N N 80  
CYS SG  HG   sing N N 81  
CYS OXT HXT  sing N N 82  
GLN N   CA   sing N N 83  
GLN N   H    sing N N 84  
GLN N   H2   sing N N 85  
GLN CA  C    sing N N 86  
GLN CA  CB   sing N N 87  
GLN CA  HA   sing N N 88  
GLN C   O    doub N N 89  
GLN C   OXT  sing N N 90  
GLN CB  CG   sing N N 91  
GLN CB  HB2  sing N N 92  
GLN CB  HB3  sing N N 93  
GLN CG  CD   sing N N 94  
GLN CG  HG2  sing N N 95  
GLN CG  HG3  sing N N 96  
GLN CD  OE1  doub N N 97  
GLN CD  NE2  sing N N 98  
GLN NE2 HE21 sing N N 99  
GLN NE2 HE22 sing N N 100 
GLN OXT HXT  sing N N 101 
GLU N   CA   sing N N 102 
GLU N   H    sing N N 103 
GLU N   H2   sing N N 104 
GLU CA  C    sing N N 105 
GLU CA  CB   sing N N 106 
GLU CA  HA   sing N N 107 
GLU C   O    doub N N 108 
GLU C   OXT  sing N N 109 
GLU CB  CG   sing N N 110 
GLU CB  HB2  sing N N 111 
GLU CB  HB3  sing N N 112 
GLU CG  CD   sing N N 113 
GLU CG  HG2  sing N N 114 
GLU CG  HG3  sing N N 115 
GLU CD  OE1  doub N N 116 
GLU CD  OE2  sing N N 117 
GLU OE2 HE2  sing N N 118 
GLU OXT HXT  sing N N 119 
GLY N   CA   sing N N 120 
GLY N   H    sing N N 121 
GLY N   H2   sing N N 122 
GLY CA  C    sing N N 123 
GLY CA  HA2  sing N N 124 
GLY CA  HA3  sing N N 125 
GLY C   O    doub N N 126 
GLY C   OXT  sing N N 127 
GLY OXT HXT  sing N N 128 
HIS N   CA   sing N N 129 
HIS N   H    sing N N 130 
HIS N   H2   sing N N 131 
HIS CA  C    sing N N 132 
HIS CA  CB   sing N N 133 
HIS CA  HA   sing N N 134 
HIS C   O    doub N N 135 
HIS C   OXT  sing N N 136 
HIS CB  CG   sing N N 137 
HIS CB  HB2  sing N N 138 
HIS CB  HB3  sing N N 139 
HIS CG  ND1  sing Y N 140 
HIS CG  CD2  doub Y N 141 
HIS ND1 CE1  doub Y N 142 
HIS ND1 HD1  sing N N 143 
HIS CD2 NE2  sing Y N 144 
HIS CD2 HD2  sing N N 145 
HIS CE1 NE2  sing Y N 146 
HIS CE1 HE1  sing N N 147 
HIS NE2 HE2  sing N N 148 
HIS OXT HXT  sing N N 149 
HOH O   H1   sing N N 150 
HOH O   H2   sing N N 151 
ILE N   CA   sing N N 152 
ILE N   H    sing N N 153 
ILE N   H2   sing N N 154 
ILE CA  C    sing N N 155 
ILE CA  CB   sing N N 156 
ILE CA  HA   sing N N 157 
ILE C   O    doub N N 158 
ILE C   OXT  sing N N 159 
ILE CB  CG1  sing N N 160 
ILE CB  CG2  sing N N 161 
ILE CB  HB   sing N N 162 
ILE CG1 CD1  sing N N 163 
ILE CG1 HG12 sing N N 164 
ILE CG1 HG13 sing N N 165 
ILE CG2 HG21 sing N N 166 
ILE CG2 HG22 sing N N 167 
ILE CG2 HG23 sing N N 168 
ILE CD1 HD11 sing N N 169 
ILE CD1 HD12 sing N N 170 
ILE CD1 HD13 sing N N 171 
ILE OXT HXT  sing N N 172 
LEU N   CA   sing N N 173 
LEU N   H    sing N N 174 
LEU N   H2   sing N N 175 
LEU CA  C    sing N N 176 
LEU CA  CB   sing N N 177 
LEU CA  HA   sing N N 178 
LEU C   O    doub N N 179 
LEU C   OXT  sing N N 180 
LEU CB  CG   sing N N 181 
LEU CB  HB2  sing N N 182 
LEU CB  HB3  sing N N 183 
LEU CG  CD1  sing N N 184 
LEU CG  CD2  sing N N 185 
LEU CG  HG   sing N N 186 
LEU CD1 HD11 sing N N 187 
LEU CD1 HD12 sing N N 188 
LEU CD1 HD13 sing N N 189 
LEU CD2 HD21 sing N N 190 
LEU CD2 HD22 sing N N 191 
LEU CD2 HD23 sing N N 192 
LEU OXT HXT  sing N N 193 
LYS N   CA   sing N N 194 
LYS N   H    sing N N 195 
LYS N   H2   sing N N 196 
LYS CA  C    sing N N 197 
LYS CA  CB   sing N N 198 
LYS CA  HA   sing N N 199 
LYS C   O    doub N N 200 
LYS C   OXT  sing N N 201 
LYS CB  CG   sing N N 202 
LYS CB  HB2  sing N N 203 
LYS CB  HB3  sing N N 204 
LYS CG  CD   sing N N 205 
LYS CG  HG2  sing N N 206 
LYS CG  HG3  sing N N 207 
LYS CD  CE   sing N N 208 
LYS CD  HD2  sing N N 209 
LYS CD  HD3  sing N N 210 
LYS CE  NZ   sing N N 211 
LYS CE  HE2  sing N N 212 
LYS CE  HE3  sing N N 213 
LYS NZ  HZ1  sing N N 214 
LYS NZ  HZ2  sing N N 215 
LYS NZ  HZ3  sing N N 216 
LYS OXT HXT  sing N N 217 
MET N   CA   sing N N 218 
MET N   H    sing N N 219 
MET N   H2   sing N N 220 
MET CA  C    sing N N 221 
MET CA  CB   sing N N 222 
MET CA  HA   sing N N 223 
MET C   O    doub N N 224 
MET C   OXT  sing N N 225 
MET CB  CG   sing N N 226 
MET CB  HB2  sing N N 227 
MET CB  HB3  sing N N 228 
MET CG  SD   sing N N 229 
MET CG  HG2  sing N N 230 
MET CG  HG3  sing N N 231 
MET SD  CE   sing N N 232 
MET CE  HE1  sing N N 233 
MET CE  HE2  sing N N 234 
MET CE  HE3  sing N N 235 
MET OXT HXT  sing N N 236 
PHE N   CA   sing N N 237 
PHE N   H    sing N N 238 
PHE N   H2   sing N N 239 
PHE CA  C    sing N N 240 
PHE CA  CB   sing N N 241 
PHE CA  HA   sing N N 242 
PHE C   O    doub N N 243 
PHE C   OXT  sing N N 244 
PHE CB  CG   sing N N 245 
PHE CB  HB2  sing N N 246 
PHE CB  HB3  sing N N 247 
PHE CG  CD1  doub Y N 248 
PHE CG  CD2  sing Y N 249 
PHE CD1 CE1  sing Y N 250 
PHE CD1 HD1  sing N N 251 
PHE CD2 CE2  doub Y N 252 
PHE CD2 HD2  sing N N 253 
PHE CE1 CZ   doub Y N 254 
PHE CE1 HE1  sing N N 255 
PHE CE2 CZ   sing Y N 256 
PHE CE2 HE2  sing N N 257 
PHE CZ  HZ   sing N N 258 
PHE OXT HXT  sing N N 259 
PRO N   CA   sing N N 260 
PRO N   CD   sing N N 261 
PRO N   H    sing N N 262 
PRO CA  C    sing N N 263 
PRO CA  CB   sing N N 264 
PRO CA  HA   sing N N 265 
PRO C   O    doub N N 266 
PRO C   OXT  sing N N 267 
PRO CB  CG   sing N N 268 
PRO CB  HB2  sing N N 269 
PRO CB  HB3  sing N N 270 
PRO CG  CD   sing N N 271 
PRO CG  HG2  sing N N 272 
PRO CG  HG3  sing N N 273 
PRO CD  HD2  sing N N 274 
PRO CD  HD3  sing N N 275 
PRO OXT HXT  sing N N 276 
SER N   CA   sing N N 277 
SER N   H    sing N N 278 
SER N   H2   sing N N 279 
SER CA  C    sing N N 280 
SER CA  CB   sing N N 281 
SER CA  HA   sing N N 282 
SER C   O    doub N N 283 
SER C   OXT  sing N N 284 
SER CB  OG   sing N N 285 
SER CB  HB2  sing N N 286 
SER CB  HB3  sing N N 287 
SER OG  HG   sing N N 288 
SER OXT HXT  sing N N 289 
THR N   CA   sing N N 290 
THR N   H    sing N N 291 
THR N   H2   sing N N 292 
THR CA  C    sing N N 293 
THR CA  CB   sing N N 294 
THR CA  HA   sing N N 295 
THR C   O    doub N N 296 
THR C   OXT  sing N N 297 
THR CB  OG1  sing N N 298 
THR CB  CG2  sing N N 299 
THR CB  HB   sing N N 300 
THR OG1 HG1  sing N N 301 
THR CG2 HG21 sing N N 302 
THR CG2 HG22 sing N N 303 
THR CG2 HG23 sing N N 304 
THR OXT HXT  sing N N 305 
TRP N   CA   sing N N 306 
TRP N   H    sing N N 307 
TRP N   H2   sing N N 308 
TRP CA  C    sing N N 309 
TRP CA  CB   sing N N 310 
TRP CA  HA   sing N N 311 
TRP C   O    doub N N 312 
TRP C   OXT  sing N N 313 
TRP CB  CG   sing N N 314 
TRP CB  HB2  sing N N 315 
TRP CB  HB3  sing N N 316 
TRP CG  CD1  doub Y N 317 
TRP CG  CD2  sing Y N 318 
TRP CD1 NE1  sing Y N 319 
TRP CD1 HD1  sing N N 320 
TRP CD2 CE2  doub Y N 321 
TRP CD2 CE3  sing Y N 322 
TRP NE1 CE2  sing Y N 323 
TRP NE1 HE1  sing N N 324 
TRP CE2 CZ2  sing Y N 325 
TRP CE3 CZ3  doub Y N 326 
TRP CE3 HE3  sing N N 327 
TRP CZ2 CH2  doub Y N 328 
TRP CZ2 HZ2  sing N N 329 
TRP CZ3 CH2  sing Y N 330 
TRP CZ3 HZ3  sing N N 331 
TRP CH2 HH2  sing N N 332 
TRP OXT HXT  sing N N 333 
TYR N   CA   sing N N 334 
TYR N   H    sing N N 335 
TYR N   H2   sing N N 336 
TYR CA  C    sing N N 337 
TYR CA  CB   sing N N 338 
TYR CA  HA   sing N N 339 
TYR C   O    doub N N 340 
TYR C   OXT  sing N N 341 
TYR CB  CG   sing N N 342 
TYR CB  HB2  sing N N 343 
TYR CB  HB3  sing N N 344 
TYR CG  CD1  doub Y N 345 
TYR CG  CD2  sing Y N 346 
TYR CD1 CE1  sing Y N 347 
TYR CD1 HD1  sing N N 348 
TYR CD2 CE2  doub Y N 349 
TYR CD2 HD2  sing N N 350 
TYR CE1 CZ   doub Y N 351 
TYR CE1 HE1  sing N N 352 
TYR CE2 CZ   sing Y N 353 
TYR CE2 HE2  sing N N 354 
TYR CZ  OH   sing N N 355 
TYR OH  HH   sing N N 356 
TYR OXT HXT  sing N N 357 
VAL N   CA   sing N N 358 
VAL N   H    sing N N 359 
VAL N   H2   sing N N 360 
VAL CA  C    sing N N 361 
VAL CA  CB   sing N N 362 
VAL CA  HA   sing N N 363 
VAL C   O    doub N N 364 
VAL C   OXT  sing N N 365 
VAL CB  CG1  sing N N 366 
VAL CB  CG2  sing N N 367 
VAL CB  HB   sing N N 368 
VAL CG1 HG11 sing N N 369 
VAL CG1 HG12 sing N N 370 
VAL CG1 HG13 sing N N 371 
VAL CG2 HG21 sing N N 372 
VAL CG2 HG22 sing N N 373 
VAL CG2 HG23 sing N N 374 
VAL OXT HXT  sing N N 375 
# 
loop_
_pdbx_audit_support.funding_organization 
_pdbx_audit_support.country 
_pdbx_audit_support.grant_number 
_pdbx_audit_support.ordinal 
'National Natural Science Foundation of China' China 31400635 1 
'Beijing Natural Science Foundation'           China 5154031  2 
# 
_atom_sites.entry_id                    5HA8 
_atom_sites.fract_transf_matrix[1][1]   -0.01409225 
_atom_sites.fract_transf_matrix[1][2]   -0.00872910 
_atom_sites.fract_transf_matrix[1][3]   -0.00127268 
_atom_sites.fract_transf_matrix[2][1]   0.00019103 
_atom_sites.fract_transf_matrix[2][2]   -0.01646998 
_atom_sites.fract_transf_matrix[2][3]   0.00225700 
_atom_sites.fract_transf_matrix[3][1]   -0.00192928 
_atom_sites.fract_transf_matrix[3][2]   0.00149754 
_atom_sites.fract_transf_matrix[3][3]   0.01109129 
_atom_sites.fract_transf_vector[1]      0.401072 
_atom_sites.fract_transf_vector[2]      0.356747 
_atom_sites.fract_transf_vector[3]      0.151093 
# 
loop_
_atom_type.symbol 
C 
N 
O 
S 
# 
loop_
_atom_site.group_PDB 
_atom_site.id 
_atom_site.type_symbol 
_atom_site.label_atom_id 
_atom_site.label_alt_id 
_atom_site.label_comp_id 
_atom_site.label_asym_id 
_atom_site.label_entity_id 
_atom_site.label_seq_id 
_atom_site.pdbx_PDB_ins_code 
_atom_site.Cartn_x 
_atom_site.Cartn_y 
_atom_site.Cartn_z 
_atom_site.occupancy 
_atom_site.B_iso_or_equiv 
_atom_site.pdbx_formal_charge 
_atom_site.auth_seq_id 
_atom_site.auth_comp_id 
_atom_site.auth_asym_id 
_atom_site.auth_atom_id 
_atom_site.pdbx_PDB_model_num 
ATOM   1    N N   . PRO A 1 13  ? 21.112  8.315   6.311   1.00 83.62 ? 4   PRO A N   1 
ATOM   2    C CA  . PRO A 1 13  ? 20.029  8.391   7.302   1.00 81.12 ? 4   PRO A CA  1 
ATOM   3    C C   . PRO A 1 13  ? 18.702  7.813   6.795   1.00 74.29 ? 4   PRO A C   1 
ATOM   4    O O   . PRO A 1 13  ? 17.876  8.542   6.248   1.00 70.73 ? 4   PRO A O   1 
ATOM   5    C CB  . PRO A 1 13  ? 19.907  9.898   7.569   1.00 81.37 ? 4   PRO A CB  1 
ATOM   6    C CG  . PRO A 1 13  ? 21.259  10.450  7.258   1.00 84.59 ? 4   PRO A CG  1 
ATOM   7    C CD  . PRO A 1 13  ? 21.788  9.612   6.123   1.00 82.96 ? 4   PRO A CD  1 
ATOM   8    N N   . ARG A 1 14  ? 18.517  6.505   6.954   1.00 69.92 ? 5   ARG A N   1 
ATOM   9    C CA  . ARG A 1 14  ? 17.266  5.870   6.553   1.00 65.30 ? 5   ARG A CA  1 
ATOM   10   C C   . ARG A 1 14  ? 16.090  6.385   7.376   1.00 64.14 ? 5   ARG A C   1 
ATOM   11   O O   . ARG A 1 14  ? 16.100  6.302   8.608   1.00 64.45 ? 5   ARG A O   1 
ATOM   12   C CB  . ARG A 1 14  ? 17.344  4.344   6.685   1.00 63.02 ? 5   ARG A CB  1 
ATOM   13   C CG  . ARG A 1 14  ? 15.982  3.685   6.827   1.00 61.12 ? 5   ARG A CG  1 
ATOM   14   C CD  . ARG A 1 14  ? 16.052  2.170   6.754   1.00 62.18 ? 5   ARG A CD  1 
ATOM   15   N NE  . ARG A 1 14  ? 16.245  1.697   5.386   1.00 63.18 ? 5   ARG A NE  1 
ATOM   16   C CZ  . ARG A 1 14  ? 16.023  0.446   4.991   1.00 60.81 ? 5   ARG A CZ  1 
ATOM   17   N NH1 . ARG A 1 14  ? 16.228  0.100   3.727   1.00 57.45 ? 5   ARG A NH1 1 
ATOM   18   N NH2 . ARG A 1 14  ? 15.591  -0.459  5.859   1.00 62.97 ? 5   ARG A NH2 1 
ATOM   19   N N   . ARG A 1 15  ? 15.088  6.936   6.700   1.00 53.90 ? 6   ARG A N   1 
ATOM   20   C CA  . ARG A 1 15  ? 13.827  7.217   7.363   1.00 50.43 ? 6   ARG A CA  1 
ATOM   21   C C   . ARG A 1 15  ? 12.713  6.401   6.727   1.00 50.25 ? 6   ARG A C   1 
ATOM   22   O O   . ARG A 1 15  ? 12.426  6.530   5.532   1.00 46.64 ? 6   ARG A O   1 
ATOM   23   C CB  . ARG A 1 15  ? 13.483  8.700   7.317   1.00 51.53 ? 6   ARG A CB  1 
ATOM   24   C CG  . ARG A 1 15  ? 12.129  8.991   7.945   1.00 56.30 ? 6   ARG A CG  1 
ATOM   25   C CD  . ARG A 1 15  ? 12.113  10.332  8.656   1.00 62.13 ? 6   ARG A CD  1 
ATOM   26   N NE  . ARG A 1 15  ? 10.879  10.529  9.412   1.00 62.82 ? 6   ARG A NE  1 
ATOM   27   C CZ  . ARG A 1 15  ? 10.405  11.719  9.776   1.00 70.93 ? 6   ARG A CZ  1 
ATOM   28   N NH1 . ARG A 1 15  ? 11.060  12.826  9.450   1.00 71.35 ? 6   ARG A NH1 1 
ATOM   29   N NH2 . ARG A 1 15  ? 9.277   11.803  10.469  1.00 66.40 ? 6   ARG A NH2 1 
ATOM   30   N N   . THR A 1 16  ? 12.093  5.561   7.546   1.00 49.36 ? 7   THR A N   1 
ATOM   31   C CA  . THR A 1 16  ? 11.028  4.678   7.102   1.00 47.62 ? 7   THR A CA  1 
ATOM   32   C C   . THR A 1 16  ? 9.662   5.341   7.230   1.00 44.99 ? 7   THR A C   1 
ATOM   33   O O   . THR A 1 16  ? 9.362   5.983   8.236   1.00 42.99 ? 7   THR A O   1 
ATOM   34   C CB  . THR A 1 16  ? 11.037  3.363   7.906   1.00 44.27 ? 7   THR A CB  1 
ATOM   35   O OG1 . THR A 1 16  ? 12.267  2.671   7.663   1.00 45.73 ? 7   THR A OG1 1 
ATOM   36   C CG2 . THR A 1 16  ? 9.872   2.467   7.507   1.00 45.59 ? 7   THR A CG2 1 
ATOM   37   N N   . VAL A 1 17  ? 8.838   5.183   6.199   1.00 42.89 ? 8   VAL A N   1 
ATOM   38   C CA  . VAL A 1 17  ? 7.462   5.656   6.233   1.00 42.63 ? 8   VAL A CA  1 
ATOM   39   C C   . VAL A 1 17  ? 6.524   4.542   5.799   1.00 44.12 ? 8   VAL A C   1 
ATOM   40   O O   . VAL A 1 17  ? 6.779   3.859   4.802   1.00 40.05 ? 8   VAL A O   1 
ATOM   41   C CB  . VAL A 1 17  ? 7.257   6.884   5.320   1.00 42.22 ? 8   VAL A CB  1 
ATOM   42   C CG1 . VAL A 1 17  ? 5.784   7.251   5.237   1.00 40.78 ? 8   VAL A CG1 1 
ATOM   43   C CG2 . VAL A 1 17  ? 8.075   8.059   5.826   1.00 42.54 ? 8   VAL A CG2 1 
ATOM   44   N N   . VAL A 1 18  ? 5.451   4.338   6.554   1.00 40.39 ? 9   VAL A N   1 
ATOM   45   C CA  . VAL A 1 18  ? 4.438   3.383   6.140   1.00 39.86 ? 9   VAL A CA  1 
ATOM   46   C C   . VAL A 1 18  ? 3.491   4.056   5.159   1.00 42.96 ? 9   VAL A C   1 
ATOM   47   O O   . VAL A 1 18  ? 2.939   5.115   5.449   1.00 42.07 ? 9   VAL A O   1 
ATOM   48   C CB  . VAL A 1 18  ? 3.646   2.827   7.325   1.00 40.75 ? 9   VAL A CB  1 
ATOM   49   C CG1 . VAL A 1 18  ? 2.469   1.998   6.827   1.00 36.73 ? 9   VAL A CG1 1 
ATOM   50   C CG2 . VAL A 1 18  ? 4.554   1.997   8.219   1.00 39.06 ? 9   VAL A CG2 1 
ATOM   51   N N   . LEU A 1 19  ? 3.323   3.448   3.991   1.00 39.43 ? 10  LEU A N   1 
ATOM   52   C CA  . LEU A 1 19  ? 2.436   3.984   2.967   1.00 39.00 ? 10  LEU A CA  1 
ATOM   53   C C   . LEU A 1 19  ? 1.225   3.082   2.807   1.00 41.33 ? 10  LEU A C   1 
ATOM   54   O O   . LEU A 1 19  ? 1.344   1.955   2.320   1.00 38.84 ? 10  LEU A O   1 
ATOM   55   C CB  . LEU A 1 19  ? 3.173   4.123   1.634   1.00 39.27 ? 10  LEU A CB  1 
ATOM   56   C CG  . LEU A 1 19  ? 2.398   4.761   0.480   1.00 41.78 ? 10  LEU A CG  1 
ATOM   57   C CD1 . LEU A 1 19  ? 2.021   6.197   0.826   1.00 36.81 ? 10  LEU A CD1 1 
ATOM   58   C CD2 . LEU A 1 19  ? 3.214   4.710   -0.803  1.00 36.71 ? 10  LEU A CD2 1 
ATOM   59   N N   . ALA A 1 20  ? 0.061   3.575   3.222   1.00 37.24 ? 11  ALA A N   1 
ATOM   60   C CA  . ALA A 1 20  ? -1.158  2.768   3.200   1.00 38.70 ? 11  ALA A CA  1 
ATOM   61   C C   . ALA A 1 20  ? -2.062  3.204   2.055   1.00 38.82 ? 11  ALA A C   1 
ATOM   62   O O   . ALA A 1 20  ? -2.615  4.299   2.080   1.00 41.84 ? 11  ALA A O   1 
ATOM   63   C CB  . ALA A 1 20  ? -1.892  2.869   4.533   1.00 36.55 ? 11  ALA A CB  1 
ATOM   64   N N   . ILE A 1 21  ? -2.221  2.333   1.064   1.00 38.59 ? 12  ILE A N   1 
ATOM   65   C CA  . ILE A 1 21  ? -2.852  2.717   -0.196  1.00 36.48 ? 12  ILE A CA  1 
ATOM   66   C C   . ILE A 1 21  ? -4.282  2.226   -0.374  1.00 38.73 ? 12  ILE A C   1 
ATOM   67   O O   . ILE A 1 21  ? -4.530  1.020   -0.439  1.00 34.66 ? 12  ILE A O   1 
ATOM   68   C CB  . ILE A 1 21  ? -2.042  2.200   -1.398  1.00 37.03 ? 12  ILE A CB  1 
ATOM   69   C CG1 . ILE A 1 21  ? -0.580  2.627   -1.274  1.00 35.52 ? 12  ILE A CG1 1 
ATOM   70   C CG2 . ILE A 1 21  ? -2.658  2.691   -2.710  1.00 32.62 ? 12  ILE A CG2 1 
ATOM   71   C CD1 . ILE A 1 21  ? 0.311   2.077   -2.376  1.00 35.06 ? 12  ILE A CD1 1 
ATOM   72   N N   . ASP A 1 22  ? -5.210  3.177   -0.465  1.00 38.51 ? 13  ASP A N   1 
ATOM   73   C CA  . ASP A 1 22  ? -6.581  2.912   -0.887  1.00 37.84 ? 13  ASP A CA  1 
ATOM   74   C C   . ASP A 1 22  ? -7.284  1.824   -0.085  1.00 37.49 ? 13  ASP A C   1 
ATOM   75   O O   . ASP A 1 22  ? -8.063  1.050   -0.639  1.00 35.81 ? 13  ASP A O   1 
ATOM   76   C CB  . ASP A 1 22  ? -6.609  2.528   -2.371  1.00 37.61 ? 13  ASP A CB  1 
ATOM   77   C CG  . ASP A 1 22  ? -6.178  3.664   -3.279  1.00 41.88 ? 13  ASP A CG  1 
ATOM   78   O OD1 . ASP A 1 22  ? -5.838  4.755   -2.764  1.00 37.41 ? 13  ASP A OD1 1 
ATOM   79   O OD2 . ASP A 1 22  ? -6.168  3.458   -4.512  1.00 42.51 ? 13  ASP A OD2 1 
ATOM   80   N N   . LEU A 1 23  ? -7.016  1.762   1.215   1.00 35.69 ? 14  LEU A N   1 
ATOM   81   C CA  . LEU A 1 23  ? -7.723  0.817   2.070   1.00 36.14 ? 14  LEU A CA  1 
ATOM   82   C C   . LEU A 1 23  ? -9.100  1.376   2.410   1.00 38.61 ? 14  LEU A C   1 
ATOM   83   O O   . LEU A 1 23  ? -9.433  1.577   3.577   1.00 36.94 ? 14  LEU A O   1 
ATOM   84   C CB  . LEU A 1 23  ? -6.912  0.523   3.333   1.00 37.25 ? 14  LEU A CB  1 
ATOM   85   C CG  . LEU A 1 23  ? -5.616  -0.234  3.022   1.00 38.76 ? 14  LEU A CG  1 
ATOM   86   C CD1 . LEU A 1 23  ? -4.739  -0.388  4.258   1.00 37.31 ? 14  LEU A CD1 1 
ATOM   87   C CD2 . LEU A 1 23  ? -5.955  -1.587  2.413   1.00 33.95 ? 14  LEU A CD2 1 
ATOM   88   N N   . GLN A 1 24  ? -9.894  1.613   1.370   1.00 37.86 ? 15  GLN A N   1 
ATOM   89   C CA  . GLN A 1 24  ? -11.157 2.333   1.485   1.00 37.48 ? 15  GLN A CA  1 
ATOM   90   C C   . GLN A 1 24  ? -12.359 1.401   1.487   1.00 39.71 ? 15  GLN A C   1 
ATOM   91   O O   . GLN A 1 24  ? -12.317 0.310   0.907   1.00 38.18 ? 15  GLN A O   1 
ATOM   92   C CB  . GLN A 1 24  ? -11.279 3.344   0.345   1.00 36.60 ? 15  GLN A CB  1 
ATOM   93   C CG  . GLN A 1 24  ? -10.210 4.421   0.381   1.00 37.54 ? 15  GLN A CG  1 
ATOM   94   C CD  . GLN A 1 24  ? -10.020 5.096   -0.958  1.00 41.53 ? 15  GLN A CD  1 
ATOM   95   O OE1 . GLN A 1 24  ? -9.163  4.693   -1.754  1.00 38.49 ? 15  GLN A OE1 1 
ATOM   96   N NE2 . GLN A 1 24  ? -10.815 6.130   -1.218  1.00 35.88 ? 15  GLN A NE2 1 
ATOM   97   N N   . ALA A 1 25  ? -13.436 1.856   2.123   1.00 37.49 ? 16  ALA A N   1 
ATOM   98   C CA  . ALA A 1 25  ? -14.621 1.031   2.351   1.00 38.57 ? 16  ALA A CA  1 
ATOM   99   C C   . ALA A 1 25  ? -15.254 0.547   1.053   1.00 38.16 ? 16  ALA A C   1 
ATOM   100  O O   . ALA A 1 25  ? -15.908 -0.487  1.025   1.00 39.93 ? 16  ALA A O   1 
ATOM   101  C CB  . ALA A 1 25  ? -15.647 1.804   3.178   1.00 44.34 ? 16  ALA A CB  1 
ATOM   102  N N   . GLY A 1 26  ? -15.063 1.304   -0.021  1.00 38.02 ? 17  GLY A N   1 
ATOM   103  C CA  . GLY A 1 26  ? -15.602 0.918   -1.312  1.00 43.39 ? 17  GLY A CA  1 
ATOM   104  C C   . GLY A 1 26  ? -14.639 0.080   -2.139  1.00 45.41 ? 17  GLY A C   1 
ATOM   105  O O   . GLY A 1 26  ? -14.985 -0.358  -3.234  1.00 44.47 ? 17  GLY A O   1 
ATOM   106  N N   . VAL A 1 27  ? -13.434 -0.147  -1.623  1.00 41.36 ? 18  VAL A N   1 
ATOM   107  C CA  . VAL A 1 27  ? -12.408 -0.861  -2.384  1.00 42.96 ? 18  VAL A CA  1 
ATOM   108  C C   . VAL A 1 27  ? -12.220 -2.301  -1.900  1.00 42.71 ? 18  VAL A C   1 
ATOM   109  O O   . VAL A 1 27  ? -12.211 -3.240  -2.695  1.00 41.78 ? 18  VAL A O   1 
ATOM   110  C CB  . VAL A 1 27  ? -11.049 -0.126  -2.321  1.00 44.02 ? 18  VAL A CB  1 
ATOM   111  C CG1 . VAL A 1 27  ? -9.919  -1.017  -2.835  1.00 38.45 ? 18  VAL A CG1 1 
ATOM   112  C CG2 . VAL A 1 27  ? -11.104 1.177   -3.113  1.00 39.22 ? 18  VAL A CG2 1 
ATOM   113  N N   . THR A 1 28  ? -12.076 -2.474  -0.592  1.00 40.21 ? 19  THR A N   1 
ATOM   114  C CA  . THR A 1 28  ? -11.743 -3.784  -0.034  1.00 39.63 ? 19  THR A CA  1 
ATOM   115  C C   . THR A 1 28  ? -12.837 -4.875  -0.056  1.00 42.41 ? 19  THR A C   1 
ATOM   116  O O   . THR A 1 28  ? -12.494 -6.055  -0.079  1.00 42.10 ? 19  THR A O   1 
ATOM   117  C CB  . THR A 1 28  ? -11.241 -3.627  1.417   1.00 40.04 ? 19  THR A CB  1 
ATOM   118  O OG1 . THR A 1 28  ? -12.209 -2.913  2.195   1.00 43.27 ? 19  THR A OG1 1 
ATOM   119  C CG2 . THR A 1 28  ? -9.929  -2.852  1.430   1.00 39.91 ? 19  THR A CG2 1 
ATOM   120  N N   . PRO A 1 29  ? -14.142 -4.510  -0.046  1.00 43.76 ? 20  PRO A N   1 
ATOM   121  C CA  . PRO A 1 29  ? -15.128 -5.603  -0.082  1.00 45.90 ? 20  PRO A CA  1 
ATOM   122  C C   . PRO A 1 29  ? -15.005 -6.523  -1.293  1.00 42.80 ? 20  PRO A C   1 
ATOM   123  O O   . PRO A 1 29  ? -14.844 -6.059  -2.419  1.00 43.56 ? 20  PRO A O   1 
ATOM   124  C CB  . PRO A 1 29  ? -16.466 -4.860  -0.115  1.00 46.94 ? 20  PRO A CB  1 
ATOM   125  C CG  . PRO A 1 29  ? -16.196 -3.611  0.622   1.00 46.28 ? 20  PRO A CG  1 
ATOM   126  C CD  . PRO A 1 29  ? -14.791 -3.220  0.250   1.00 41.78 ? 20  PRO A CD  1 
ATOM   127  N N   . GLY A 1 30  ? -15.074 -7.826  -1.048  1.00 38.83 ? 21  GLY A N   1 
ATOM   128  C CA  . GLY A 1 30  ? -14.971 -8.804  -2.117  1.00 43.23 ? 21  GLY A CA  1 
ATOM   129  C C   . GLY A 1 30  ? -13.544 -9.247  -2.386  1.00 45.40 ? 21  GLY A C   1 
ATOM   130  O O   . GLY A 1 30  ? -13.318 -10.203 -3.128  1.00 44.70 ? 21  GLY A O   1 
ATOM   131  N N   . CYS A 1 31  ? -12.579 -8.549  -1.792  1.00 39.70 ? 22  CYS A N   1 
ATOM   132  C CA  . CYS A 1 31  ? -11.172 -8.896  -1.967  1.00 41.30 ? 22  CYS A CA  1 
ATOM   133  C C   . CYS A 1 31  ? -10.825 -10.168 -1.209  1.00 42.76 ? 22  CYS A C   1 
ATOM   134  O O   . CYS A 1 31  ? -11.418 -10.461 -0.171  1.00 39.10 ? 22  CYS A O   1 
ATOM   135  C CB  . CYS A 1 31  ? -10.267 -7.758  -1.496  1.00 36.97 ? 22  CYS A CB  1 
ATOM   136  S SG  . CYS A 1 31  ? -10.188 -6.340  -2.615  1.00 38.88 ? 22  CYS A SG  1 
ATOM   137  N N   . PHE A 1 32  ? -9.860  -10.917 -1.734  1.00 42.71 ? 23  PHE A N   1 
ATOM   138  C CA  . PHE A 1 32  ? -9.397  -12.138 -1.085  1.00 42.33 ? 23  PHE A CA  1 
ATOM   139  C C   . PHE A 1 32  ? -8.892  -11.861 0.328   1.00 40.50 ? 23  PHE A C   1 
ATOM   140  O O   . PHE A 1 32  ? -8.113  -10.930 0.545   1.00 41.19 ? 23  PHE A O   1 
ATOM   141  C CB  . PHE A 1 32  ? -8.295  -12.802 -1.920  1.00 42.69 ? 23  PHE A CB  1 
ATOM   142  C CG  . PHE A 1 32  ? -7.546  -13.881 -1.187  1.00 41.79 ? 23  PHE A CG  1 
ATOM   143  C CD1 . PHE A 1 32  ? -8.115  -15.128 -0.988  1.00 47.17 ? 23  PHE A CD1 1 
ATOM   144  C CD2 . PHE A 1 32  ? -6.273  -13.648 -0.701  1.00 42.74 ? 23  PHE A CD2 1 
ATOM   145  C CE1 . PHE A 1 32  ? -7.423  -16.123 -0.309  1.00 42.13 ? 23  PHE A CE1 1 
ATOM   146  C CE2 . PHE A 1 32  ? -5.581  -14.638 -0.026  1.00 43.35 ? 23  PHE A CE2 1 
ATOM   147  C CZ  . PHE A 1 32  ? -6.157  -15.874 0.169   1.00 40.65 ? 23  PHE A CZ  1 
ATOM   148  N N   . ASP A 1 33  ? -9.357  -12.664 1.283   1.00 39.84 ? 24  ASP A N   1 
ATOM   149  C CA  . ASP A 1 33  ? -8.888  -12.593 2.669   1.00 42.61 ? 24  ASP A CA  1 
ATOM   150  C C   . ASP A 1 33  ? -9.050  -11.182 3.251   1.00 39.50 ? 24  ASP A C   1 
ATOM   151  O O   . ASP A 1 33  ? -8.239  -10.733 4.059   1.00 39.10 ? 24  ASP A O   1 
ATOM   152  C CB  . ASP A 1 33  ? -7.422  -13.045 2.748   1.00 39.67 ? 24  ASP A CB  1 
ATOM   153  C CG  . ASP A 1 33  ? -6.975  -13.363 4.170   1.00 44.07 ? 24  ASP A CG  1 
ATOM   154  O OD1 . ASP A 1 33  ? -7.826  -13.740 5.000   1.00 44.41 ? 24  ASP A OD1 1 
ATOM   155  O OD2 . ASP A 1 33  ? -5.765  -13.235 4.453   1.00 45.64 ? 24  ASP A OD2 1 
ATOM   156  N N   . GLU A 1 34  ? -10.111 -10.498 2.830   1.00 41.60 ? 25  GLU A N   1 
ATOM   157  C CA  . GLU A 1 34  ? -10.347 -9.092  3.169   1.00 41.46 ? 25  GLU A CA  1 
ATOM   158  C C   . GLU A 1 34  ? -10.206 -8.758  4.660   1.00 39.19 ? 25  GLU A C   1 
ATOM   159  O O   . GLU A 1 34  ? -9.435  -7.867  5.041   1.00 39.85 ? 25  GLU A O   1 
ATOM   160  C CB  . GLU A 1 34  ? -11.743 -8.681  2.692   1.00 43.74 ? 25  GLU A CB  1 
ATOM   161  C CG  . GLU A 1 34  ? -12.159 -7.288  3.127   1.00 48.38 ? 25  GLU A CG  1 
ATOM   162  C CD  . GLU A 1 34  ? -13.648 -7.037  2.956   1.00 48.63 ? 25  GLU A CD  1 
ATOM   163  O OE1 . GLU A 1 34  ? -14.396 -7.996  2.667   1.00 51.11 ? 25  GLU A OE1 1 
ATOM   164  O OE2 . GLU A 1 34  ? -14.067 -5.870  3.101   1.00 53.68 ? 25  GLU A OE2 1 
ATOM   165  N N   . GLU A 1 35  ? -10.951 -9.466  5.504   1.00 41.72 ? 26  GLU A N   1 
ATOM   166  C CA  . GLU A 1 35  ? -10.919 -9.187  6.938   1.00 45.62 ? 26  GLU A CA  1 
ATOM   167  C C   . GLU A 1 35  ? -9.515  -9.356  7.518   1.00 39.97 ? 26  GLU A C   1 
ATOM   168  O O   . GLU A 1 35  ? -9.055  -8.522  8.294   1.00 42.73 ? 26  GLU A O   1 
ATOM   169  C CB  . GLU A 1 35  ? -11.902 -10.084 7.691   1.00 48.93 ? 26  GLU A CB  1 
ATOM   170  C CG  . GLU A 1 35  ? -11.816 -9.925  9.200   1.00 52.71 ? 26  GLU A CG  1 
ATOM   171  C CD  . GLU A 1 35  ? -12.965 -10.590 9.927   1.00 64.85 ? 26  GLU A CD  1 
ATOM   172  O OE1 . GLU A 1 35  ? -13.940 -10.993 9.259   1.00 66.61 ? 26  GLU A OE1 1 
ATOM   173  O OE2 . GLU A 1 35  ? -12.893 -10.705 11.170  1.00 71.57 ? 26  GLU A OE2 1 
ATOM   174  N N   . GLY A 1 36  ? -8.835  -10.430 7.128   1.00 41.71 ? 27  GLY A N   1 
ATOM   175  C CA  . GLY A 1 36  ? -7.495  -10.698 7.621   1.00 38.07 ? 27  GLY A CA  1 
ATOM   176  C C   . GLY A 1 36  ? -6.485  -9.663  7.163   1.00 39.51 ? 27  GLY A C   1 
ATOM   177  O O   . GLY A 1 36  ? -5.630  -9.217  7.932   1.00 39.17 ? 27  GLY A O   1 
ATOM   178  N N   . VAL A 1 37  ? -6.580  -9.273  5.898   1.00 39.27 ? 28  VAL A N   1 
ATOM   179  C CA  . VAL A 1 37  ? -5.673  -8.271  5.364   1.00 35.27 ? 28  VAL A CA  1 
ATOM   180  C C   . VAL A 1 37  ? -5.877  -6.945  6.096   1.00 37.21 ? 28  VAL A C   1 
ATOM   181  O O   . VAL A 1 37  ? -4.912  -6.293  6.487   1.00 40.18 ? 28  VAL A O   1 
ATOM   182  C CB  . VAL A 1 37  ? -5.864  -8.088  3.848   1.00 38.63 ? 28  VAL A CB  1 
ATOM   183  C CG1 . VAL A 1 37  ? -5.194  -6.812  3.375   1.00 34.95 ? 28  VAL A CG1 1 
ATOM   184  C CG2 . VAL A 1 37  ? -5.295  -9.301  3.100   1.00 38.93 ? 28  VAL A CG2 1 
ATOM   185  N N   . LEU A 1 38  ? -7.133  -6.564  6.307   1.00 39.07 ? 29  LEU A N   1 
ATOM   186  C CA  . LEU A 1 38  ? -7.436  -5.328  7.028   1.00 37.68 ? 29  LEU A CA  1 
ATOM   187  C C   . LEU A 1 38  ? -6.936  -5.378  8.471   1.00 39.22 ? 29  LEU A C   1 
ATOM   188  O O   . LEU A 1 38  ? -6.375  -4.409  8.981   1.00 41.91 ? 29  LEU A O   1 
ATOM   189  C CB  . LEU A 1 38  ? -8.942  -5.052  6.991   1.00 39.51 ? 29  LEU A CB  1 
ATOM   190  C CG  . LEU A 1 38  ? -9.434  -4.534  5.638   1.00 41.86 ? 29  LEU A CG  1 
ATOM   191  C CD1 . LEU A 1 38  ? -10.949 -4.387  5.610   1.00 44.45 ? 29  LEU A CD1 1 
ATOM   192  C CD2 . LEU A 1 38  ? -8.763  -3.207  5.336   1.00 41.46 ? 29  LEU A CD2 1 
ATOM   193  N N   . SER A 1 39  ? -7.135  -6.518  9.121   1.00 41.62 ? 30  SER A N   1 
ATOM   194  C CA  . SER A 1 39  ? -6.666  -6.710  10.489  1.00 46.45 ? 30  SER A CA  1 
ATOM   195  C C   . SER A 1 39  ? -5.152  -6.531  10.577  1.00 42.39 ? 30  SER A C   1 
ATOM   196  O O   . SER A 1 39  ? -4.639  -5.824  11.453  1.00 42.27 ? 30  SER A O   1 
ATOM   197  C CB  . SER A 1 39  ? -7.065  -8.098  11.000  1.00 41.36 ? 30  SER A CB  1 
ATOM   198  O OG  . SER A 1 39  ? -6.503  -8.341  12.276  1.00 54.05 ? 30  SER A OG  1 
ATOM   199  N N   . ARG A 1 40  ? -4.439  -7.155  9.647   1.00 41.99 ? 31  ARG A N   1 
ATOM   200  C CA  . ARG A 1 40  ? -2.983  -7.098  9.663   1.00 40.79 ? 31  ARG A CA  1 
ATOM   201  C C   . ARG A 1 40  ? -2.461  -5.711  9.295   1.00 43.09 ? 31  ARG A C   1 
ATOM   202  O O   . ARG A 1 40  ? -1.451  -5.256  9.840   1.00 42.33 ? 31  ARG A O   1 
ATOM   203  C CB  . ARG A 1 40  ? -2.411  -8.172  8.734   1.00 41.10 ? 31  ARG A CB  1 
ATOM   204  C CG  . ARG A 1 40  ? -2.698  -9.584  9.247   1.00 43.41 ? 31  ARG A CG  1 
ATOM   205  C CD  . ARG A 1 40  ? -1.995  -10.661 8.440   1.00 41.63 ? 31  ARG A CD  1 
ATOM   206  N NE  . ARG A 1 40  ? -2.594  -10.864 7.127   1.00 38.57 ? 31  ARG A NE  1 
ATOM   207  C CZ  . ARG A 1 40  ? -3.636  -11.658 6.894   1.00 43.05 ? 31  ARG A CZ  1 
ATOM   208  N NH1 . ARG A 1 40  ? -4.203  -12.323 7.890   1.00 45.83 ? 31  ARG A NH1 1 
ATOM   209  N NH2 . ARG A 1 40  ? -4.113  -11.789 5.663   1.00 40.96 ? 31  ARG A NH2 1 
ATOM   210  N N   . ALA A 1 41  ? -3.149  -5.031  8.383   1.00 39.54 ? 32  ALA A N   1 
ATOM   211  C CA  . ALA A 1 41  ? -2.793  -3.655  8.049   1.00 37.89 ? 32  ALA A CA  1 
ATOM   212  C C   . ALA A 1 41  ? -2.954  -2.763  9.278   1.00 37.03 ? 32  ALA A C   1 
ATOM   213  O O   . ALA A 1 41  ? -2.109  -1.909  9.558   1.00 41.31 ? 32  ALA A O   1 
ATOM   214  C CB  . ALA A 1 41  ? -3.651  -3.138  6.893   1.00 37.98 ? 32  ALA A CB  1 
ATOM   215  N N   . ALA A 1 42  ? -4.044  -2.973  10.010  1.00 39.40 ? 33  ALA A N   1 
ATOM   216  C CA  . ALA A 1 42  ? -4.300  -2.205  11.226  1.00 39.74 ? 33  ALA A CA  1 
ATOM   217  C C   . ALA A 1 42  ? -3.194  -2.438  12.256  1.00 41.88 ? 33  ALA A C   1 
ATOM   218  O O   . ALA A 1 42  ? -2.676  -1.486  12.852  1.00 43.22 ? 33  ALA A O   1 
ATOM   219  C CB  . ALA A 1 42  ? -5.663  -2.568  11.809  1.00 39.29 ? 33  ALA A CB  1 
ATOM   220  N N   . ALA A 1 43  ? -2.829  -3.706  12.448  1.00 42.75 ? 34  ALA A N   1 
ATOM   221  C CA  . ALA A 1 43  ? -1.746  -4.058  13.370  1.00 44.88 ? 34  ALA A CA  1 
ATOM   222  C C   . ALA A 1 43  ? -0.431  -3.393  12.967  1.00 45.50 ? 34  ALA A C   1 
ATOM   223  O O   . ALA A 1 43  ? 0.299   -2.871  13.815  1.00 45.15 ? 34  ALA A O   1 
ATOM   224  C CB  . ALA A 1 43  ? -1.575  -5.572  13.441  1.00 44.10 ? 34  ALA A CB  1 
ATOM   225  N N   . LEU A 1 44  ? -0.141  -3.410  11.668  1.00 43.33 ? 35  LEU A N   1 
ATOM   226  C CA  . LEU A 1 44  ? 1.044   -2.747  11.128  1.00 41.94 ? 35  LEU A CA  1 
ATOM   227  C C   . LEU A 1 44  ? 1.048   -1.261  11.463  1.00 44.34 ? 35  LEU A C   1 
ATOM   228  O O   . LEU A 1 44  ? 2.063   -0.713  11.899  1.00 43.54 ? 35  LEU A O   1 
ATOM   229  C CB  . LEU A 1 44  ? 1.120   -2.935  9.608   1.00 39.31 ? 35  LEU A CB  1 
ATOM   230  C CG  . LEU A 1 44  ? 2.213   -2.153  8.872   1.00 42.40 ? 35  LEU A CG  1 
ATOM   231  C CD1 . LEU A 1 44  ? 3.598   -2.687  9.196   1.00 40.46 ? 35  LEU A CD1 1 
ATOM   232  C CD2 . LEU A 1 44  ? 1.972   -2.154  7.361   1.00 37.96 ? 35  LEU A CD2 1 
ATOM   233  N N   . VAL A 1 45  ? -0.087  -0.606  11.246  1.00 42.27 ? 36  VAL A N   1 
ATOM   234  C CA  . VAL A 1 45  ? -0.187  0.819   11.539  1.00 41.99 ? 36  VAL A CA  1 
ATOM   235  C C   . VAL A 1 45  ? 0.038   1.081   13.033  1.00 44.39 ? 36  VAL A C   1 
ATOM   236  O O   . VAL A 1 45  ? 0.740   2.024   13.399  1.00 43.52 ? 36  VAL A O   1 
ATOM   237  C CB  . VAL A 1 45  ? -1.547  1.388   11.094  1.00 45.27 ? 36  VAL A CB  1 
ATOM   238  C CG1 . VAL A 1 45  ? -1.704  2.829   11.555  1.00 45.92 ? 36  VAL A CG1 1 
ATOM   239  C CG2 . VAL A 1 45  ? -1.668  1.314   9.577   1.00 42.52 ? 36  VAL A CG2 1 
ATOM   240  N N   . GLU A 1 46  ? -0.533  0.237   13.890  1.00 44.26 ? 37  GLU A N   1 
ATOM   241  C CA  . GLU A 1 46  ? -0.318  0.389   15.331  1.00 48.28 ? 37  GLU A CA  1 
ATOM   242  C C   . GLU A 1 46  ? 1.158   0.247   15.700  1.00 48.84 ? 37  GLU A C   1 
ATOM   243  O O   . GLU A 1 46  ? 1.685   1.041   16.482  1.00 50.30 ? 37  GLU A O   1 
ATOM   244  C CB  . GLU A 1 46  ? -1.151  -0.622  16.120  1.00 50.81 ? 37  GLU A CB  1 
ATOM   245  C CG  . GLU A 1 46  ? -2.628  -0.278  16.184  1.00 56.09 ? 37  GLU A CG  1 
ATOM   246  C CD  . GLU A 1 46  ? -2.868  1.166   16.591  1.00 60.46 ? 37  GLU A CD  1 
ATOM   247  O OE1 . GLU A 1 46  ? -2.270  1.616   17.595  1.00 60.76 ? 37  GLU A OE1 1 
ATOM   248  O OE2 . GLU A 1 46  ? -3.650  1.853   15.901  1.00 58.26 ? 37  GLU A OE2 1 
ATOM   249  N N   . ARG A 1 47  ? 1.825   -0.755  15.129  1.00 48.02 ? 38  ARG A N   1 
ATOM   250  C CA  . ARG A 1 47  ? 3.243   -0.965  15.414  1.00 46.77 ? 38  ARG A CA  1 
ATOM   251  C C   . ARG A 1 47  ? 4.067   0.222   14.937  1.00 49.53 ? 38  ARG A C   1 
ATOM   252  O O   . ARG A 1 47  ? 5.012   0.640   15.609  1.00 48.42 ? 38  ARG A O   1 
ATOM   253  C CB  . ARG A 1 47  ? 3.760   -2.257  14.769  1.00 49.54 ? 38  ARG A CB  1 
ATOM   254  C CG  . ARG A 1 47  ? 4.152   -3.319  15.799  1.00 57.08 ? 38  ARG A CG  1 
ATOM   255  C CD  . ARG A 1 47  ? 5.407   -4.096  15.424  1.00 53.61 ? 38  ARG A CD  1 
ATOM   256  N NE  . ARG A 1 47  ? 5.408   -4.544  14.037  1.00 50.38 ? 38  ARG A NE  1 
ATOM   257  C CZ  . ARG A 1 47  ? 6.507   -4.642  13.294  1.00 52.45 ? 38  ARG A CZ  1 
ATOM   258  N NH1 . ARG A 1 47  ? 7.686   -4.318  13.809  1.00 49.46 ? 38  ARG A NH1 1 
ATOM   259  N NH2 . ARG A 1 47  ? 6.427   -5.057  12.036  1.00 46.28 ? 38  ARG A NH2 1 
ATOM   260  N N   . ALA A 1 48  ? 3.697   0.769   13.782  1.00 47.19 ? 39  ALA A N   1 
ATOM   261  C CA  . ALA A 1 48  ? 4.374   1.938   13.234  1.00 44.42 ? 39  ALA A CA  1 
ATOM   262  C C   . ALA A 1 48  ? 4.224   3.137   14.163  1.00 47.39 ? 39  ALA A C   1 
ATOM   263  O O   . ALA A 1 48  ? 5.184   3.861   14.430  1.00 50.97 ? 39  ALA A O   1 
ATOM   264  C CB  . ALA A 1 48  ? 3.826   2.271   11.848  1.00 46.38 ? 39  ALA A CB  1 
ATOM   265  N N   . ARG A 1 49  ? 3.006   3.344   14.649  1.00 48.46 ? 40  ARG A N   1 
ATOM   266  C CA  . ARG A 1 49  ? 2.730   4.448   15.557  1.00 48.39 ? 40  ARG A CA  1 
ATOM   267  C C   . ARG A 1 49  ? 3.533   4.297   16.845  1.00 51.36 ? 40  ARG A C   1 
ATOM   268  O O   . ARG A 1 49  ? 4.120   5.262   17.332  1.00 48.91 ? 40  ARG A O   1 
ATOM   269  C CB  . ARG A 1 49  ? 1.233   4.532   15.860  1.00 47.95 ? 40  ARG A CB  1 
ATOM   270  C CG  . ARG A 1 49  ? 0.421   5.120   14.718  1.00 48.80 ? 40  ARG A CG  1 
ATOM   271  C CD  . ARG A 1 49  ? -1.063  4.837   14.862  1.00 50.02 ? 40  ARG A CD  1 
ATOM   272  N NE  . ARG A 1 49  ? -1.813  5.408   13.745  1.00 46.40 ? 40  ARG A NE  1 
ATOM   273  C CZ  . ARG A 1 49  ? -3.101  5.188   13.514  1.00 48.30 ? 40  ARG A CZ  1 
ATOM   274  N NH1 . ARG A 1 49  ? -3.795  4.399   14.321  1.00 45.89 ? 40  ARG A NH1 1 
ATOM   275  N NH2 . ARG A 1 49  ? -3.693  5.750   12.468  1.00 46.23 ? 40  ARG A NH2 1 
ATOM   276  N N   . ALA A 1 50  ? 3.571   3.078   17.378  1.00 50.94 ? 41  ALA A N   1 
ATOM   277  C CA  . ALA A 1 50  ? 4.311   2.804   18.607  1.00 51.14 ? 41  ALA A CA  1 
ATOM   278  C C   . ALA A 1 50  ? 5.807   3.048   18.425  1.00 53.81 ? 41  ALA A C   1 
ATOM   279  O O   . ALA A 1 50  ? 6.498   3.437   19.366  1.00 57.10 ? 41  ALA A O   1 
ATOM   280  C CB  . ALA A 1 50  ? 4.062   1.379   19.066  1.00 49.68 ? 41  ALA A CB  1 
ATOM   281  N N   . GLY A 1 51  ? 6.299   2.830   17.207  1.00 52.58 ? 42  GLY A N   1 
ATOM   282  C CA  . GLY A 1 51  ? 7.714   2.982   16.916  1.00 49.53 ? 42  GLY A CA  1 
ATOM   283  C C   . GLY A 1 51  ? 8.104   4.351   16.388  1.00 51.94 ? 42  GLY A C   1 
ATOM   284  O O   . GLY A 1 51  ? 9.255   4.571   16.021  1.00 54.15 ? 42  GLY A O   1 
ATOM   285  N N   . GLY A 1 52  ? 7.148   5.274   16.345  1.00 49.76 ? 43  GLY A N   1 
ATOM   286  C CA  . GLY A 1 52  ? 7.416   6.617   15.860  1.00 48.77 ? 43  GLY A CA  1 
ATOM   287  C C   . GLY A 1 52  ? 7.629   6.692   14.359  1.00 51.10 ? 43  GLY A C   1 
ATOM   288  O O   . GLY A 1 52  ? 8.205   7.654   13.850  1.00 52.31 ? 43  GLY A O   1 
ATOM   289  N N   . VAL A 1 53  ? 7.169   5.671   13.643  1.00 51.62 ? 44  VAL A N   1 
ATOM   290  C CA  . VAL A 1 53  ? 7.271   5.655   12.186  1.00 47.23 ? 44  VAL A CA  1 
ATOM   291  C C   . VAL A 1 53  ? 6.051   6.332   11.564  1.00 43.56 ? 44  VAL A C   1 
ATOM   292  O O   . VAL A 1 53  ? 4.917   5.925   11.815  1.00 42.16 ? 44  VAL A O   1 
ATOM   293  C CB  . VAL A 1 53  ? 7.400   4.217   11.646  1.00 50.79 ? 44  VAL A CB  1 
ATOM   294  C CG1 . VAL A 1 53  ? 7.360   4.210   10.127  1.00 45.19 ? 44  VAL A CG1 1 
ATOM   295  C CG2 . VAL A 1 53  ? 8.688   3.578   12.151  1.00 51.04 ? 44  VAL A CG2 1 
ATOM   296  N N   . PRO A 1 54  ? 6.284   7.375   10.753  1.00 45.88 ? 45  PRO A N   1 
ATOM   297  C CA  . PRO A 1 54  ? 5.191   8.127   10.127  1.00 45.63 ? 45  PRO A CA  1 
ATOM   298  C C   . PRO A 1 54  ? 4.307   7.246   9.250   1.00 45.82 ? 45  PRO A C   1 
ATOM   299  O O   . PRO A 1 54  ? 4.798   6.317   8.604   1.00 40.32 ? 45  PRO A O   1 
ATOM   300  C CB  . PRO A 1 54  ? 5.920   9.176   9.280   1.00 45.94 ? 45  PRO A CB  1 
ATOM   301  C CG  . PRO A 1 54  ? 7.285   9.280   9.887   1.00 48.25 ? 45  PRO A CG  1 
ATOM   302  C CD  . PRO A 1 54  ? 7.605   7.901   10.367  1.00 41.78 ? 45  PRO A CD  1 
ATOM   303  N N   . VAL A 1 55  ? 3.012   7.535   9.244   1.00 42.31 ? 46  VAL A N   1 
ATOM   304  C CA  . VAL A 1 55  ? 2.073   6.829   8.390   1.00 41.45 ? 46  VAL A CA  1 
ATOM   305  C C   . VAL A 1 55  ? 1.425   7.813   7.420   1.00 46.01 ? 46  VAL A C   1 
ATOM   306  O O   . VAL A 1 55  ? 0.872   8.835   7.832   1.00 43.69 ? 46  VAL A O   1 
ATOM   307  C CB  . VAL A 1 55  ? 0.983   6.107   9.205   1.00 42.95 ? 46  VAL A CB  1 
ATOM   308  C CG1 . VAL A 1 55  ? -0.080  5.526   8.278   1.00 42.55 ? 46  VAL A CG1 1 
ATOM   309  C CG2 . VAL A 1 55  ? 1.600   5.012   10.079  1.00 45.62 ? 46  VAL A CG2 1 
ATOM   310  N N   . VAL A 1 56  ? 1.518   7.505   6.132   1.00 37.13 ? 47  VAL A N   1 
ATOM   311  C CA  . VAL A 1 56  ? 0.903   8.314   5.087   1.00 38.98 ? 47  VAL A CA  1 
ATOM   312  C C   . VAL A 1 56  ? -0.213  7.524   4.412   1.00 42.75 ? 47  VAL A C   1 
ATOM   313  O O   . VAL A 1 56  ? 0.000   6.406   3.932   1.00 41.78 ? 47  VAL A O   1 
ATOM   314  C CB  . VAL A 1 56  ? 1.939   8.761   4.043   1.00 38.57 ? 47  VAL A CB  1 
ATOM   315  C CG1 . VAL A 1 56  ? 1.265   9.485   2.885   1.00 38.08 ? 47  VAL A CG1 1 
ATOM   316  C CG2 . VAL A 1 56  ? 2.993   9.647   4.695   1.00 39.30 ? 47  VAL A CG2 1 
ATOM   317  N N   . TRP A 1 57  ? -1.409  8.104   4.399   1.00 40.50 ? 48  TRP A N   1 
ATOM   318  C CA  . TRP A 1 57  ? -2.569  7.467   3.788   1.00 37.26 ? 48  TRP A CA  1 
ATOM   319  C C   . TRP A 1 57  ? -2.773  7.964   2.361   1.00 41.09 ? 48  TRP A C   1 
ATOM   320  O O   . TRP A 1 57  ? -2.558  9.138   2.065   1.00 39.98 ? 48  TRP A O   1 
ATOM   321  C CB  . TRP A 1 57  ? -3.833  7.731   4.614   1.00 38.90 ? 48  TRP A CB  1 
ATOM   322  C CG  . TRP A 1 57  ? -3.747  7.257   6.043   1.00 39.67 ? 48  TRP A CG  1 
ATOM   323  C CD1 . TRP A 1 57  ? -3.299  7.969   7.117   1.00 39.88 ? 48  TRP A CD1 1 
ATOM   324  C CD2 . TRP A 1 57  ? -4.121  5.965   6.545   1.00 39.71 ? 48  TRP A CD2 1 
ATOM   325  N NE1 . TRP A 1 57  ? -3.368  7.203   8.256   1.00 38.92 ? 48  TRP A NE1 1 
ATOM   326  C CE2 . TRP A 1 57  ? -3.870  5.970   7.933   1.00 41.19 ? 48  TRP A CE2 1 
ATOM   327  C CE3 . TRP A 1 57  ? -4.635  4.805   5.954   1.00 39.11 ? 48  TRP A CE3 1 
ATOM   328  C CZ2 . TRP A 1 57  ? -4.119  4.859   8.742   1.00 40.21 ? 48  TRP A CZ2 1 
ATOM   329  C CZ3 . TRP A 1 57  ? -4.887  3.705   6.760   1.00 38.62 ? 48  TRP A CZ3 1 
ATOM   330  C CH2 . TRP A 1 57  ? -4.629  3.740   8.140   1.00 42.05 ? 48  TRP A CH2 1 
ATOM   331  N N   . VAL A 1 58  ? -3.180  7.060   1.478   1.00 36.59 ? 49  VAL A N   1 
ATOM   332  C CA  . VAL A 1 58  ? -3.505  7.419   0.106   1.00 37.12 ? 49  VAL A CA  1 
ATOM   333  C C   . VAL A 1 58  ? -4.954  7.030   -0.154  1.00 38.48 ? 49  VAL A C   1 
ATOM   334  O O   . VAL A 1 58  ? -5.368  5.915   0.161   1.00 37.72 ? 49  VAL A O   1 
ATOM   335  C CB  . VAL A 1 58  ? -2.575  6.723   -0.913  1.00 39.22 ? 49  VAL A CB  1 
ATOM   336  C CG1 . VAL A 1 58  ? -2.972  7.095   -2.331  1.00 35.03 ? 49  VAL A CG1 1 
ATOM   337  C CG2 . VAL A 1 58  ? -1.124  7.095   -0.653  1.00 36.78 ? 49  VAL A CG2 1 
ATOM   338  N N   . HIS A 1 59  ? -5.729  7.960   -0.697  1.00 37.75 ? 50  HIS A N   1 
ATOM   339  C CA  . HIS A 1 59  ? -7.130  7.697   -1.010  1.00 36.26 ? 50  HIS A CA  1 
ATOM   340  C C   . HIS A 1 59  ? -7.396  7.918   -2.496  1.00 35.19 ? 50  HIS A C   1 
ATOM   341  O O   . HIS A 1 59  ? -6.953  8.908   -3.072  1.00 39.54 ? 50  HIS A O   1 
ATOM   342  C CB  . HIS A 1 59  ? -8.051  8.591   -0.176  1.00 37.16 ? 50  HIS A CB  1 
ATOM   343  C CG  . HIS A 1 59  ? -8.197  8.159   1.252   1.00 36.96 ? 50  HIS A CG  1 
ATOM   344  N ND1 . HIS A 1 59  ? -9.411  7.813   1.802   1.00 40.33 ? 50  HIS A ND1 1 
ATOM   345  C CD2 . HIS A 1 59  ? -7.284  8.020   2.242   1.00 40.68 ? 50  HIS A CD2 1 
ATOM   346  C CE1 . HIS A 1 59  ? -9.242  7.482   3.070   1.00 43.04 ? 50  HIS A CE1 1 
ATOM   347  N NE2 . HIS A 1 59  ? -7.959  7.599   3.362   1.00 39.96 ? 50  HIS A NE2 1 
ATOM   348  N N   . HIS A 1 60  ? -8.130  6.992   -3.104  1.00 38.60 ? 51  HIS A N   1 
ATOM   349  C CA  . HIS A 1 60  ? -8.474  7.069   -4.517  1.00 38.18 ? 51  HIS A CA  1 
ATOM   350  C C   . HIS A 1 60  ? -9.771  7.863   -4.702  1.00 39.91 ? 51  HIS A C   1 
ATOM   351  O O   . HIS A 1 60  ? -10.855 7.375   -4.387  1.00 37.76 ? 51  HIS A O   1 
ATOM   352  C CB  . HIS A 1 60  ? -8.616  5.657   -5.100  1.00 37.95 ? 51  HIS A CB  1 
ATOM   353  C CG  . HIS A 1 60  ? -8.646  5.614   -6.595  1.00 39.63 ? 51  HIS A CG  1 
ATOM   354  N ND1 . HIS A 1 60  ? -7.608  6.076   -7.374  1.00 38.12 ? 51  HIS A ND1 1 
ATOM   355  C CD2 . HIS A 1 60  ? -9.588  5.158   -7.456  1.00 40.83 ? 51  HIS A CD2 1 
ATOM   356  C CE1 . HIS A 1 60  ? -7.908  5.908   -8.650  1.00 36.15 ? 51  HIS A CE1 1 
ATOM   357  N NE2 . HIS A 1 60  ? -9.103  5.353   -8.727  1.00 38.89 ? 51  HIS A NE2 1 
ATOM   358  N N   . ASP A 1 61  ? -9.652  9.095   -5.190  1.00 40.64 ? 52  ASP A N   1 
ATOM   359  C CA  . ASP A 1 61  ? -10.820 9.967   -5.357  1.00 39.19 ? 52  ASP A CA  1 
ATOM   360  C C   . ASP A 1 61  ? -11.934 9.390   -6.248  1.00 39.94 ? 52  ASP A C   1 
ATOM   361  O O   . ASP A 1 61  ? -13.106 9.571   -5.928  1.00 41.87 ? 52  ASP A O   1 
ATOM   362  C CB  . ASP A 1 61  ? -10.386 11.335  -5.896  1.00 40.20 ? 52  ASP A CB  1 
ATOM   363  C CG  . ASP A 1 61  ? -9.992  12.300  -4.791  1.00 43.76 ? 52  ASP A CG  1 
ATOM   364  O OD1 . ASP A 1 61  ? -9.948  11.883  -3.611  1.00 44.31 ? 52  ASP A OD1 1 
ATOM   365  O OD2 . ASP A 1 61  ? -9.722  13.478  -5.103  1.00 42.32 ? 52  ASP A OD2 1 
ATOM   366  N N   . PRO A 1 62  ? -11.589 8.694   -7.356  1.00 41.23 ? 53  PRO A N   1 
ATOM   367  C CA  . PRO A 1 62  ? -12.684 8.134   -8.166  1.00 37.02 ? 53  PRO A CA  1 
ATOM   368  C C   . PRO A 1 62  ? -13.579 7.116   -7.452  1.00 40.57 ? 53  PRO A C   1 
ATOM   369  O O   . PRO A 1 62  ? -14.595 6.716   -8.017  1.00 42.66 ? 53  PRO A O   1 
ATOM   370  C CB  . PRO A 1 62  ? -11.946 7.464   -9.330  1.00 41.07 ? 53  PRO A CB  1 
ATOM   371  C CG  . PRO A 1 62  ? -10.713 8.270   -9.483  1.00 42.61 ? 53  PRO A CG  1 
ATOM   372  C CD  . PRO A 1 62  ? -10.301 8.606   -8.073  1.00 39.35 ? 53  PRO A CD  1 
ATOM   373  N N   . VAL A 1 63  ? -13.220 6.704   -6.242  1.00 37.82 ? 54  VAL A N   1 
ATOM   374  C CA  . VAL A 1 63  ? -14.110 5.854   -5.447  1.00 40.41 ? 54  VAL A CA  1 
ATOM   375  C C   . VAL A 1 63  ? -15.430 6.589   -5.167  1.00 46.05 ? 54  VAL A C   1 
ATOM   376  O O   . VAL A 1 63  ? -16.496 5.970   -5.056  1.00 42.87 ? 54  VAL A O   1 
ATOM   377  C CB  . VAL A 1 63  ? -13.441 5.427   -4.126  1.00 41.24 ? 54  VAL A CB  1 
ATOM   378  C CG1 . VAL A 1 63  ? -14.425 4.694   -3.224  1.00 39.32 ? 54  VAL A CG1 1 
ATOM   379  C CG2 . VAL A 1 63  ? -12.225 4.547   -4.417  1.00 40.91 ? 54  VAL A CG2 1 
ATOM   380  N N   . GLY A 1 64  ? -15.354 7.915   -5.080  1.00 42.26 ? 55  GLY A N   1 
ATOM   381  C CA  . GLY A 1 64  ? -16.537 8.739   -4.887  1.00 41.26 ? 55  GLY A CA  1 
ATOM   382  C C   . GLY A 1 64  ? -16.334 9.737   -3.768  1.00 38.59 ? 55  GLY A C   1 
ATOM   383  O O   . GLY A 1 64  ? -16.671 9.465   -2.615  1.00 41.66 ? 55  GLY A O   1 
ATOM   384  N N   . VAL A 1 65  ? -15.768 10.890  -4.112  1.00 38.11 ? 56  VAL A N   1 
ATOM   385  C CA  . VAL A 1 65  ? -15.470 11.941  -3.143  1.00 42.49 ? 56  VAL A CA  1 
ATOM   386  C C   . VAL A 1 65  ? -16.726 12.370  -2.385  1.00 41.81 ? 56  VAL A C   1 
ATOM   387  O O   . VAL A 1 65  ? -17.741 12.709  -2.993  1.00 42.67 ? 56  VAL A O   1 
ATOM   388  C CB  . VAL A 1 65  ? -14.842 13.169  -3.837  1.00 45.67 ? 56  VAL A CB  1 
ATOM   389  C CG1 . VAL A 1 65  ? -14.671 14.316  -2.858  1.00 54.27 ? 56  VAL A CG1 1 
ATOM   390  C CG2 . VAL A 1 65  ? -13.505 12.795  -4.463  1.00 48.21 ? 56  VAL A CG2 1 
ATOM   391  N N   . GLY A 1 66  ? -16.660 12.319  -1.057  1.00 42.32 ? 57  GLY A N   1 
ATOM   392  C CA  . GLY A 1 66  ? -17.769 12.742  -0.220  1.00 39.93 ? 57  GLY A CA  1 
ATOM   393  C C   . GLY A 1 66  ? -18.705 11.617  0.180   1.00 41.26 ? 57  GLY A C   1 
ATOM   394  O O   . GLY A 1 66  ? -19.585 11.805  1.016   1.00 40.41 ? 57  GLY A O   1 
ATOM   395  N N   . THR A 1 67  ? -18.520 10.444  -0.416  1.00 37.22 ? 58  THR A N   1 
ATOM   396  C CA  . THR A 1 67  ? -19.363 9.295   -0.107  1.00 38.48 ? 58  THR A CA  1 
ATOM   397  C C   . THR A 1 67  ? -18.690 8.404   0.938   1.00 39.34 ? 58  THR A C   1 
ATOM   398  O O   . THR A 1 67  ? -17.466 8.437   1.089   1.00 41.61 ? 58  THR A O   1 
ATOM   399  C CB  . THR A 1 67  ? -19.674 8.469   -1.377  1.00 43.41 ? 58  THR A CB  1 
ATOM   400  O OG1 . THR A 1 67  ? -18.522 7.702   -1.749  1.00 43.50 ? 58  THR A OG1 1 
ATOM   401  C CG2 . THR A 1 67  ? -20.074 9.387   -2.528  1.00 41.05 ? 58  THR A CG2 1 
ATOM   402  N N   . PRO A 1 68  ? -19.485 7.609   1.671   1.00 38.57 ? 59  PRO A N   1 
ATOM   403  C CA  . PRO A 1 68  ? -18.924 6.672   2.652   1.00 39.10 ? 59  PRO A CA  1 
ATOM   404  C C   . PRO A 1 68  ? -17.884 5.709   2.057   1.00 43.70 ? 59  PRO A C   1 
ATOM   405  O O   . PRO A 1 68  ? -16.938 5.333   2.753   1.00 39.74 ? 59  PRO A O   1 
ATOM   406  C CB  . PRO A 1 68  ? -20.154 5.900   3.136   1.00 43.01 ? 59  PRO A CB  1 
ATOM   407  C CG  . PRO A 1 68  ? -21.285 6.858   2.959   1.00 40.37 ? 59  PRO A CG  1 
ATOM   408  C CD  . PRO A 1 68  ? -20.962 7.613   1.698   1.00 40.12 ? 59  PRO A CD  1 
ATOM   409  N N   . GLU A 1 69  ? -18.059 5.326   0.793   1.00 39.19 ? 60  GLU A N   1 
ATOM   410  C CA  . GLU A 1 69  ? -17.159 4.377   0.134   1.00 43.00 ? 60  GLU A CA  1 
ATOM   411  C C   . GLU A 1 69  ? -15.722 4.894   0.065   1.00 41.75 ? 60  GLU A C   1 
ATOM   412  O O   . GLU A 1 69  ? -14.775 4.113   -0.017  1.00 39.53 ? 60  GLU A O   1 
ATOM   413  C CB  . GLU A 1 69  ? -17.650 4.056   -1.284  1.00 43.03 ? 60  GLU A CB  1 
ATOM   414  C CG  . GLU A 1 69  ? -18.850 3.123   -1.364  1.00 45.28 ? 60  GLU A CG  1 
ATOM   415  C CD  . GLU A 1 69  ? -20.148 3.770   -0.916  1.00 53.87 ? 60  GLU A CD  1 
ATOM   416  O OE1 . GLU A 1 69  ? -20.235 5.018   -0.912  1.00 48.56 ? 60  GLU A OE1 1 
ATOM   417  O OE2 . GLU A 1 69  ? -21.083 3.022   -0.560  1.00 60.28 ? 60  GLU A OE2 1 
ATOM   418  N N   . TRP A 1 70  ? -15.565 6.214   0.086   1.00 37.14 ? 61  TRP A N   1 
ATOM   419  C CA  . TRP A 1 70  ? -14.251 6.838   -0.036  1.00 38.37 ? 61  TRP A CA  1 
ATOM   420  C C   . TRP A 1 70  ? -13.484 6.758   1.282   1.00 40.61 ? 61  TRP A C   1 
ATOM   421  O O   . TRP A 1 70  ? -12.251 6.813   1.299   1.00 36.26 ? 61  TRP A O   1 
ATOM   422  C CB  . TRP A 1 70  ? -14.403 8.298   -0.484  1.00 38.13 ? 61  TRP A CB  1 
ATOM   423  C CG  . TRP A 1 70  ? -13.120 9.065   -0.690  1.00 35.70 ? 61  TRP A CG  1 
ATOM   424  C CD1 . TRP A 1 70  ? -12.484 9.294   -1.878  1.00 36.61 ? 61  TRP A CD1 1 
ATOM   425  C CD2 . TRP A 1 70  ? -12.342 9.733   0.313   1.00 38.07 ? 61  TRP A CD2 1 
ATOM   426  N NE1 . TRP A 1 70  ? -11.357 10.053  -1.675  1.00 39.13 ? 61  TRP A NE1 1 
ATOM   427  C CE2 . TRP A 1 70  ? -11.244 10.333  -0.337  1.00 39.50 ? 61  TRP A CE2 1 
ATOM   428  C CE3 . TRP A 1 70  ? -12.462 9.875   1.702   1.00 36.70 ? 61  TRP A CE3 1 
ATOM   429  C CZ2 . TRP A 1 70  ? -10.276 11.068  0.351   1.00 35.43 ? 61  TRP A CZ2 1 
ATOM   430  C CZ3 . TRP A 1 70  ? -11.497 10.597  2.383   1.00 36.67 ? 61  TRP A CZ3 1 
ATOM   431  C CH2 . TRP A 1 70  ? -10.418 11.183  1.708   1.00 41.07 ? 61  TRP A CH2 1 
ATOM   432  N N   . GLU A 1 71  ? -14.216 6.624   2.385   1.00 36.15 ? 62  GLU A N   1 
ATOM   433  C CA  . GLU A 1 71  ? -13.595 6.621   3.708   1.00 37.88 ? 62  GLU A CA  1 
ATOM   434  C C   . GLU A 1 71  ? -12.879 5.304   3.979   1.00 39.98 ? 62  GLU A C   1 
ATOM   435  O O   . GLU A 1 71  ? -13.173 4.291   3.344   1.00 36.89 ? 62  GLU A O   1 
ATOM   436  C CB  . GLU A 1 71  ? -14.636 6.880   4.803   1.00 40.68 ? 62  GLU A CB  1 
ATOM   437  C CG  . GLU A 1 71  ? -15.427 8.171   4.624   1.00 38.17 ? 62  GLU A CG  1 
ATOM   438  C CD  . GLU A 1 71  ? -14.586 9.412   4.859   1.00 38.74 ? 62  GLU A CD  1 
ATOM   439  O OE1 . GLU A 1 71  ? -13.748 9.405   5.785   1.00 38.73 ? 62  GLU A OE1 1 
ATOM   440  O OE2 . GLU A 1 71  ? -14.768 10.400  4.116   1.00 38.66 ? 62  GLU A OE2 1 
ATOM   441  N N   . LEU A 1 72  ? -11.945 5.331   4.928   1.00 38.23 ? 63  LEU A N   1 
ATOM   442  C CA  . LEU A 1 72  ? -11.197 4.137   5.315   1.00 41.92 ? 63  LEU A CA  1 
ATOM   443  C C   . LEU A 1 72  ? -12.121 2.981   5.663   1.00 43.71 ? 63  LEU A C   1 
ATOM   444  O O   . LEU A 1 72  ? -13.167 3.174   6.288   1.00 41.51 ? 63  LEU A O   1 
ATOM   445  C CB  . LEU A 1 72  ? -10.284 4.430   6.508   1.00 43.76 ? 63  LEU A CB  1 
ATOM   446  C CG  . LEU A 1 72  ? -9.041  5.281   6.258   1.00 42.96 ? 63  LEU A CG  1 
ATOM   447  C CD1 . LEU A 1 72  ? -8.279  5.501   7.563   1.00 40.33 ? 63  LEU A CD1 1 
ATOM   448  C CD2 . LEU A 1 72  ? -8.150  4.627   5.207   1.00 39.51 ? 63  LEU A CD2 1 
ATOM   449  N N   . ALA A 1 73  ? -11.736 1.779   5.250   1.00 37.92 ? 64  ALA A N   1 
ATOM   450  C CA  . ALA A 1 73  ? -12.468 0.586   5.636   1.00 37.63 ? 64  ALA A CA  1 
ATOM   451  C C   . ALA A 1 73  ? -12.261 0.311   7.118   1.00 42.03 ? 64  ALA A C   1 
ATOM   452  O O   . ALA A 1 73  ? -11.175 0.542   7.649   1.00 41.78 ? 64  ALA A O   1 
ATOM   453  C CB  . ALA A 1 73  ? -12.028 -0.607  4.802   1.00 39.82 ? 64  ALA A CB  1 
ATOM   454  N N   . ALA A 1 74  ? -13.310 -0.158  7.787   1.00 44.57 ? 65  ALA A N   1 
ATOM   455  C CA  . ALA A 1 74  ? -13.195 -0.584  9.176   1.00 49.64 ? 65  ALA A CA  1 
ATOM   456  C C   . ALA A 1 74  ? -12.223 -1.759  9.256   1.00 45.84 ? 65  ALA A C   1 
ATOM   457  O O   . ALA A 1 74  ? -12.169 -2.573  8.338   1.00 45.41 ? 65  ALA A O   1 
ATOM   458  C CB  . ALA A 1 74  ? -14.561 -0.969  9.734   1.00 46.70 ? 65  ALA A CB  1 
ATOM   459  N N   . PRO A 1 75  ? -11.451 -1.855  10.351  1.00 49.34 ? 66  PRO A N   1 
ATOM   460  C CA  . PRO A 1 75  ? -11.439 -0.965  11.514  1.00 47.50 ? 66  PRO A CA  1 
ATOM   461  C C   . PRO A 1 75  ? -10.351 0.104   11.459  1.00 49.98 ? 66  PRO A C   1 
ATOM   462  O O   . PRO A 1 75  ? -9.888  0.538   12.510  1.00 54.39 ? 66  PRO A O   1 
ATOM   463  C CB  . PRO A 1 75  ? -11.166 -1.931  12.663  1.00 50.03 ? 66  PRO A CB  1 
ATOM   464  C CG  . PRO A 1 75  ? -10.223 -2.929  12.047  1.00 47.32 ? 66  PRO A CG  1 
ATOM   465  C CD  . PRO A 1 75  ? -10.617 -3.048  10.583  1.00 46.54 ? 66  PRO A CD  1 
ATOM   466  N N   . LEU A 1 76  ? -9.951  0.528   10.265  1.00 43.27 ? 67  LEU A N   1 
ATOM   467  C CA  . LEU A 1 76  ? -8.850  1.481   10.148  1.00 43.43 ? 67  LEU A CA  1 
ATOM   468  C C   . LEU A 1 76  ? -9.264  2.902   10.525  1.00 47.57 ? 67  LEU A C   1 
ATOM   469  O O   . LEU A 1 76  ? -10.369 3.343   10.211  1.00 49.00 ? 67  LEU A O   1 
ATOM   470  C CB  . LEU A 1 76  ? -8.282  1.464   8.728   1.00 40.88 ? 67  LEU A CB  1 
ATOM   471  C CG  . LEU A 1 76  ? -7.610  0.158   8.293   1.00 48.01 ? 67  LEU A CG  1 
ATOM   472  C CD1 . LEU A 1 76  ? -7.265  0.218   6.821   1.00 39.20 ? 67  LEU A CD1 1 
ATOM   473  C CD2 . LEU A 1 76  ? -6.355  -0.091  9.113   1.00 40.45 ? 67  LEU A CD2 1 
ATOM   474  N N   . HIS A 1 77  ? -8.367  3.612   11.204  1.00 43.31 ? 68  HIS A N   1 
ATOM   475  C CA  . HIS A 1 77  ? -8.614  4.996   11.593  1.00 49.29 ? 68  HIS A CA  1 
ATOM   476  C C   . HIS A 1 77  ? -7.346  5.824   11.483  1.00 47.65 ? 68  HIS A C   1 
ATOM   477  O O   . HIS A 1 77  ? -6.289  5.435   11.974  1.00 46.75 ? 68  HIS A O   1 
ATOM   478  C CB  . HIS A 1 77  ? -9.162  5.079   13.023  1.00 53.53 ? 68  HIS A CB  1 
ATOM   479  C CG  . HIS A 1 77  ? -10.481 4.394   13.204  1.00 59.86 ? 68  HIS A CG  1 
ATOM   480  N ND1 . HIS A 1 77  ? -11.673 4.951   12.792  1.00 60.77 ? 68  HIS A ND1 1 
ATOM   481  C CD2 . HIS A 1 77  ? -10.797 3.199   13.758  1.00 63.43 ? 68  HIS A CD2 1 
ATOM   482  C CE1 . HIS A 1 77  ? -12.666 4.129   13.083  1.00 60.12 ? 68  HIS A CE1 1 
ATOM   483  N NE2 . HIS A 1 77  ? -12.160 3.057   13.669  1.00 61.23 ? 68  HIS A NE2 1 
ATOM   484  N N   . ARG A 1 78  ? -7.466  6.973   10.829  1.00 45.35 ? 69  ARG A N   1 
ATOM   485  C CA  . ARG A 1 78  ? -6.355  7.897   10.677  1.00 45.64 ? 69  ARG A CA  1 
ATOM   486  C C   . ARG A 1 78  ? -6.118  8.670   11.972  1.00 48.98 ? 69  ARG A C   1 
ATOM   487  O O   . ARG A 1 78  ? -7.064  9.104   12.626  1.00 48.13 ? 69  ARG A O   1 
ATOM   488  C CB  . ARG A 1 78  ? -6.634  8.853   9.519   1.00 44.80 ? 69  ARG A CB  1 
ATOM   489  C CG  . ARG A 1 78  ? -5.619  9.961   9.325   1.00 43.12 ? 69  ARG A CG  1 
ATOM   490  C CD  . ARG A 1 78  ? -6.136  10.948  8.286   1.00 43.94 ? 69  ARG A CD  1 
ATOM   491  N NE  . ARG A 1 78  ? -5.213  12.050  8.042   1.00 45.81 ? 69  ARG A NE  1 
ATOM   492  C CZ  . ARG A 1 78  ? -5.565  13.198  7.474   1.00 48.40 ? 69  ARG A CZ  1 
ATOM   493  N NH1 . ARG A 1 78  ? -6.825  13.394  7.103   1.00 43.60 ? 69  ARG A NH1 1 
ATOM   494  N NH2 . ARG A 1 78  ? -4.664  14.153  7.283   1.00 42.63 ? 69  ARG A NH2 1 
ATOM   495  N N   . ALA A 1 79  ? -4.853  8.835   12.343  1.00 45.64 ? 70  ALA A N   1 
ATOM   496  C CA  . ALA A 1 79  ? -4.512  9.602   13.535  1.00 50.80 ? 70  ALA A CA  1 
ATOM   497  C C   . ALA A 1 79  ? -4.088  11.019  13.163  1.00 52.85 ? 70  ALA A C   1 
ATOM   498  O O   . ALA A 1 79  ? -3.731  11.289  12.015  1.00 45.93 ? 70  ALA A O   1 
ATOM   499  C CB  . ALA A 1 79  ? -3.407  8.905   14.322  1.00 50.24 ? 70  ALA A CB  1 
ATOM   500  N N   . GLU A 1 80  ? -4.133  11.920  14.139  1.00 55.74 ? 71  GLU A N   1 
ATOM   501  C CA  . GLU A 1 80  ? -3.658  13.284  13.950  1.00 55.71 ? 71  GLU A CA  1 
ATOM   502  C C   . GLU A 1 80  ? -2.185  13.279  13.544  1.00 51.96 ? 71  GLU A C   1 
ATOM   503  O O   . GLU A 1 80  ? -1.390  12.488  14.058  1.00 55.80 ? 71  GLU A O   1 
ATOM   504  C CB  . GLU A 1 80  ? -3.857  14.105  15.229  1.00 60.37 ? 71  GLU A CB  1 
ATOM   505  C CG  . GLU A 1 80  ? -4.345  15.536  15.000  1.00 67.62 ? 71  GLU A CG  1 
ATOM   506  C CD  . GLU A 1 80  ? -5.855  15.627  14.835  1.00 74.08 ? 71  GLU A CD  1 
ATOM   507  O OE1 . GLU A 1 80  ? -6.573  14.747  15.358  1.00 72.52 ? 71  GLU A OE1 1 
ATOM   508  O OE2 . GLU A 1 80  ? -6.324  16.586  14.185  1.00 77.39 ? 71  GLU A OE2 1 
ATOM   509  N N   . GLY A 1 81  ? -1.828  14.152  12.608  1.00 53.93 ? 72  GLY A N   1 
ATOM   510  C CA  . GLY A 1 81  ? -0.453  14.260  12.155  1.00 55.64 ? 72  GLY A CA  1 
ATOM   511  C C   . GLY A 1 81  ? -0.111  13.310  11.023  1.00 56.91 ? 72  GLY A C   1 
ATOM   512  O O   . GLY A 1 81  ? 0.998   13.342  10.487  1.00 58.69 ? 72  GLY A O   1 
ATOM   513  N N   . GLU A 1 82  ? -1.059  12.453  10.661  1.00 51.19 ? 73  GLU A N   1 
ATOM   514  C CA  . GLU A 1 82  ? -0.842  11.514  9.567   1.00 48.92 ? 73  GLU A CA  1 
ATOM   515  C C   . GLU A 1 82  ? -1.392  12.087  8.267   1.00 45.93 ? 73  GLU A C   1 
ATOM   516  O O   . GLU A 1 82  ? -2.598  12.282  8.133   1.00 45.61 ? 73  GLU A O   1 
ATOM   517  C CB  . GLU A 1 82  ? -1.482  10.161  9.888   1.00 44.93 ? 73  GLU A CB  1 
ATOM   518  C CG  . GLU A 1 82  ? -0.794  9.445   11.045  1.00 42.57 ? 73  GLU A CG  1 
ATOM   519  C CD  . GLU A 1 82  ? -1.431  8.117   11.392  1.00 45.77 ? 73  GLU A CD  1 
ATOM   520  O OE1 . GLU A 1 82  ? -2.542  7.830   10.896  1.00 44.20 ? 73  GLU A OE1 1 
ATOM   521  O OE2 . GLU A 1 82  ? -0.811  7.353   12.162  1.00 46.30 ? 73  GLU A OE2 1 
ATOM   522  N N   . PRO A 1 83  ? -0.497  12.369  7.307   1.00 44.43 ? 74  PRO A N   1 
ATOM   523  C CA  . PRO A 1 83  ? -0.902  12.943  6.019   1.00 42.63 ? 74  PRO A CA  1 
ATOM   524  C C   . PRO A 1 83  ? -1.849  12.028  5.246   1.00 45.78 ? 74  PRO A C   1 
ATOM   525  O O   . PRO A 1 83  ? -1.834  10.806  5.429   1.00 42.15 ? 74  PRO A O   1 
ATOM   526  C CB  . PRO A 1 83  ? 0.425   13.105  5.268   1.00 40.62 ? 74  PRO A CB  1 
ATOM   527  C CG  . PRO A 1 83  ? 1.479   13.083  6.326   1.00 43.02 ? 74  PRO A CG  1 
ATOM   528  C CD  . PRO A 1 83  ? 0.960   12.174  7.391   1.00 41.28 ? 74  PRO A CD  1 
ATOM   529  N N   . LEU A 1 84  ? -2.678  12.631  4.406   1.00 39.97 ? 75  LEU A N   1 
ATOM   530  C CA  . LEU A 1 84  ? -3.570  11.893  3.522   1.00 42.75 ? 75  LEU A CA  1 
ATOM   531  C C   . LEU A 1 84  ? -3.399  12.471  2.126   1.00 42.54 ? 75  LEU A C   1 
ATOM   532  O O   . LEU A 1 84  ? -3.595  13.669  1.922   1.00 41.75 ? 75  LEU A O   1 
ATOM   533  C CB  . LEU A 1 84  ? -5.027  11.994  3.996   1.00 40.77 ? 75  LEU A CB  1 
ATOM   534  C CG  . LEU A 1 84  ? -6.115  11.141  3.330   1.00 38.76 ? 75  LEU A CG  1 
ATOM   535  C CD1 . LEU A 1 84  ? -7.315  10.994  4.250   1.00 40.27 ? 75  LEU A CD1 1 
ATOM   536  C CD2 . LEU A 1 84  ? -6.558  11.726  1.991   1.00 41.85 ? 75  LEU A CD2 1 
ATOM   537  N N   . VAL A 1 85  ? -3.012  11.625  1.176   1.00 39.18 ? 76  VAL A N   1 
ATOM   538  C CA  . VAL A 1 85  ? -2.805  12.051  -0.205  1.00 37.01 ? 76  VAL A CA  1 
ATOM   539  C C   . VAL A 1 85  ? -3.936  11.534  -1.084  1.00 41.23 ? 76  VAL A C   1 
ATOM   540  O O   . VAL A 1 85  ? -4.277  10.355  -1.032  1.00 42.77 ? 76  VAL A O   1 
ATOM   541  C CB  . VAL A 1 85  ? -1.455  11.548  -0.768  1.00 42.23 ? 76  VAL A CB  1 
ATOM   542  C CG1 . VAL A 1 85  ? -1.291  11.960  -2.226  1.00 39.08 ? 76  VAL A CG1 1 
ATOM   543  C CG2 . VAL A 1 85  ? -0.299  12.075  0.066   1.00 40.16 ? 76  VAL A CG2 1 
ATOM   544  N N   . ARG A 1 86  ? -4.517  12.417  -1.889  1.00 37.23 ? 77  ARG A N   1 
ATOM   545  C CA  . ARG A 1 86  ? -5.626  12.035  -2.756  1.00 39.50 ? 77  ARG A CA  1 
ATOM   546  C C   . ARG A 1 86  ? -5.167  11.924  -4.205  1.00 38.67 ? 77  ARG A C   1 
ATOM   547  O O   . ARG A 1 86  ? -4.377  12.740  -4.677  1.00 39.21 ? 77  ARG A O   1 
ATOM   548  C CB  . ARG A 1 86  ? -6.771  13.039  -2.621  1.00 42.41 ? 77  ARG A CB  1 
ATOM   549  C CG  . ARG A 1 86  ? -7.377  13.047  -1.224  1.00 41.58 ? 77  ARG A CG  1 
ATOM   550  C CD  . ARG A 1 86  ? -8.279  14.249  -1.000  1.00 44.44 ? 77  ARG A CD  1 
ATOM   551  N NE  . ARG A 1 86  ? -9.347  14.323  -1.989  1.00 46.43 ? 77  ARG A NE  1 
ATOM   552  C CZ  . ARG A 1 86  ? -10.323 15.225  -1.963  1.00 51.55 ? 77  ARG A CZ  1 
ATOM   553  N NH1 . ARG A 1 86  ? -10.366 16.129  -0.992  1.00 47.77 ? 77  ARG A NH1 1 
ATOM   554  N NH2 . ARG A 1 86  ? -11.253 15.223  -2.907  1.00 46.50 ? 77  ARG A NH2 1 
ATOM   555  N N   . LYS A 1 87  ? -5.655  10.903  -4.901  1.00 40.45 ? 78  LYS A N   1 
ATOM   556  C CA  . LYS A 1 87  ? -5.183  10.618  -6.248  1.00 40.23 ? 78  LYS A CA  1 
ATOM   557  C C   . LYS A 1 87  ? -6.317  10.207  -7.175  1.00 36.04 ? 78  LYS A C   1 
ATOM   558  O O   . LYS A 1 87  ? -7.396  9.832   -6.721  1.00 38.43 ? 78  LYS A O   1 
ATOM   559  C CB  . LYS A 1 87  ? -4.121  9.517   -6.211  1.00 37.01 ? 78  LYS A CB  1 
ATOM   560  C CG  . LYS A 1 87  ? -4.667  8.135   -5.870  1.00 37.26 ? 78  LYS A CG  1 
ATOM   561  C CD  . LYS A 1 87  ? -3.550  7.095   -5.849  1.00 35.88 ? 78  LYS A CD  1 
ATOM   562  C CE  . LYS A 1 87  ? -4.082  5.702   -5.556  1.00 32.72 ? 78  LYS A CE  1 
ATOM   563  N NZ  . LYS A 1 87  ? -4.879  5.160   -6.698  1.00 35.43 ? 78  LYS A NZ  1 
ATOM   564  N N   . ASN A 1 88  ? -6.055  10.269  -8.476  1.00 36.05 ? 79  ASN A N   1 
ATOM   565  C CA  . ASN A 1 88  ? -7.033  9.863   -9.478  1.00 39.48 ? 79  ASN A CA  1 
ATOM   566  C C   . ASN A 1 88  ? -6.549  8.725   -10.378 1.00 39.98 ? 79  ASN A C   1 
ATOM   567  O O   . ASN A 1 88  ? -7.319  8.205   -11.179 1.00 40.01 ? 79  ASN A O   1 
ATOM   568  C CB  . ASN A 1 88  ? -7.435  11.060  -10.341 1.00 37.43 ? 79  ASN A CB  1 
ATOM   569  C CG  . ASN A 1 88  ? -8.280  12.065  -9.579  1.00 42.66 ? 79  ASN A CG  1 
ATOM   570  O OD1 . ASN A 1 88  ? -9.420  11.782  -9.215  1.00 47.64 ? 79  ASN A OD1 1 
ATOM   571  N ND2 . ASN A 1 88  ? -7.728  13.245  -9.338  1.00 46.02 ? 79  ASN A ND2 1 
ATOM   572  N N   . TYR A 1 89  ? -5.285  8.329   -10.237 1.00 37.23 ? 80  TYR A N   1 
ATOM   573  C CA  . TYR A 1 89  ? -4.726  7.266   -11.080 1.00 39.70 ? 80  TYR A CA  1 
ATOM   574  C C   . TYR A 1 89  ? -4.065  6.159   -10.246 1.00 37.88 ? 80  TYR A C   1 
ATOM   575  O O   . TYR A 1 89  ? -3.879  6.319   -9.042  1.00 36.48 ? 80  TYR A O   1 
ATOM   576  C CB  . TYR A 1 89  ? -3.730  7.866   -12.075 1.00 39.06 ? 80  TYR A CB  1 
ATOM   577  C CG  . TYR A 1 89  ? -4.335  8.997   -12.884 1.00 43.72 ? 80  TYR A CG  1 
ATOM   578  C CD1 . TYR A 1 89  ? -5.050  8.738   -14.050 1.00 42.65 ? 80  TYR A CD1 1 
ATOM   579  C CD2 . TYR A 1 89  ? -4.220  10.320  -12.465 1.00 42.48 ? 80  TYR A CD2 1 
ATOM   580  C CE1 . TYR A 1 89  ? -5.622  9.767   -14.788 1.00 45.73 ? 80  TYR A CE1 1 
ATOM   581  C CE2 . TYR A 1 89  ? -4.790  11.358  -13.195 1.00 45.32 ? 80  TYR A CE2 1 
ATOM   582  C CZ  . TYR A 1 89  ? -5.486  11.074  -14.354 1.00 48.44 ? 80  TYR A CZ  1 
ATOM   583  O OH  . TYR A 1 89  ? -6.049  12.098  -15.081 1.00 49.98 ? 80  TYR A OH  1 
ATOM   584  N N   . ARG A 1 90  ? -3.722  5.040   -10.885 1.00 35.13 ? 81  ARG A N   1 
ATOM   585  C CA  . ARG A 1 90  ? -3.117  3.905   -10.180 1.00 32.50 ? 81  ARG A CA  1 
ATOM   586  C C   . ARG A 1 90  ? -1.799  4.288   -9.514  1.00 36.88 ? 81  ARG A C   1 
ATOM   587  O O   . ARG A 1 90  ? -1.528  3.905   -8.379  1.00 36.23 ? 81  ARG A O   1 
ATOM   588  C CB  . ARG A 1 90  ? -2.887  2.734   -11.140 1.00 34.64 ? 81  ARG A CB  1 
ATOM   589  C CG  . ARG A 1 90  ? -4.168  2.089   -11.647 1.00 34.70 ? 81  ARG A CG  1 
ATOM   590  C CD  . ARG A 1 90  ? -3.875  0.974   -12.641 1.00 34.76 ? 81  ARG A CD  1 
ATOM   591  N NE  . ARG A 1 90  ? -5.103  0.340   -13.113 1.00 34.07 ? 81  ARG A NE  1 
ATOM   592  C CZ  . ARG A 1 90  ? -5.153  -0.543  -14.104 1.00 40.49 ? 81  ARG A CZ  1 
ATOM   593  N NH1 . ARG A 1 90  ? -4.039  -0.907  -14.732 1.00 31.58 ? 81  ARG A NH1 1 
ATOM   594  N NH2 . ARG A 1 90  ? -6.318  -1.067  -14.465 1.00 40.09 ? 81  ARG A NH2 1 
ATOM   595  N N   . ASP A 1 91  ? -0.978  5.036   -10.240 1.00 33.78 ? 82  ASP A N   1 
ATOM   596  C CA  . ASP A 1 91  ? 0.281   5.540   -9.714  1.00 35.95 ? 82  ASP A CA  1 
ATOM   597  C C   . ASP A 1 91  ? -0.001  6.647   -8.701  1.00 38.11 ? 82  ASP A C   1 
ATOM   598  O O   . ASP A 1 91  ? -0.474  7.723   -9.071  1.00 38.83 ? 82  ASP A O   1 
ATOM   599  C CB  . ASP A 1 91  ? 1.155   6.057   -10.864 1.00 33.46 ? 82  ASP A CB  1 
ATOM   600  C CG  . ASP A 1 91  ? 2.578   6.364   -10.436 1.00 35.66 ? 82  ASP A CG  1 
ATOM   601  O OD1 . ASP A 1 91  ? 2.809   6.642   -9.241  1.00 37.46 ? 82  ASP A OD1 1 
ATOM   602  O OD2 . ASP A 1 91  ? 3.468   6.339   -11.310 1.00 39.74 ? 82  ASP A OD2 1 
ATOM   603  N N   . SER A 1 92  ? 0.297   6.392   -7.429  1.00 39.71 ? 83  SER A N   1 
ATOM   604  C CA  . SER A 1 92  ? 0.012   7.365   -6.369  1.00 36.48 ? 83  SER A CA  1 
ATOM   605  C C   . SER A 1 92  ? 0.879   8.622   -6.466  1.00 39.06 ? 83  SER A C   1 
ATOM   606  O O   . SER A 1 92  ? 0.618   9.612   -5.782  1.00 37.32 ? 83  SER A O   1 
ATOM   607  C CB  . SER A 1 92  ? 0.193   6.722   -4.994  1.00 37.25 ? 83  SER A CB  1 
ATOM   608  O OG  . SER A 1 92  ? -0.766  5.703   -4.775  1.00 33.81 ? 83  SER A OG  1 
ATOM   609  N N   . PHE A 1 93  ? 1.904   8.579   -7.312  1.00 37.65 ? 84  PHE A N   1 
ATOM   610  C CA  . PHE A 1 93  ? 2.772   9.732   -7.540  1.00 40.34 ? 84  PHE A CA  1 
ATOM   611  C C   . PHE A 1 93  ? 2.275   10.632  -8.678  1.00 42.72 ? 84  PHE A C   1 
ATOM   612  O O   . PHE A 1 93  ? 2.721   11.770  -8.813  1.00 43.14 ? 84  PHE A O   1 
ATOM   613  C CB  . PHE A 1 93  ? 4.198   9.272   -7.854  1.00 38.89 ? 84  PHE A CB  1 
ATOM   614  C CG  . PHE A 1 93  ? 4.915   8.664   -6.683  1.00 40.62 ? 84  PHE A CG  1 
ATOM   615  C CD1 . PHE A 1 93  ? 4.794   7.313   -6.402  1.00 36.74 ? 84  PHE A CD1 1 
ATOM   616  C CD2 . PHE A 1 93  ? 5.713   9.446   -5.864  1.00 42.20 ? 84  PHE A CD2 1 
ATOM   617  C CE1 . PHE A 1 93  ? 5.458   6.755   -5.325  1.00 39.03 ? 84  PHE A CE1 1 
ATOM   618  C CE2 . PHE A 1 93  ? 6.377   8.894   -4.787  1.00 39.32 ? 84  PHE A CE2 1 
ATOM   619  C CZ  . PHE A 1 93  ? 6.251   7.551   -4.516  1.00 35.06 ? 84  PHE A CZ  1 
ATOM   620  N N   . ALA A 1 94  ? 1.366   10.118  -9.501  1.00 35.84 ? 85  ALA A N   1 
ATOM   621  C CA  . ALA A 1 94  ? 0.938   10.835  -10.702 1.00 39.01 ? 85  ALA A CA  1 
ATOM   622  C C   . ALA A 1 94  ? -0.066  11.939  -10.375 1.00 39.03 ? 85  ALA A C   1 
ATOM   623  O O   . ALA A 1 94  ? -1.197  11.658  -9.982  1.00 37.32 ? 85  ALA A O   1 
ATOM   624  C CB  . ALA A 1 94  ? 0.346   9.866   -11.712 1.00 37.46 ? 85  ALA A CB  1 
ATOM   625  N N   . ASP A 1 95  ? 0.360   13.187  -10.542 1.00 46.16 ? 86  ASP A N   1 
ATOM   626  C CA  . ASP A 1 95  ? -0.489  14.354  -10.293 1.00 46.10 ? 86  ASP A CA  1 
ATOM   627  C C   . ASP A 1 95  ? -0.969  14.423  -8.847  1.00 45.63 ? 86  ASP A C   1 
ATOM   628  O O   . ASP A 1 95  ? -2.123  14.760  -8.589  1.00 47.01 ? 86  ASP A O   1 
ATOM   629  C CB  . ASP A 1 95  ? -1.697  14.346  -11.237 1.00 46.15 ? 86  ASP A CB  1 
ATOM   630  C CG  . ASP A 1 95  ? -2.263  15.727  -11.476 1.00 60.83 ? 86  ASP A CG  1 
ATOM   631  O OD1 . ASP A 1 95  ? -1.828  16.679  -10.795 1.00 60.10 ? 86  ASP A OD1 1 
ATOM   632  O OD2 . ASP A 1 95  ? -3.144  15.858  -12.353 1.00 67.76 ? 86  ASP A OD2 1 
ATOM   633  N N   . THR A 1 96  ? -0.085  14.090  -7.911  1.00 45.01 ? 87  THR A N   1 
ATOM   634  C CA  . THR A 1 96  ? -0.419  14.127  -6.494  1.00 42.25 ? 87  THR A CA  1 
ATOM   635  C C   . THR A 1 96  ? 0.629   14.852  -5.671  1.00 44.72 ? 87  THR A C   1 
ATOM   636  O O   . THR A 1 96  ? 1.684   15.230  -6.179  1.00 44.46 ? 87  THR A O   1 
ATOM   637  C CB  . THR A 1 96  ? -0.556  12.717  -5.889  1.00 42.86 ? 87  THR A CB  1 
ATOM   638  O OG1 . THR A 1 96  ? 0.749   12.145  -5.734  1.00 41.72 ? 87  THR A OG1 1 
ATOM   639  C CG2 . THR A 1 96  ? -1.419  11.826  -6.761  1.00 41.19 ? 87  THR A CG2 1 
ATOM   640  N N   . THR A 1 97  ? 0.335   14.996  -4.383  1.00 44.04 ? 88  THR A N   1 
ATOM   641  C CA  . THR A 1 97  ? 1.248   15.610  -3.426  1.00 46.38 ? 88  THR A CA  1 
ATOM   642  C C   . THR A 1 97  ? 2.110   14.572  -2.705  1.00 46.86 ? 88  THR A C   1 
ATOM   643  O O   . THR A 1 97  ? 2.758   14.888  -1.710  1.00 46.84 ? 88  THR A O   1 
ATOM   644  C CB  . THR A 1 97  ? 0.477   16.419  -2.362  1.00 45.30 ? 88  THR A CB  1 
ATOM   645  O OG1 . THR A 1 97  ? -0.371  15.536  -1.615  1.00 48.71 ? 88  THR A OG1 1 
ATOM   646  C CG2 . THR A 1 97  ? -0.380  17.496  -3.017  1.00 47.07 ? 88  THR A CG2 1 
ATOM   647  N N   . LEU A 1 98  ? 2.113   13.336  -3.201  1.00 45.49 ? 89  LEU A N   1 
ATOM   648  C CA  . LEU A 1 98  ? 2.801   12.248  -2.509  1.00 40.45 ? 89  LEU A CA  1 
ATOM   649  C C   . LEU A 1 98  ? 4.300   12.507  -2.365  1.00 40.47 ? 89  LEU A C   1 
ATOM   650  O O   . LEU A 1 98  ? 4.844   12.404  -1.267  1.00 41.39 ? 89  LEU A O   1 
ATOM   651  C CB  . LEU A 1 98  ? 2.577   10.915  -3.227  1.00 39.23 ? 89  LEU A CB  1 
ATOM   652  C CG  . LEU A 1 98  ? 3.258   9.719   -2.549  1.00 44.02 ? 89  LEU A CG  1 
ATOM   653  C CD1 . LEU A 1 98  ? 2.819   9.607   -1.096  1.00 39.16 ? 89  LEU A CD1 1 
ATOM   654  C CD2 . LEU A 1 98  ? 2.979   8.414   -3.296  1.00 40.23 ? 89  LEU A CD2 1 
ATOM   655  N N   . ARG A 1 99  ? 4.959   12.846  -3.470  1.00 40.27 ? 90  ARG A N   1 
ATOM   656  C CA  . ARG A 1 99  ? 6.404   13.065  -3.454  1.00 45.91 ? 90  ARG A CA  1 
ATOM   657  C C   . ARG A 1 99  ? 6.759   14.203  -2.504  1.00 45.30 ? 90  ARG A C   1 
ATOM   658  O O   . ARG A 1 99  ? 7.697   14.103  -1.721  1.00 46.05 ? 90  ARG A O   1 
ATOM   659  C CB  . ARG A 1 99  ? 6.929   13.367  -4.860  1.00 47.22 ? 90  ARG A CB  1 
ATOM   660  C CG  . ARG A 1 99  ? 8.442   13.532  -4.931  1.00 49.43 ? 90  ARG A CG  1 
ATOM   661  C CD  . ARG A 1 99  ? 9.142   12.340  -4.292  1.00 49.09 ? 90  ARG A CD  1 
ATOM   662  N NE  . ARG A 1 99  ? 10.586  12.526  -4.167  1.00 52.59 ? 90  ARG A NE  1 
ATOM   663  C CZ  . ARG A 1 99  ? 11.482  12.028  -5.013  1.00 52.71 ? 90  ARG A CZ  1 
ATOM   664  N NH1 . ARG A 1 99  ? 12.776  12.245  -4.816  1.00 59.30 ? 90  ARG A NH1 1 
ATOM   665  N NH2 . ARG A 1 99  ? 11.089  11.309  -6.055  1.00 54.30 ? 90  ARG A NH2 1 
ATOM   666  N N   . GLU A 1 100 ? 5.989   15.278  -2.577  1.00 44.82 ? 91  GLU A N   1 
ATOM   667  C CA  . GLU A 1 100 ? 6.175   16.427  -1.701  1.00 49.46 ? 91  GLU A CA  1 
ATOM   668  C C   . GLU A 1 100 ? 6.024   16.044  -0.223  1.00 47.82 ? 91  GLU A C   1 
ATOM   669  O O   . GLU A 1 100 ? 6.815   16.460  0.622   1.00 52.06 ? 91  GLU A O   1 
ATOM   670  C CB  . GLU A 1 100 ? 5.183   17.519  -2.098  1.00 51.71 ? 91  GLU A CB  1 
ATOM   671  C CG  . GLU A 1 100 ? 4.882   18.557  -1.047  1.00 59.94 ? 91  GLU A CG  1 
ATOM   672  C CD  . GLU A 1 100 ? 3.758   19.477  -1.489  1.00 67.20 ? 91  GLU A CD  1 
ATOM   673  O OE1 . GLU A 1 100 ? 3.695   19.797  -2.696  1.00 72.23 ? 91  GLU A OE1 1 
ATOM   674  O OE2 . GLU A 1 100 ? 2.931   19.867  -0.639  1.00 74.00 ? 91  GLU A OE2 1 
ATOM   675  N N   . THR A 1 101 ? 5.018   15.226  0.076   1.00 46.64 ? 92  THR A N   1 
ATOM   676  C CA  . THR A 1 101 ? 4.782   14.742  1.436   1.00 47.48 ? 92  THR A CA  1 
ATOM   677  C C   . THR A 1 101 ? 5.949   13.897  1.957   1.00 50.33 ? 92  THR A C   1 
ATOM   678  O O   . THR A 1 101 ? 6.445   14.099  3.077   1.00 48.82 ? 92  THR A O   1 
ATOM   679  C CB  . THR A 1 101 ? 3.481   13.911  1.496   1.00 46.01 ? 92  THR A CB  1 
ATOM   680  O OG1 . THR A 1 101 ? 2.380   14.721  1.070   1.00 45.30 ? 92  THR A OG1 1 
ATOM   681  C CG2 . THR A 1 101 ? 3.218   13.397  2.902   1.00 43.43 ? 92  THR A CG2 1 
ATOM   682  N N   . LEU A 1 102 ? 6.388   12.953  1.131   1.00 48.57 ? 93  LEU A N   1 
ATOM   683  C CA  . LEU A 1 102 ? 7.478   12.061  1.501   1.00 46.55 ? 93  LEU A CA  1 
ATOM   684  C C   . LEU A 1 102 ? 8.780   12.836  1.693   1.00 48.54 ? 93  LEU A C   1 
ATOM   685  O O   . LEU A 1 102 ? 9.522   12.593  2.645   1.00 47.58 ? 93  LEU A O   1 
ATOM   686  C CB  . LEU A 1 102 ? 7.653   10.965  0.443   1.00 45.28 ? 93  LEU A CB  1 
ATOM   687  C CG  . LEU A 1 102 ? 6.453   10.023  0.259   1.00 43.55 ? 93  LEU A CG  1 
ATOM   688  C CD1 . LEU A 1 102 ? 6.704   9.014   -0.866  1.00 40.29 ? 93  LEU A CD1 1 
ATOM   689  C CD2 . LEU A 1 102 ? 6.121   9.310   1.560   1.00 39.48 ? 93  LEU A CD2 1 
ATOM   690  N N   . ASP A 1 103 ? 9.051   13.768  0.784   1.00 48.02 ? 94  ASP A N   1 
ATOM   691  C CA  . ASP A 1 103 ? 10.236  14.613  0.870   1.00 49.51 ? 94  ASP A CA  1 
ATOM   692  C C   . ASP A 1 103 ? 10.207  15.461  2.134   1.00 51.15 ? 94  ASP A C   1 
ATOM   693  O O   . ASP A 1 103 ? 11.226  15.624  2.799   1.00 53.26 ? 94  ASP A O   1 
ATOM   694  C CB  . ASP A 1 103 ? 10.352  15.512  -0.361  1.00 47.08 ? 94  ASP A CB  1 
ATOM   695  C CG  . ASP A 1 103 ? 10.862  14.769  -1.579  1.00 49.97 ? 94  ASP A CG  1 
ATOM   696  O OD1 . ASP A 1 103 ? 11.362  13.634  -1.421  1.00 51.31 ? 94  ASP A OD1 1 
ATOM   697  O OD2 . ASP A 1 103 ? 10.779  15.322  -2.693  1.00 52.09 ? 94  ASP A OD2 1 
ATOM   698  N N   . GLU A 1 104 ? 9.032   15.996  2.458   1.00 51.93 ? 95  GLU A N   1 
ATOM   699  C CA  . GLU A 1 104 ? 8.851   16.752  3.692   1.00 54.00 ? 95  GLU A CA  1 
ATOM   700  C C   . GLU A 1 104 ? 9.193   15.878  4.888   1.00 56.25 ? 95  GLU A C   1 
ATOM   701  O O   . GLU A 1 104 ? 9.803   16.342  5.852   1.00 53.49 ? 95  GLU A O   1 
ATOM   702  C CB  . GLU A 1 104 ? 7.427   17.274  3.802   1.00 53.62 ? 95  GLU A CB  1 
ATOM   703  N N   . LEU A 1 105 ? 8.807   14.606  4.818   1.00 51.26 ? 96  LEU A N   1 
ATOM   704  C CA  . LEU A 1 105 ? 9.155   13.660  5.875   1.00 50.96 ? 96  LEU A CA  1 
ATOM   705  C C   . LEU A 1 105 ? 10.603  13.177  5.767   1.00 52.50 ? 96  LEU A C   1 
ATOM   706  O O   . LEU A 1 105 ? 11.136  12.596  6.708   1.00 55.66 ? 96  LEU A O   1 
ATOM   707  C CB  . LEU A 1 105 ? 8.209   12.455  5.850   1.00 52.58 ? 96  LEU A CB  1 
ATOM   708  C CG  . LEU A 1 105 ? 6.766   12.706  6.285   1.00 54.37 ? 96  LEU A CG  1 
ATOM   709  C CD1 . LEU A 1 105 ? 5.904   11.486  6.000   1.00 50.82 ? 96  LEU A CD1 1 
ATOM   710  C CD2 . LEU A 1 105 ? 6.706   13.074  7.763   1.00 54.39 ? 96  LEU A CD2 1 
ATOM   711  N N   . GLY A 1 106 ? 11.236  13.412  4.622   1.00 50.15 ? 97  GLY A N   1 
ATOM   712  C CA  . GLY A 1 106 ? 12.588  12.929  4.396   1.00 48.37 ? 97  GLY A CA  1 
ATOM   713  C C   . GLY A 1 106 ? 12.649  11.420  4.206   1.00 51.83 ? 97  GLY A C   1 
ATOM   714  O O   . GLY A 1 106 ? 13.641  10.778  4.550   1.00 46.44 ? 97  GLY A O   1 
ATOM   715  N N   . ALA A 1 107 ? 11.585  10.851  3.653   1.00 49.91 ? 98  ALA A N   1 
ATOM   716  C CA  . ALA A 1 107 ? 11.480  9.403   3.490   1.00 44.25 ? 98  ALA A CA  1 
ATOM   717  C C   . ALA A 1 107 ? 12.519  8.853   2.519   1.00 44.73 ? 98  ALA A C   1 
ATOM   718  O O   . ALA A 1 107 ? 12.767  9.437   1.468   1.00 48.39 ? 98  ALA A O   1 
ATOM   719  C CB  . ALA A 1 107 ? 10.081  9.026   3.023   1.00 41.96 ? 98  ALA A CB  1 
ATOM   720  N N   . THR A 1 108 ? 13.118  7.725   2.884   1.00 43.26 ? 99  THR A N   1 
ATOM   721  C CA  . THR A 1 108 ? 14.052  7.017   2.013   1.00 41.79 ? 99  THR A CA  1 
ATOM   722  C C   . THR A 1 108 ? 13.591  5.579   1.789   1.00 42.16 ? 99  THR A C   1 
ATOM   723  O O   . THR A 1 108 ? 14.037  4.908   0.859   1.00 44.87 ? 99  THR A O   1 
ATOM   724  C CB  . THR A 1 108 ? 15.470  6.981   2.601   1.00 44.03 ? 99  THR A CB  1 
ATOM   725  O OG1 . THR A 1 108 ? 15.458  6.201   3.804   1.00 47.16 ? 99  THR A OG1 1 
ATOM   726  C CG2 . THR A 1 108 ? 15.971  8.389   2.906   1.00 50.91 ? 99  THR A CG2 1 
ATOM   727  N N   . HIS A 1 109 ? 12.706  5.115   2.663   1.00 40.37 ? 100 HIS A N   1 
ATOM   728  C CA  . HIS A 1 109 ? 12.254  3.731   2.671   1.00 42.70 ? 100 HIS A CA  1 
ATOM   729  C C   . HIS A 1 109 ? 10.742  3.684   2.855   1.00 44.57 ? 100 HIS A C   1 
ATOM   730  O O   . HIS A 1 109 ? 10.212  4.222   3.829   1.00 44.17 ? 100 HIS A O   1 
ATOM   731  C CB  . HIS A 1 109 ? 12.967  2.951   3.784   1.00 44.48 ? 100 HIS A CB  1 
ATOM   732  C CG  . HIS A 1 109 ? 12.442  1.563   3.992   1.00 45.17 ? 100 HIS A CG  1 
ATOM   733  N ND1 . HIS A 1 109 ? 12.125  1.068   5.240   1.00 47.53 ? 100 HIS A ND1 1 
ATOM   734  C CD2 . HIS A 1 109 ? 12.193  0.561   3.115   1.00 42.65 ? 100 HIS A CD2 1 
ATOM   735  C CE1 . HIS A 1 109 ? 11.697  -0.177  5.122   1.00 45.67 ? 100 HIS A CE1 1 
ATOM   736  N NE2 . HIS A 1 109 ? 11.727  -0.509  3.842   1.00 43.91 ? 100 HIS A NE2 1 
ATOM   737  N N   . LEU A 1 110 ? 10.045  3.051   1.914   1.00 42.03 ? 101 LEU A N   1 
ATOM   738  C CA  . LEU A 1 110 ? 8.593   2.962   1.988   1.00 38.73 ? 101 LEU A CA  1 
ATOM   739  C C   . LEU A 1 110 ? 8.137   1.543   2.312   1.00 40.08 ? 101 LEU A C   1 
ATOM   740  O O   . LEU A 1 110 ? 8.507   0.592   1.625   1.00 36.46 ? 101 LEU A O   1 
ATOM   741  C CB  . LEU A 1 110 ? 7.958   3.425   0.671   1.00 40.72 ? 101 LEU A CB  1 
ATOM   742  C CG  . LEU A 1 110 ? 8.420   4.780   0.133   1.00 38.08 ? 101 LEU A CG  1 
ATOM   743  C CD1 . LEU A 1 110 ? 7.619   5.169   -1.102  1.00 35.73 ? 101 LEU A CD1 1 
ATOM   744  C CD2 . LEU A 1 110 ? 8.314   5.852   1.210   1.00 39.61 ? 101 LEU A CD2 1 
ATOM   745  N N   . VAL A 1 111 ? 7.329   1.415   3.359   1.00 37.92 ? 102 VAL A N   1 
ATOM   746  C CA  . VAL A 1 111 ? 6.720   0.141   3.728   1.00 36.64 ? 102 VAL A CA  1 
ATOM   747  C C   . VAL A 1 111 ? 5.271   0.134   3.258   1.00 42.62 ? 102 VAL A C   1 
ATOM   748  O O   . VAL A 1 111 ? 4.443   0.883   3.776   1.00 38.14 ? 102 VAL A O   1 
ATOM   749  C CB  . VAL A 1 111 ? 6.787   -0.098  5.251   1.00 39.22 ? 102 VAL A CB  1 
ATOM   750  C CG1 . VAL A 1 111 ? 5.965   -1.305  5.638   1.00 38.68 ? 102 VAL A CG1 1 
ATOM   751  C CG2 . VAL A 1 111 ? 8.230   -0.261  5.700   1.00 40.09 ? 102 VAL A CG2 1 
ATOM   752  N N   . ILE A 1 112 ? 4.962   -0.709  2.278   1.00 36.56 ? 103 ILE A N   1 
ATOM   753  C CA  . ILE A 1 112 ? 3.685   -0.595  1.582   1.00 37.44 ? 103 ILE A CA  1 
ATOM   754  C C   . ILE A 1 112 ? 2.654   -1.662  1.949   1.00 41.10 ? 103 ILE A C   1 
ATOM   755  O O   . ILE A 1 112 ? 2.928   -2.862  1.889   1.00 37.33 ? 103 ILE A O   1 
ATOM   756  C CB  . ILE A 1 112 ? 3.899   -0.626  0.055   1.00 39.62 ? 103 ILE A CB  1 
ATOM   757  C CG1 . ILE A 1 112 ? 4.712   0.597   -0.378  1.00 37.55 ? 103 ILE A CG1 1 
ATOM   758  C CG2 . ILE A 1 112 ? 2.563   -0.676  -0.675  1.00 36.16 ? 103 ILE A CG2 1 
ATOM   759  C CD1 . ILE A 1 112 ? 4.946   0.689   -1.861  1.00 37.65 ? 103 ILE A CD1 1 
ATOM   760  N N   . THR A 1 113 ? 1.471   -1.191  2.341   1.00 37.68 ? 104 THR A N   1 
ATOM   761  C CA  . THR A 1 113 ? 0.279   -2.018  2.502   1.00 35.25 ? 104 THR A CA  1 
ATOM   762  C C   . THR A 1 113 ? -0.840  -1.359  1.695   1.00 36.18 ? 104 THR A C   1 
ATOM   763  O O   . THR A 1 113 ? -0.816  -0.144  1.502   1.00 37.45 ? 104 THR A O   1 
ATOM   764  C CB  . THR A 1 113 ? -0.142  -2.155  3.987   1.00 37.76 ? 104 THR A CB  1 
ATOM   765  O OG1 . THR A 1 113 ? -1.411  -2.815  4.078   1.00 37.64 ? 104 THR A OG1 1 
ATOM   766  C CG2 . THR A 1 113 ? -0.251  -0.782  4.646   1.00 33.48 ? 104 THR A CG2 1 
ATOM   767  N N   . GLY A 1 114 ? -1.806  -2.135  1.209   1.00 36.21 ? 105 GLY A N   1 
ATOM   768  C CA  . GLY A 1 114 ? -2.926  -1.530  0.506   1.00 37.53 ? 105 GLY A CA  1 
ATOM   769  C C   . GLY A 1 114 ? -3.701  -2.395  -0.473  1.00 36.68 ? 105 GLY A C   1 
ATOM   770  O O   . GLY A 1 114 ? -3.591  -3.615  -0.471  1.00 35.59 ? 105 GLY A O   1 
ATOM   771  N N   . ALA A 1 115 ? -4.499  -1.741  -1.311  1.00 35.44 ? 106 ALA A N   1 
ATOM   772  C CA  . ALA A 1 115 ? -5.316  -2.422  -2.310  1.00 35.45 ? 106 ALA A CA  1 
ATOM   773  C C   . ALA A 1 115 ? -5.515  -1.484  -3.505  1.00 36.65 ? 106 ALA A C   1 
ATOM   774  O O   . ALA A 1 115 ? -5.519  -0.268  -3.327  1.00 38.36 ? 106 ALA A O   1 
ATOM   775  C CB  . ALA A 1 115 ? -6.660  -2.839  -1.702  1.00 35.33 ? 106 ALA A CB  1 
ATOM   776  N N   . GLN A 1 116 ? -5.667  -2.020  -4.717  1.00 35.49 ? 107 GLN A N   1 
ATOM   777  C CA  . GLN A 1 116 ? -5.630  -3.452  -4.985  1.00 35.61 ? 107 GLN A CA  1 
ATOM   778  C C   . GLN A 1 116 ? -4.242  -3.877  -5.443  1.00 36.15 ? 107 GLN A C   1 
ATOM   779  O O   . GLN A 1 116 ? -3.535  -3.107  -6.095  1.00 35.20 ? 107 GLN A O   1 
ATOM   780  C CB  . GLN A 1 116 ? -6.688  -3.823  -6.033  1.00 35.71 ? 107 GLN A CB  1 
ATOM   781  C CG  . GLN A 1 116 ? -8.114  -3.578  -5.543  1.00 36.78 ? 107 GLN A CG  1 
ATOM   782  C CD  . GLN A 1 116 ? -9.162  -3.702  -6.630  1.00 39.47 ? 107 GLN A CD  1 
ATOM   783  O OE1 . GLN A 1 116 ? -10.164 -2.990  -6.617  1.00 53.95 ? 107 GLN A OE1 1 
ATOM   784  N NE2 . GLN A 1 116 ? -8.950  -4.617  -7.568  1.00 42.93 ? 107 GLN A NE2 1 
ATOM   785  N N   . SER A 1 117 ? -3.862  -5.103  -5.081  1.00 35.18 ? 108 SER A N   1 
ATOM   786  C CA  . SER A 1 117 ? -2.540  -5.654  -5.381  1.00 33.93 ? 108 SER A CA  1 
ATOM   787  C C   . SER A 1 117 ? -2.063  -5.381  -6.804  1.00 37.93 ? 108 SER A C   1 
ATOM   788  O O   . SER A 1 117 ? -0.935  -4.928  -7.011  1.00 33.78 ? 108 SER A O   1 
ATOM   789  C CB  . SER A 1 117 ? -2.529  -7.171  -5.143  1.00 35.60 ? 108 SER A CB  1 
ATOM   790  O OG  . SER A 1 117 ? -3.003  -7.497  -3.846  1.00 37.10 ? 108 SER A OG  1 
ATOM   791  N N   . ASP A 1 118 ? -2.921  -5.661  -7.783  1.00 32.72 ? 109 ASP A N   1 
ATOM   792  C CA  . ASP A 1 118 ? -2.490  -5.635  -9.176  1.00 34.45 ? 109 ASP A CA  1 
ATOM   793  C C   . ASP A 1 118 ? -2.720  -4.297  -9.870  1.00 34.29 ? 109 ASP A C   1 
ATOM   794  O O   . ASP A 1 118 ? -2.390  -4.149  -11.043 1.00 35.82 ? 109 ASP A O   1 
ATOM   795  C CB  . ASP A 1 118 ? -3.180  -6.755  -9.977  1.00 34.11 ? 109 ASP A CB  1 
ATOM   796  C CG  . ASP A 1 118 ? -4.672  -6.883  -9.672  1.00 35.96 ? 109 ASP A CG  1 
ATOM   797  O OD1 . ASP A 1 118 ? -5.155  -6.267  -8.698  1.00 34.88 ? 109 ASP A OD1 1 
ATOM   798  O OD2 . ASP A 1 118 ? -5.357  -7.630  -10.408 1.00 36.34 ? 109 ASP A OD2 1 
ATOM   799  N N   . PHE A 1 119 ? -3.267  -3.317  -9.163  1.00 34.75 ? 110 PHE A N   1 
ATOM   800  C CA  . PHE A 1 119 ? -3.518  -2.038  -9.808  1.00 34.86 ? 110 PHE A CA  1 
ATOM   801  C C   . PHE A 1 119 ? -2.771  -0.903  -9.113  1.00 34.61 ? 110 PHE A C   1 
ATOM   802  O O   . PHE A 1 119 ? -1.649  -0.590  -9.491  1.00 33.65 ? 110 PHE A O   1 
ATOM   803  C CB  . PHE A 1 119 ? -5.022  -1.776  -9.871  1.00 36.39 ? 110 PHE A CB  1 
ATOM   804  C CG  . PHE A 1 119 ? -5.781  -2.840  -10.622 1.00 34.52 ? 110 PHE A CG  1 
ATOM   805  C CD1 . PHE A 1 119 ? -5.561  -3.038  -11.974 1.00 35.15 ? 110 PHE A CD1 1 
ATOM   806  C CD2 . PHE A 1 119 ? -6.709  -3.644  -9.978  1.00 38.07 ? 110 PHE A CD2 1 
ATOM   807  C CE1 . PHE A 1 119 ? -6.252  -4.016  -12.677 1.00 39.40 ? 110 PHE A CE1 1 
ATOM   808  C CE2 . PHE A 1 119 ? -7.404  -4.627  -10.672 1.00 38.55 ? 110 PHE A CE2 1 
ATOM   809  C CZ  . PHE A 1 119 ? -7.176  -4.810  -12.025 1.00 38.63 ? 110 PHE A CZ  1 
ATOM   810  N N   . CYS A 1 120 ? -3.376  -0.297  -8.097  1.00 34.15 ? 111 CYS A N   1 
ATOM   811  C CA  . CYS A 1 120 ? -2.749  0.843   -7.436  1.00 36.15 ? 111 CYS A CA  1 
ATOM   812  C C   . CYS A 1 120 ? -1.490  0.438   -6.664  1.00 36.40 ? 111 CYS A C   1 
ATOM   813  O O   . CYS A 1 120 ? -0.498  1.164   -6.661  1.00 35.78 ? 111 CYS A O   1 
ATOM   814  C CB  . CYS A 1 120 ? -3.756  1.529   -6.507  1.00 39.13 ? 111 CYS A CB  1 
ATOM   815  S SG  . CYS A 1 120 ? -5.264  2.065   -7.385  1.00 46.32 ? 111 CYS A SG  1 
ATOM   816  N N   . VAL A 1 121 ? -1.523  -0.725  -6.020  1.00 32.80 ? 112 VAL A N   1 
ATOM   817  C CA  . VAL A 1 121 ? -0.363  -1.193  -5.266  1.00 34.03 ? 112 VAL A CA  1 
ATOM   818  C C   . VAL A 1 121 ? 0.806   -1.506  -6.206  1.00 34.14 ? 112 VAL A C   1 
ATOM   819  O O   . VAL A 1 121 ? 1.907   -0.996  -6.024  1.00 34.58 ? 112 VAL A O   1 
ATOM   820  C CB  . VAL A 1 121 ? -0.705  -2.432  -4.410  1.00 34.30 ? 112 VAL A CB  1 
ATOM   821  C CG1 . VAL A 1 121 ? 0.542   -2.958  -3.700  1.00 33.24 ? 112 VAL A CG1 1 
ATOM   822  C CG2 . VAL A 1 121 ? -1.785  -2.078  -3.384  1.00 32.62 ? 112 VAL A CG2 1 
ATOM   823  N N   . ARG A 1 122 ? 0.553   -2.334  -7.214  1.00 34.19 ? 113 ARG A N   1 
ATOM   824  C CA  . ARG A 1 122 ? 1.548   -2.667  -8.237  1.00 34.89 ? 113 ARG A CA  1 
ATOM   825  C C   . ARG A 1 122 ? 2.191   -1.417  -8.864  1.00 35.70 ? 113 ARG A C   1 
ATOM   826  O O   . ARG A 1 122 ? 3.429   -1.266  -8.918  1.00 37.69 ? 113 ARG A O   1 
ATOM   827  C CB  . ARG A 1 122 ? 0.880   -3.532  -9.322  1.00 34.36 ? 113 ARG A CB  1 
ATOM   828  C CG  . ARG A 1 122 ? 1.634   -3.655  -10.646 1.00 37.64 ? 113 ARG A CG  1 
ATOM   829  C CD  . ARG A 1 122 ? 0.969   -4.697  -11.562 1.00 39.78 ? 113 ARG A CD  1 
ATOM   830  N NE  . ARG A 1 122 ? 1.626   -4.824  -12.865 1.00 37.41 ? 113 ARG A NE  1 
ATOM   831  C CZ  . ARG A 1 122 ? 1.501   -5.878  -13.669 1.00 38.99 ? 113 ARG A CZ  1 
ATOM   832  N NH1 . ARG A 1 122 ? 0.757   -6.919  -13.307 1.00 36.65 ? 113 ARG A NH1 1 
ATOM   833  N NH2 . ARG A 1 122 ? 2.133   -5.901  -14.830 1.00 39.42 ? 113 ARG A NH2 1 
ATOM   834  N N   . THR A 1 123 ? 1.334   -0.505  -9.311  1.00 33.71 ? 114 THR A N   1 
ATOM   835  C CA  . THR A 1 123 ? 1.789   0.665   -10.046 1.00 32.11 ? 114 THR A CA  1 
ATOM   836  C C   . THR A 1 123 ? 2.561   1.624   -9.131  1.00 34.28 ? 114 THR A C   1 
ATOM   837  O O   . THR A 1 123 ? 3.616   2.152   -9.511  1.00 34.85 ? 114 THR A O   1 
ATOM   838  C CB  . THR A 1 123 ? 0.600   1.391   -10.710 1.00 34.04 ? 114 THR A CB  1 
ATOM   839  O OG1 . THR A 1 123 ? -0.210  0.434   -11.415 1.00 32.43 ? 114 THR A OG1 1 
ATOM   840  C CG2 . THR A 1 123 ? 1.103   2.440   -11.691 1.00 34.22 ? 114 THR A CG2 1 
ATOM   841  N N   . THR A 1 124 ? 2.054   1.826   -7.917  1.00 34.41 ? 115 THR A N   1 
ATOM   842  C CA  . THR A 1 124 ? 2.709   2.731   -6.976  1.00 34.31 ? 115 THR A CA  1 
ATOM   843  C C   . THR A 1 124 ? 4.040   2.173   -6.469  1.00 36.87 ? 115 THR A C   1 
ATOM   844  O O   . THR A 1 124 ? 5.021   2.901   -6.399  1.00 36.28 ? 115 THR A O   1 
ATOM   845  C CB  . THR A 1 124 ? 1.808   3.044   -5.769  1.00 34.23 ? 115 THR A CB  1 
ATOM   846  O OG1 . THR A 1 124 ? 0.629   3.726   -6.219  1.00 35.17 ? 115 THR A OG1 1 
ATOM   847  C CG2 . THR A 1 124 ? 2.541   3.918   -4.764  1.00 36.20 ? 115 THR A CG2 1 
ATOM   848  N N   . MET A 1 125 ? 4.078   0.888   -6.116  1.00 35.92 ? 116 MET A N   1 
ATOM   849  C CA  . MET A 1 125 ? 5.305   0.303   -5.581  1.00 37.79 ? 116 MET A CA  1 
ATOM   850  C C   . MET A 1 125 ? 6.397   0.294   -6.644  1.00 38.04 ? 116 MET A C   1 
ATOM   851  O O   . MET A 1 125 ? 7.558   0.611   -6.351  1.00 37.26 ? 116 MET A O   1 
ATOM   852  C CB  . MET A 1 125 ? 5.061   -1.114  -5.034  1.00 37.77 ? 116 MET A CB  1 
ATOM   853  C CG  . MET A 1 125 ? 4.857   -2.220  -6.062  1.00 33.71 ? 116 MET A CG  1 
ATOM   854  S SD  . MET A 1 125 ? 4.436   -3.797  -5.275  1.00 36.61 ? 116 MET A SD  1 
ATOM   855  C CE  . MET A 1 125 ? 4.610   -4.922  -6.656  1.00 32.95 ? 116 MET A CE  1 
ATOM   856  N N   . GLN A 1 126 ? 6.034   -0.030  -7.886  1.00 35.97 ? 117 GLN A N   1 
ATOM   857  C CA  . GLN A 1 126 ? 7.044   -0.007  -8.938  1.00 38.58 ? 117 GLN A CA  1 
ATOM   858  C C   . GLN A 1 126 ? 7.483   1.426   -9.270  1.00 38.86 ? 117 GLN A C   1 
ATOM   859  O O   . GLN A 1 126 ? 8.656   1.665   -9.587  1.00 39.26 ? 117 GLN A O   1 
ATOM   860  C CB  . GLN A 1 126 ? 6.536   -0.738  -10.178 1.00 38.92 ? 117 GLN A CB  1 
ATOM   861  C CG  . GLN A 1 126 ? 6.633   -2.246  -10.012 1.00 36.44 ? 117 GLN A CG  1 
ATOM   862  C CD  . GLN A 1 126 ? 6.053   -3.016  -11.172 1.00 36.96 ? 117 GLN A CD  1 
ATOM   863  O OE1 . GLN A 1 126 ? 5.270   -3.944  -10.976 1.00 35.60 ? 117 GLN A OE1 1 
ATOM   864  N NE2 . GLN A 1 126 ? 6.441   -2.647  -12.386 1.00 35.50 ? 117 GLN A NE2 1 
ATOM   865  N N   . ARG A 1 127 ? 6.559   2.382   -9.172  1.00 36.45 ? 118 ARG A N   1 
ATOM   866  C CA  . ARG A 1 127 ? 6.934   3.789   -9.353  1.00 36.91 ? 118 ARG A CA  1 
ATOM   867  C C   . ARG A 1 127 ? 7.923   4.222   -8.269  1.00 38.13 ? 118 ARG A C   1 
ATOM   868  O O   . ARG A 1 127 ? 8.907   4.908   -8.546  1.00 38.25 ? 118 ARG A O   1 
ATOM   869  C CB  . ARG A 1 127 ? 5.697   4.694   -9.338  1.00 37.18 ? 118 ARG A CB  1 
ATOM   870  C CG  . ARG A 1 127 ? 6.010   6.193   -9.332  1.00 38.95 ? 118 ARG A CG  1 
ATOM   871  C CD  . ARG A 1 127 ? 6.729   6.651   -10.595 1.00 38.79 ? 118 ARG A CD  1 
ATOM   872  N NE  . ARG A 1 127 ? 6.984   8.094   -10.587 1.00 39.60 ? 118 ARG A NE  1 
ATOM   873  C CZ  . ARG A 1 127 ? 6.167   9.004   -11.113 1.00 43.81 ? 118 ARG A CZ  1 
ATOM   874  N NH1 . ARG A 1 127 ? 5.040   8.625   -11.700 1.00 37.96 ? 118 ARG A NH1 1 
ATOM   875  N NH2 . ARG A 1 127 ? 6.477   10.294  -11.056 1.00 42.77 ? 118 ARG A NH2 1 
ATOM   876  N N   . ALA A 1 128 ? 7.655   3.808   -7.035  1.00 37.10 ? 119 ALA A N   1 
ATOM   877  C CA  . ALA A 1 128 ? 8.531   4.120   -5.910  1.00 38.52 ? 119 ALA A CA  1 
ATOM   878  C C   . ALA A 1 128 ? 9.920   3.564   -6.156  1.00 42.06 ? 119 ALA A C   1 
ATOM   879  O O   . ALA A 1 128 ? 10.917  4.252   -5.922  1.00 40.84 ? 119 ALA A O   1 
ATOM   880  C CB  . ALA A 1 128 ? 7.960   3.568   -4.616  1.00 37.59 ? 119 ALA A CB  1 
ATOM   881  N N   . ALA A 1 129 ? 9.981   2.321   -6.632  1.00 35.19 ? 120 ALA A N   1 
ATOM   882  C CA  . ALA A 1 129 ? 11.267  1.709   -6.956  1.00 39.70 ? 120 ALA A CA  1 
ATOM   883  C C   . ALA A 1 129 ? 11.997  2.544   -7.997  1.00 39.28 ? 120 ALA A C   1 
ATOM   884  O O   . ALA A 1 129 ? 13.176  2.871   -7.827  1.00 38.26 ? 120 ALA A O   1 
ATOM   885  C CB  . ALA A 1 129 ? 11.078  0.283   -7.457  1.00 31.91 ? 120 ALA A CB  1 
ATOM   886  N N   . ALA A 1 130 ? 11.284  2.896   -9.064  1.00 35.95 ? 121 ALA A N   1 
ATOM   887  C CA  . ALA A 1 130 ? 11.851  3.707   -10.137 1.00 40.87 ? 121 ALA A CA  1 
ATOM   888  C C   . ALA A 1 130 ? 12.399  5.039   -9.617  1.00 41.52 ? 121 ALA A C   1 
ATOM   889  O O   . ALA A 1 130 ? 13.463  5.486   -10.043 1.00 41.28 ? 121 ALA A O   1 
ATOM   890  C CB  . ALA A 1 130 ? 10.804  3.954   -11.226 1.00 37.30 ? 121 ALA A CB  1 
ATOM   891  N N   . GLU A 1 131 ? 11.671  5.658   -8.690  1.00 38.60 ? 122 GLU A N   1 
ATOM   892  C CA  . GLU A 1 131 ? 12.063  6.950   -8.127  1.00 42.26 ? 122 GLU A CA  1 
ATOM   893  C C   . GLU A 1 131 ? 13.319  6.872   -7.255  1.00 42.84 ? 122 GLU A C   1 
ATOM   894  O O   . GLU A 1 131 ? 13.922  7.895   -6.949  1.00 48.40 ? 122 GLU A O   1 
ATOM   895  C CB  . GLU A 1 131 ? 10.913  7.546   -7.310  1.00 38.64 ? 122 GLU A CB  1 
ATOM   896  C CG  . GLU A 1 131 ? 9.702   7.956   -8.133  1.00 42.07 ? 122 GLU A CG  1 
ATOM   897  C CD  . GLU A 1 131 ? 9.891   9.285   -8.849  1.00 49.82 ? 122 GLU A CD  1 
ATOM   898  O OE1 . GLU A 1 131 ? 8.948   9.729   -9.536  1.00 45.59 ? 122 GLU A OE1 1 
ATOM   899  O OE2 . GLU A 1 131 ? 10.977  9.886   -8.726  1.00 54.01 ? 122 GLU A OE2 1 
ATOM   900  N N   . GLY A 1 132 ? 13.705  5.665   -6.850  1.00 42.37 ? 123 GLY A N   1 
ATOM   901  C CA  . GLY A 1 132 ? 14.929  5.477   -6.087  1.00 43.00 ? 123 GLY A CA  1 
ATOM   902  C C   . GLY A 1 132 ? 14.746  5.057   -4.637  1.00 45.05 ? 123 GLY A C   1 
ATOM   903  O O   . GLY A 1 132 ? 15.722  4.881   -3.911  1.00 46.03 ? 123 GLY A O   1 
ATOM   904  N N   . TYR A 1 133 ? 13.500  4.895   -4.205  1.00 42.57 ? 124 TYR A N   1 
ATOM   905  C CA  . TYR A 1 133 ? 13.228  4.487   -2.831  1.00 39.21 ? 124 TYR A CA  1 
ATOM   906  C C   . TYR A 1 133 ? 13.661  3.054   -2.533  1.00 42.48 ? 124 TYR A C   1 
ATOM   907  O O   . TYR A 1 133 ? 13.666  2.201   -3.422  1.00 39.17 ? 124 TYR A O   1 
ATOM   908  C CB  . TYR A 1 133 ? 11.736  4.618   -2.518  1.00 39.77 ? 124 TYR A CB  1 
ATOM   909  C CG  . TYR A 1 133 ? 11.238  6.039   -2.444  1.00 40.51 ? 124 TYR A CG  1 
ATOM   910  C CD1 . TYR A 1 133 ? 11.384  6.785   -1.281  1.00 43.24 ? 124 TYR A CD1 1 
ATOM   911  C CD2 . TYR A 1 133 ? 10.622  6.636   -3.535  1.00 39.33 ? 124 TYR A CD2 1 
ATOM   912  C CE1 . TYR A 1 133 ? 10.927  8.088   -1.203  1.00 41.95 ? 124 TYR A CE1 1 
ATOM   913  C CE2 . TYR A 1 133 ? 10.161  7.939   -3.468  1.00 41.88 ? 124 TYR A CE2 1 
ATOM   914  C CZ  . TYR A 1 133 ? 10.317  8.660   -2.300  1.00 42.96 ? 124 TYR A CZ  1 
ATOM   915  O OH  . TYR A 1 133 ? 9.862   9.958   -2.226  1.00 46.26 ? 124 TYR A OH  1 
ATOM   916  N N   . ASP A 1 134 ? 14.029  2.801   -1.280  1.00 41.66 ? 125 ASP A N   1 
ATOM   917  C CA  . ASP A 1 134 ? 14.005  1.443   -0.750  1.00 42.01 ? 125 ASP A CA  1 
ATOM   918  C C   . ASP A 1 134 ? 12.543  1.115   -0.503  1.00 41.98 ? 125 ASP A C   1 
ATOM   919  O O   . ASP A 1 134 ? 11.790  1.962   -0.020  1.00 39.70 ? 125 ASP A O   1 
ATOM   920  C CB  . ASP A 1 134 ? 14.810  1.312   0.546   1.00 42.46 ? 125 ASP A CB  1 
ATOM   921  C CG  . ASP A 1 134 ? 16.288  1.600   0.351   1.00 48.01 ? 125 ASP A CG  1 
ATOM   922  O OD1 . ASP A 1 134 ? 16.813  1.322   -0.749  1.00 43.87 ? 125 ASP A OD1 1 
ATOM   923  O OD2 . ASP A 1 134 ? 16.920  2.107   1.301   1.00 48.86 ? 125 ASP A OD2 1 
ATOM   924  N N   . VAL A 1 135 ? 12.119  -0.091  -0.855  1.00 42.41 ? 126 VAL A N   1 
ATOM   925  C CA  . VAL A 1 135 ? 10.715  -0.442  -0.682  1.00 36.99 ? 126 VAL A CA  1 
ATOM   926  C C   . VAL A 1 135 ? 10.551  -1.820  -0.050  1.00 40.78 ? 126 VAL A C   1 
ATOM   927  O O   . VAL A 1 135 ? 11.211  -2.801  -0.431  1.00 39.72 ? 126 VAL A O   1 
ATOM   928  C CB  . VAL A 1 135 ? 9.944   -0.405  -2.024  1.00 34.88 ? 126 VAL A CB  1 
ATOM   929  C CG1 . VAL A 1 135 ? 8.457   -0.608  -1.787  1.00 36.27 ? 126 VAL A CG1 1 
ATOM   930  C CG2 . VAL A 1 135 ? 10.175  0.918   -2.750  1.00 39.97 ? 126 VAL A CG2 1 
ATOM   931  N N   . THR A 1 136 ? 9.667   -1.878  0.936   1.00 36.54 ? 127 THR A N   1 
ATOM   932  C CA  . THR A 1 136 ? 9.286   -3.134  1.543   1.00 36.80 ? 127 THR A CA  1 
ATOM   933  C C   . THR A 1 136 ? 7.810   -3.369  1.276   1.00 41.71 ? 127 THR A C   1 
ATOM   934  O O   . THR A 1 136 ? 6.968   -2.548  1.643   1.00 38.25 ? 127 THR A O   1 
ATOM   935  C CB  . THR A 1 136 ? 9.562   -3.146  3.060   1.00 38.04 ? 127 THR A CB  1 
ATOM   936  O OG1 . THR A 1 136 ? 10.966  -2.984  3.291   1.00 41.14 ? 127 THR A OG1 1 
ATOM   937  C CG2 . THR A 1 136 ? 9.092   -4.452  3.686   1.00 37.84 ? 127 THR A CG2 1 
ATOM   938  N N   . LEU A 1 137 ? 7.500   -4.472  0.604   1.00 35.73 ? 128 LEU A N   1 
ATOM   939  C CA  . LEU A 1 137 ? 6.110   -4.860  0.427   1.00 36.81 ? 128 LEU A CA  1 
ATOM   940  C C   . LEU A 1 137 ? 5.685   -5.787  1.564   1.00 39.09 ? 128 LEU A C   1 
ATOM   941  O O   . LEU A 1 137 ? 6.345   -6.803  1.846   1.00 37.67 ? 128 LEU A O   1 
ATOM   942  C CB  . LEU A 1 137 ? 5.898   -5.535  -0.930  1.00 35.91 ? 128 LEU A CB  1 
ATOM   943  C CG  . LEU A 1 137 ? 4.454   -5.951  -1.225  1.00 39.08 ? 128 LEU A CG  1 
ATOM   944  C CD1 . LEU A 1 137 ? 3.541   -4.732  -1.207  1.00 34.15 ? 128 LEU A CD1 1 
ATOM   945  C CD2 . LEU A 1 137 ? 4.355   -6.694  -2.557  1.00 33.16 ? 128 LEU A CD2 1 
ATOM   946  N N   . VAL A 1 138 ? 4.591   -5.419  2.223   1.00 34.02 ? 129 VAL A N   1 
ATOM   947  C CA  . VAL A 1 138 ? 4.063   -6.202  3.332   1.00 35.14 ? 129 VAL A CA  1 
ATOM   948  C C   . VAL A 1 138 ? 3.209   -7.337  2.785   1.00 41.03 ? 129 VAL A C   1 
ATOM   949  O O   . VAL A 1 138 ? 2.055   -7.135  2.392   1.00 37.83 ? 129 VAL A O   1 
ATOM   950  C CB  . VAL A 1 138 ? 3.241   -5.346  4.302   1.00 38.29 ? 129 VAL A CB  1 
ATOM   951  C CG1 . VAL A 1 138 ? 2.820   -6.183  5.502   1.00 33.41 ? 129 VAL A CG1 1 
ATOM   952  C CG2 . VAL A 1 138 ? 4.061   -4.152  4.762   1.00 37.38 ? 129 VAL A CG2 1 
ATOM   953  N N   . SER A 1 139 ? 3.796   -8.528  2.769   1.00 38.57 ? 130 SER A N   1 
ATOM   954  C CA  . SER A 1 139 ? 3.277   -9.659  2.008   1.00 37.23 ? 130 SER A CA  1 
ATOM   955  C C   . SER A 1 139 ? 1.867   -10.073 2.400   1.00 34.74 ? 130 SER A C   1 
ATOM   956  O O   . SER A 1 139 ? 1.103   -10.551 1.557   1.00 36.43 ? 130 SER A O   1 
ATOM   957  C CB  . SER A 1 139 ? 4.218   -10.859 2.159   1.00 37.41 ? 130 SER A CB  1 
ATOM   958  O OG  . SER A 1 139 ? 4.317   -11.254 3.518   1.00 38.42 ? 130 SER A OG  1 
ATOM   959  N N   . ASP A 1 140 ? 1.521   -9.899  3.671   1.00 35.58 ? 131 ASP A N   1 
ATOM   960  C CA  . ASP A 1 140 ? 0.213   -10.331 4.148   1.00 34.92 ? 131 ASP A CA  1 
ATOM   961  C C   . ASP A 1 140 ? -0.731  -9.156  4.396   1.00 37.22 ? 131 ASP A C   1 
ATOM   962  O O   . ASP A 1 140 ? -1.739  -9.301  5.091   1.00 34.06 ? 131 ASP A O   1 
ATOM   963  C CB  . ASP A 1 140 ? 0.360   -11.178 5.418   1.00 37.27 ? 131 ASP A CB  1 
ATOM   964  C CG  . ASP A 1 140 ? 1.151   -10.476 6.511   1.00 43.09 ? 131 ASP A CG  1 
ATOM   965  O OD1 . ASP A 1 140 ? 1.644   -9.351  6.279   1.00 39.58 ? 131 ASP A OD1 1 
ATOM   966  O OD2 . ASP A 1 140 ? 1.285   -11.062 7.610   1.00 42.55 ? 131 ASP A OD2 1 
ATOM   967  N N   . ALA A 1 141 ? -0.421  -8.001  3.813   1.00 35.70 ? 132 ALA A N   1 
ATOM   968  C CA  . ALA A 1 141 ? -1.273  -6.826  3.988   1.00 36.83 ? 132 ALA A CA  1 
ATOM   969  C C   . ALA A 1 141 ? -1.608  -6.125  2.674   1.00 36.82 ? 132 ALA A C   1 
ATOM   970  O O   . ALA A 1 141 ? -1.686  -4.898  2.624   1.00 35.00 ? 132 ALA A O   1 
ATOM   971  C CB  . ALA A 1 141 ? -0.619  -5.836  4.955   1.00 34.57 ? 132 ALA A CB  1 
ATOM   972  N N   . HIS A 1 142 ? -1.806  -6.899  1.612   1.00 33.75 ? 133 HIS A N   1 
ATOM   973  C CA  . HIS A 1 142 ? -2.375  -6.348  0.389   1.00 34.79 ? 133 HIS A CA  1 
ATOM   974  C C   . HIS A 1 142 ? -3.291  -7.380  -0.249  1.00 38.57 ? 133 HIS A C   1 
ATOM   975  O O   . HIS A 1 142 ? -3.123  -8.580  -0.044  1.00 34.77 ? 133 HIS A O   1 
ATOM   976  C CB  . HIS A 1 142 ? -1.281  -5.899  -0.592  1.00 34.86 ? 133 HIS A CB  1 
ATOM   977  C CG  . HIS A 1 142 ? -0.400  -7.009  -1.079  1.00 34.91 ? 133 HIS A CG  1 
ATOM   978  N ND1 . HIS A 1 142 ? -0.663  -7.718  -2.231  1.00 37.37 ? 133 HIS A ND1 1 
ATOM   979  C CD2 . HIS A 1 142 ? 0.744   -7.527  -0.572  1.00 36.55 ? 133 HIS A CD2 1 
ATOM   980  C CE1 . HIS A 1 142 ? 0.280   -8.627  -2.411  1.00 37.57 ? 133 HIS A CE1 1 
ATOM   981  N NE2 . HIS A 1 142 ? 1.144   -8.534  -1.415  1.00 35.91 ? 133 HIS A NE2 1 
ATOM   982  N N   . THR A 1 143 ? -4.274  -6.918  -1.013  1.00 34.72 ? 134 THR A N   1 
ATOM   983  C CA  . THR A 1 143 ? -5.221  -7.848  -1.599  1.00 33.81 ? 134 THR A CA  1 
ATOM   984  C C   . THR A 1 143 ? -5.896  -7.287  -2.843  1.00 36.47 ? 134 THR A C   1 
ATOM   985  O O   . THR A 1 143 ? -5.761  -6.107  -3.169  1.00 34.76 ? 134 THR A O   1 
ATOM   986  C CB  . THR A 1 143 ? -6.301  -8.252  -0.583  1.00 35.79 ? 134 THR A CB  1 
ATOM   987  O OG1 . THR A 1 143 ? -7.199  -9.185  -1.189  1.00 36.57 ? 134 THR A OG1 1 
ATOM   988  C CG2 . THR A 1 143 ? -7.082  -7.023  -0.110  1.00 34.64 ? 134 THR A CG2 1 
ATOM   989  N N   . THR A 1 144 ? -6.622  -8.158  -3.534  1.00 36.22 ? 135 THR A N   1 
ATOM   990  C CA  . THR A 1 144 ? -7.375  -7.785  -4.717  1.00 34.19 ? 135 THR A CA  1 
ATOM   991  C C   . THR A 1 144 ? -8.456  -8.833  -4.964  1.00 36.31 ? 135 THR A C   1 
ATOM   992  O O   . THR A 1 144 ? -8.618  -9.762  -4.167  1.00 35.18 ? 135 THR A O   1 
ATOM   993  C CB  . THR A 1 144 ? -6.458  -7.644  -5.956  1.00 36.72 ? 135 THR A CB  1 
ATOM   994  O OG1 . THR A 1 144 ? -7.190  -7.042  -7.031  1.00 33.85 ? 135 THR A OG1 1 
ATOM   995  C CG2 . THR A 1 144 ? -5.920  -9.001  -6.394  1.00 32.00 ? 135 THR A CG2 1 
ATOM   996  N N   . VAL A 1 145 ? -9.195  -8.684  -6.062  1.00 37.97 ? 136 VAL A N   1 
ATOM   997  C CA  . VAL A 1 145 ? -10.316 -9.572  -6.361  1.00 38.85 ? 136 VAL A CA  1 
ATOM   998  C C   . VAL A 1 145 ? -10.005 -10.570 -7.473  1.00 40.62 ? 136 VAL A C   1 
ATOM   999  O O   . VAL A 1 145 ? -9.071  -10.371 -8.260  1.00 37.40 ? 136 VAL A O   1 
ATOM   1000 C CB  . VAL A 1 145 ? -11.566 -8.773  -6.780  1.00 39.79 ? 136 VAL A CB  1 
ATOM   1001 C CG1 . VAL A 1 145 ? -12.070 -7.912  -5.632  1.00 39.21 ? 136 VAL A CG1 1 
ATOM   1002 C CG2 . VAL A 1 145 ? -11.258 -7.912  -8.002  1.00 40.18 ? 136 VAL A CG2 1 
ATOM   1003 N N   . ASP A 1 146 ? -10.801 -11.638 -7.534  1.00 36.67 ? 137 ASP A N   1 
ATOM   1004 C CA  . ASP A 1 146 ? -10.760 -12.567 -8.657  1.00 37.69 ? 137 ASP A CA  1 
ATOM   1005 C C   . ASP A 1 146 ? -11.001 -11.818 -9.956  1.00 42.89 ? 137 ASP A C   1 
ATOM   1006 O O   . ASP A 1 146 ? -11.735 -10.830 -9.985  1.00 38.47 ? 137 ASP A O   1 
ATOM   1007 C CB  . ASP A 1 146 ? -11.816 -13.669 -8.521  1.00 39.82 ? 137 ASP A CB  1 
ATOM   1008 C CG  . ASP A 1 146 ? -11.565 -14.592 -7.352  1.00 40.31 ? 137 ASP A CG  1 
ATOM   1009 O OD1 . ASP A 1 146 ? -10.490 -14.506 -6.725  1.00 40.12 ? 137 ASP A OD1 1 
ATOM   1010 O OD2 . ASP A 1 146 ? -12.454 -15.419 -7.066  1.00 47.95 ? 137 ASP A OD2 1 
ATOM   1011 N N   . THR A 1 147 ? -10.397 -12.293 -11.036 1.00 41.31 ? 138 THR A N   1 
ATOM   1012 C CA  . THR A 1 147 ? -10.687 -11.721 -12.340 1.00 40.37 ? 138 THR A CA  1 
ATOM   1013 C C   . THR A 1 147 ? -10.502 -12.761 -13.435 1.00 41.81 ? 138 THR A C   1 
ATOM   1014 O O   . THR A 1 147 ? -10.192 -13.919 -13.158 1.00 39.71 ? 138 THR A O   1 
ATOM   1015 C CB  . THR A 1 147 ? -9.803  -10.496 -12.625 1.00 43.86 ? 138 THR A CB  1 
ATOM   1016 O OG1 . THR A 1 147 ? -10.225 -9.870  -13.842 1.00 44.60 ? 138 THR A OG1 1 
ATOM   1017 C CG2 . THR A 1 147 ? -8.343  -10.906 -12.730 1.00 37.23 ? 138 THR A CG2 1 
ATOM   1018 N N   . GLU A 1 148 ? -10.714 -12.346 -14.676 1.00 37.55 ? 139 GLU A N   1 
ATOM   1019 C CA  . GLU A 1 148 ? -10.518 -13.232 -15.815 1.00 39.55 ? 139 GLU A CA  1 
ATOM   1020 C C   . GLU A 1 148 ? -10.238 -12.406 -17.055 1.00 38.08 ? 139 GLU A C   1 
ATOM   1021 O O   . GLU A 1 148 ? -10.684 -11.262 -17.166 1.00 38.02 ? 139 GLU A O   1 
ATOM   1022 C CB  . GLU A 1 148 ? -11.741 -14.127 -16.032 1.00 40.94 ? 139 GLU A CB  1 
ATOM   1023 C CG  . GLU A 1 148 ? -12.996 -13.363 -16.397 1.00 40.74 ? 139 GLU A CG  1 
ATOM   1024 C CD  . GLU A 1 148 ? -14.196 -14.268 -16.574 1.00 48.37 ? 139 GLU A CD  1 
ATOM   1025 O OE1 . GLU A 1 148 ? -15.329 -13.775 -16.411 1.00 50.89 ? 139 GLU A OE1 1 
ATOM   1026 O OE2 . GLU A 1 148 ? -14.008 -15.466 -16.881 1.00 46.56 ? 139 GLU A OE2 1 
ATOM   1027 N N   . TRP A 1 149 ? -9.489  -12.985 -17.985 1.00 38.83 ? 140 TRP A N   1 
ATOM   1028 C CA  . TRP A 1 149 ? -9.135  -12.283 -19.211 1.00 35.44 ? 140 TRP A CA  1 
ATOM   1029 C C   . TRP A 1 149 ? -8.640  -13.314 -20.202 1.00 41.32 ? 140 TRP A C   1 
ATOM   1030 O O   . TRP A 1 149 ? -8.029  -14.313 -19.805 1.00 39.91 ? 140 TRP A O   1 
ATOM   1031 C CB  . TRP A 1 149 ? -8.069  -11.216 -18.945 1.00 36.88 ? 140 TRP A CB  1 
ATOM   1032 C CG  . TRP A 1 149 ? -7.991  -10.110 -19.966 1.00 36.67 ? 140 TRP A CG  1 
ATOM   1033 C CD1 . TRP A 1 149 ? -7.054  -9.965  -20.953 1.00 35.83 ? 140 TRP A CD1 1 
ATOM   1034 C CD2 . TRP A 1 149 ? -8.869  -8.984  -20.078 1.00 35.97 ? 140 TRP A CD2 1 
ATOM   1035 N NE1 . TRP A 1 149 ? -7.299  -8.817  -21.671 1.00 37.79 ? 140 TRP A NE1 1 
ATOM   1036 C CE2 . TRP A 1 149 ? -8.410  -8.200  -21.156 1.00 38.67 ? 140 TRP A CE2 1 
ATOM   1037 C CE3 . TRP A 1 149 ? -10.001 -8.564  -19.370 1.00 37.35 ? 140 TRP A CE3 1 
ATOM   1038 C CZ2 . TRP A 1 149 ? -9.049  -7.024  -21.549 1.00 34.74 ? 140 TRP A CZ2 1 
ATOM   1039 C CZ3 . TRP A 1 149 ? -10.634 -7.394  -19.761 1.00 41.59 ? 140 TRP A CZ3 1 
ATOM   1040 C CH2 . TRP A 1 149 ? -10.155 -6.638  -20.839 1.00 39.08 ? 140 TRP A CH2 1 
ATOM   1041 N N   . GLU A 1 150 ? -8.936  -13.092 -21.480 1.00 40.71 ? 141 GLU A N   1 
ATOM   1042 C CA  . GLU A 1 150 ? -8.462  -13.978 -22.539 1.00 41.55 ? 141 GLU A CA  1 
ATOM   1043 C C   . GLU A 1 150 ? -8.883  -15.418 -22.303 1.00 43.55 ? 141 GLU A C   1 
ATOM   1044 O O   . GLU A 1 150 ? -8.174  -16.349 -22.689 1.00 42.72 ? 141 GLU A O   1 
ATOM   1045 C CB  . GLU A 1 150 ? -6.940  -13.907 -22.644 1.00 46.58 ? 141 GLU A CB  1 
ATOM   1046 C CG  . GLU A 1 150 ? -6.426  -13.099 -23.795 1.00 51.19 ? 141 GLU A CG  1 
ATOM   1047 C CD  . GLU A 1 150 ? -4.939  -12.882 -23.690 1.00 44.12 ? 141 GLU A CD  1 
ATOM   1048 O OE1 . GLU A 1 150 ? -4.183  -13.710 -24.235 1.00 46.97 ? 141 GLU A OE1 1 
ATOM   1049 O OE2 . GLU A 1 150 ? -4.535  -11.888 -23.053 1.00 42.17 ? 141 GLU A OE2 1 
ATOM   1050 N N   . GLY A 1 151 ? -10.018 -15.600 -21.637 1.00 41.05 ? 142 GLY A N   1 
ATOM   1051 C CA  . GLY A 1 151 ? -10.553 -16.928 -21.422 1.00 41.90 ? 142 GLY A CA  1 
ATOM   1052 C C   . GLY A 1 151 ? -9.951  -17.684 -20.253 1.00 44.34 ? 142 GLY A C   1 
ATOM   1053 O O   . GLY A 1 151 ? -10.297 -18.846 -20.028 1.00 39.75 ? 142 GLY A O   1 
ATOM   1054 N N   . VAL A 1 152 ? -9.051  -17.058 -19.500 1.00 40.64 ? 143 VAL A N   1 
ATOM   1055 C CA  . VAL A 1 152 ? -8.569  -17.735 -18.297 1.00 40.11 ? 143 VAL A CA  1 
ATOM   1056 C C   . VAL A 1 152 ? -8.837  -16.921 -17.044 1.00 43.47 ? 143 VAL A C   1 
ATOM   1057 O O   . VAL A 1 152 ? -8.791  -15.685 -17.043 1.00 41.70 ? 143 VAL A O   1 
ATOM   1058 C CB  . VAL A 1 152 ? -7.065  -18.076 -18.367 1.00 47.31 ? 143 VAL A CB  1 
ATOM   1059 C CG1 . VAL A 1 152 ? -6.788  -19.046 -19.512 1.00 47.58 ? 143 VAL A CG1 1 
ATOM   1060 C CG2 . VAL A 1 152 ? -6.233  -16.827 -18.496 1.00 42.84 ? 143 VAL A CG2 1 
ATOM   1061 N N   . ARG A 1 153 ? -9.136  -17.634 -15.970 1.00 43.75 ? 144 ARG A N   1 
ATOM   1062 C CA  . ARG A 1 153 ? -9.420  -16.987 -14.710 1.00 42.92 ? 144 ARG A CA  1 
ATOM   1063 C C   . ARG A 1 153 ? -8.150  -16.919 -13.886 1.00 45.33 ? 144 ARG A C   1 
ATOM   1064 O O   . ARG A 1 153 ? -7.283  -17.784 -13.978 1.00 41.71 ? 144 ARG A O   1 
ATOM   1065 C CB  . ARG A 1 153 ? -10.528 -17.728 -13.961 1.00 46.46 ? 144 ARG A CB  1 
ATOM   1066 C CG  . ARG A 1 153 ? -11.865 -17.680 -14.680 1.00 51.26 ? 144 ARG A CG  1 
ATOM   1067 C CD  . ARG A 1 153 ? -12.918 -18.504 -13.971 1.00 64.81 ? 144 ARG A CD  1 
ATOM   1068 N NE  . ARG A 1 153 ? -13.034 -19.830 -14.572 1.00 72.24 ? 144 ARG A NE  1 
ATOM   1069 C CZ  . ARG A 1 153 ? -13.806 -20.115 -15.615 1.00 66.37 ? 144 ARG A CZ  1 
ATOM   1070 N NH1 . ARG A 1 153 ? -13.837 -21.350 -16.096 1.00 66.17 ? 144 ARG A NH1 1 
ATOM   1071 N NH2 . ARG A 1 153 ? -14.549 -19.168 -16.173 1.00 63.76 ? 144 ARG A NH2 1 
ATOM   1072 N N   . ILE A 1 154 ? -8.029  -15.863 -13.101 1.00 39.83 ? 145 ILE A N   1 
ATOM   1073 C CA  . ILE A 1 154 ? -6.933  -15.775 -12.163 1.00 42.18 ? 145 ILE A CA  1 
ATOM   1074 C C   . ILE A 1 154 ? -7.491  -15.149 -10.893 1.00 42.65 ? 145 ILE A C   1 
ATOM   1075 O O   . ILE A 1 154 ? -8.062  -14.053 -10.909 1.00 40.19 ? 145 ILE A O   1 
ATOM   1076 C CB  . ILE A 1 154 ? -5.738  -14.987 -12.753 1.00 41.62 ? 145 ILE A CB  1 
ATOM   1077 C CG1 . ILE A 1 154 ? -4.707  -14.665 -11.672 1.00 39.22 ? 145 ILE A CG1 1 
ATOM   1078 C CG2 . ILE A 1 154 ? -6.211  -13.742 -13.474 1.00 50.62 ? 145 ILE A CG2 1 
ATOM   1079 C CD1 . ILE A 1 154 ? -3.471  -13.999 -12.215 1.00 44.96 ? 145 ILE A CD1 1 
ATOM   1080 N N   . SER A 1 155 ? -7.370  -15.894 -9.798  1.00 39.03 ? 146 SER A N   1 
ATOM   1081 C CA  . SER A 1 155 ? -7.984  -15.523 -8.531  1.00 38.37 ? 146 SER A CA  1 
ATOM   1082 C C   . SER A 1 155 ? -7.223  -14.405 -7.848  1.00 36.45 ? 146 SER A C   1 
ATOM   1083 O O   . SER A 1 155 ? -6.047  -14.183 -8.138  1.00 35.20 ? 146 SER A O   1 
ATOM   1084 C CB  . SER A 1 155 ? -8.047  -16.733 -7.599  1.00 38.68 ? 146 SER A CB  1 
ATOM   1085 O OG  . SER A 1 155 ? -6.750  -17.051 -7.123  1.00 36.84 ? 146 SER A OG  1 
ATOM   1086 N N   . GLY A 1 156 ? -7.891  -13.715 -6.929  1.00 34.90 ? 147 GLY A N   1 
ATOM   1087 C CA  . GLY A 1 156 ? -7.233  -12.707 -6.117  1.00 35.68 ? 147 GLY A CA  1 
ATOM   1088 C C   . GLY A 1 156 ? -6.077  -13.312 -5.339  1.00 36.78 ? 147 GLY A C   1 
ATOM   1089 O O   . GLY A 1 156 ? -5.007  -12.715 -5.235  1.00 33.38 ? 147 GLY A O   1 
ATOM   1090 N N   . GLU A 1 157 ? -6.291  -14.513 -4.803  1.00 40.09 ? 148 GLU A N   1 
ATOM   1091 C CA  . GLU A 1 157 ? -5.242  -15.225 -4.074  1.00 38.99 ? 148 GLU A CA  1 
ATOM   1092 C C   . GLU A 1 157 ? -4.001  -15.419 -4.944  1.00 36.15 ? 148 GLU A C   1 
ATOM   1093 O O   . GLU A 1 157 ? -2.881  -15.138 -4.514  1.00 36.23 ? 148 GLU A O   1 
ATOM   1094 C CB  . GLU A 1 157 ? -5.748  -16.586 -3.576  1.00 35.24 ? 148 GLU A CB  1 
ATOM   1095 C CG  . GLU A 1 157 ? -4.718  -17.346 -2.752  1.00 39.96 ? 148 GLU A CG  1 
ATOM   1096 C CD  . GLU A 1 157 ? -5.258  -18.641 -2.160  1.00 44.18 ? 148 GLU A CD  1 
ATOM   1097 O OE1 . GLU A 1 157 ? -4.637  -19.163 -1.211  1.00 49.02 ? 148 GLU A OE1 1 
ATOM   1098 O OE2 . GLU A 1 157 ? -6.296  -19.136 -2.640  1.00 43.73 ? 148 GLU A OE2 1 
ATOM   1099 N N   . GLN A 1 158 ? -4.214  -15.897 -6.168  1.00 34.50 ? 149 GLN A N   1 
ATOM   1100 C CA  . GLN A 1 158 ? -3.127  -16.104 -7.125  1.00 37.49 ? 149 GLN A CA  1 
ATOM   1101 C C   . GLN A 1 158 ? -2.381  -14.809 -7.441  1.00 39.43 ? 149 GLN A C   1 
ATOM   1102 O O   . GLN A 1 158 ? -1.155  -14.806 -7.605  1.00 34.77 ? 149 GLN A O   1 
ATOM   1103 C CB  . GLN A 1 158 ? -3.665  -16.710 -8.423  1.00 38.42 ? 149 GLN A CB  1 
ATOM   1104 C CG  . GLN A 1 158 ? -3.786  -18.227 -8.411  1.00 38.92 ? 149 GLN A CG  1 
ATOM   1105 C CD  . GLN A 1 158 ? -4.566  -18.752 -9.602  1.00 41.98 ? 149 GLN A CD  1 
ATOM   1106 O OE1 . GLN A 1 158 ? -5.514  -18.117 -10.068 1.00 35.68 ? 149 GLN A OE1 1 
ATOM   1107 N NE2 . GLN A 1 158 ? -4.167  -19.917 -10.105 1.00 43.80 ? 149 GLN A NE2 1 
ATOM   1108 N N   . ILE A 1 159 ? -3.124  -13.713 -7.534  1.00 35.52 ? 150 ILE A N   1 
ATOM   1109 C CA  . ILE A 1 159 ? -2.533  -12.419 -7.849  1.00 35.24 ? 150 ILE A CA  1 
ATOM   1110 C C   . ILE A 1 159 ? -1.687  -11.916 -6.683  1.00 36.08 ? 150 ILE A C   1 
ATOM   1111 O O   . ILE A 1 159 ? -0.596  -11.383 -6.879  1.00 35.44 ? 150 ILE A O   1 
ATOM   1112 C CB  . ILE A 1 159 ? -3.616  -11.386 -8.202  1.00 34.88 ? 150 ILE A CB  1 
ATOM   1113 C CG1 . ILE A 1 159 ? -4.341  -11.809 -9.481  1.00 36.76 ? 150 ILE A CG1 1 
ATOM   1114 C CG2 . ILE A 1 159 ? -3.011  -10.010 -8.384  1.00 33.18 ? 150 ILE A CG2 1 
ATOM   1115 C CD1 . ILE A 1 159 ? -5.585  -10.995 -9.779  1.00 39.02 ? 150 ILE A CD1 1 
ATOM   1116 N N   . VAL A 1 160 ? -2.196  -12.095 -5.470  1.00 31.55 ? 151 VAL A N   1 
ATOM   1117 C CA  . VAL A 1 160 ? -1.462  -11.718 -4.269  1.00 35.54 ? 151 VAL A CA  1 
ATOM   1118 C C   . VAL A 1 160 ? -0.153  -12.504 -4.181  1.00 35.28 ? 151 VAL A C   1 
ATOM   1119 O O   . VAL A 1 160 ? 0.929   -11.927 -4.019  1.00 36.52 ? 151 VAL A O   1 
ATOM   1120 C CB  . VAL A 1 160 ? -2.307  -11.956 -3.005  1.00 37.71 ? 151 VAL A CB  1 
ATOM   1121 C CG1 . VAL A 1 160 ? -1.441  -11.896 -1.743  1.00 36.85 ? 151 VAL A CG1 1 
ATOM   1122 C CG2 . VAL A 1 160 ? -3.455  -10.948 -2.939  1.00 31.71 ? 151 VAL A CG2 1 
ATOM   1123 N N   . ALA A 1 161 ? -0.262  -13.825 -4.311  1.00 39.00 ? 152 ALA A N   1 
ATOM   1124 C CA  . ALA A 1 161 ? 0.912   -14.695 -4.260  1.00 35.78 ? 152 ALA A CA  1 
ATOM   1125 C C   . ALA A 1 161 ? 1.932   -14.329 -5.332  1.00 34.78 ? 152 ALA A C   1 
ATOM   1126 O O   . ALA A 1 161 ? 3.125   -14.203 -5.049  1.00 35.60 ? 152 ALA A O   1 
ATOM   1127 C CB  . ALA A 1 161 ? 0.496   -16.135 -4.408  1.00 33.69 ? 152 ALA A CB  1 
ATOM   1128 N N   . HIS A 1 162 ? 1.463   -14.156 -6.563  1.00 34.95 ? 153 HIS A N   1 
ATOM   1129 C CA  . HIS A 1 162 ? 2.358   -13.814 -7.663  1.00 36.24 ? 153 HIS A CA  1 
ATOM   1130 C C   . HIS A 1 162 ? 3.011   -12.459 -7.433  1.00 36.42 ? 153 HIS A C   1 
ATOM   1131 O O   . HIS A 1 162 ? 4.162   -12.252 -7.804  1.00 34.76 ? 153 HIS A O   1 
ATOM   1132 C CB  . HIS A 1 162 ? 1.621   -13.807 -9.003  1.00 37.73 ? 153 HIS A CB  1 
ATOM   1133 C CG  . HIS A 1 162 ? 2.498   -13.444 -10.164 1.00 40.16 ? 153 HIS A CG  1 
ATOM   1134 N ND1 . HIS A 1 162 ? 2.657   -12.145 -10.599 1.00 36.00 ? 153 HIS A ND1 1 
ATOM   1135 C CD2 . HIS A 1 162 ? 3.276   -14.208 -10.966 1.00 35.08 ? 153 HIS A CD2 1 
ATOM   1136 C CE1 . HIS A 1 162 ? 3.490   -12.126 -11.624 1.00 36.25 ? 153 HIS A CE1 1 
ATOM   1137 N NE2 . HIS A 1 162 ? 3.882   -13.365 -11.868 1.00 35.02 ? 153 HIS A NE2 1 
ATOM   1138 N N   . THR A 1 163 ? 2.271   -11.537 -6.824  1.00 32.52 ? 154 THR A N   1 
ATOM   1139 C CA  . THR A 1 163 ? 2.806   -10.212 -6.523  1.00 33.82 ? 154 THR A CA  1 
ATOM   1140 C C   . THR A 1 163 ? 3.953   -10.314 -5.516  1.00 36.50 ? 154 THR A C   1 
ATOM   1141 O O   . THR A 1 163 ? 5.003   -9.682  -5.685  1.00 35.39 ? 154 THR A O   1 
ATOM   1142 C CB  . THR A 1 163 ? 1.711   -9.268  -5.968  1.00 34.81 ? 154 THR A CB  1 
ATOM   1143 O OG1 . THR A 1 163 ? 0.706   -9.065  -6.970  1.00 34.89 ? 154 THR A OG1 1 
ATOM   1144 C CG2 . THR A 1 163 ? 2.306   -7.925  -5.586  1.00 34.08 ? 154 THR A CG2 1 
ATOM   1145 N N   . ASN A 1 164 ? 3.748   -11.114 -4.472  1.00 33.08 ? 155 ASN A N   1 
ATOM   1146 C CA  . ASN A 1 164 ? 4.802   -11.334 -3.483  1.00 34.06 ? 155 ASN A CA  1 
ATOM   1147 C C   . ASN A 1 164 ? 6.024   -12.002 -4.113  1.00 33.49 ? 155 ASN A C   1 
ATOM   1148 O O   . ASN A 1 164 ? 7.162   -11.591 -3.862  1.00 36.49 ? 155 ASN A O   1 
ATOM   1149 C CB  . ASN A 1 164 ? 4.271   -12.165 -2.312  1.00 33.09 ? 155 ASN A CB  1 
ATOM   1150 C CG  . ASN A 1 164 ? 3.256   -11.403 -1.483  1.00 38.82 ? 155 ASN A CG  1 
ATOM   1151 O OD1 . ASN A 1 164 ? 3.295   -10.173 -1.430  1.00 36.28 ? 155 ASN A OD1 1 
ATOM   1152 N ND2 . ASN A 1 164 ? 2.347   -12.123 -0.830  1.00 33.20 ? 155 ASN A ND2 1 
ATOM   1153 N N   . MET A 1 165 ? 5.780   -13.015 -4.944  1.00 31.63 ? 156 MET A N   1 
ATOM   1154 C CA  . MET A 1 165 ? 6.843   -13.669 -5.712  1.00 33.31 ? 156 MET A CA  1 
ATOM   1155 C C   . MET A 1 165 ? 7.658   -12.644 -6.502  1.00 37.65 ? 156 MET A C   1 
ATOM   1156 O O   . MET A 1 165 ? 8.885   -12.598 -6.403  1.00 35.86 ? 156 MET A O   1 
ATOM   1157 C CB  . MET A 1 165 ? 6.249   -14.720 -6.661  1.00 33.49 ? 156 MET A CB  1 
ATOM   1158 C CG  . MET A 1 165 ? 7.277   -15.545 -7.468  1.00 34.01 ? 156 MET A CG  1 
ATOM   1159 S SD  . MET A 1 165 ? 7.989   -14.708 -8.915  1.00 41.71 ? 156 MET A SD  1 
ATOM   1160 C CE  . MET A 1 165 ? 6.546   -14.536 -9.966  1.00 39.77 ? 156 MET A CE  1 
ATOM   1161 N N   . TYR A 1 166 ? 6.963   -11.830 -7.293  1.00 37.00 ? 157 TYR A N   1 
ATOM   1162 C CA  . TYR A 1 166 ? 7.598   -10.769 -8.069  1.00 35.38 ? 157 TYR A CA  1 
ATOM   1163 C C   . TYR A 1 166 ? 8.462   -9.877  -7.192  1.00 35.27 ? 157 TYR A C   1 
ATOM   1164 O O   . TYR A 1 166 ? 9.621   -9.614  -7.507  1.00 35.94 ? 157 TYR A O   1 
ATOM   1165 C CB  . TYR A 1 166 ? 6.543   -9.911  -8.778  1.00 33.89 ? 157 TYR A CB  1 
ATOM   1166 C CG  . TYR A 1 166 ? 7.090   -8.628  -9.378  1.00 33.67 ? 157 TYR A CG  1 
ATOM   1167 C CD1 . TYR A 1 166 ? 7.658   -8.619  -10.642 1.00 34.18 ? 157 TYR A CD1 1 
ATOM   1168 C CD2 . TYR A 1 166 ? 7.031   -7.425  -8.679  1.00 36.84 ? 157 TYR A CD2 1 
ATOM   1169 C CE1 . TYR A 1 166 ? 8.155   -7.446  -11.202 1.00 35.03 ? 157 TYR A CE1 1 
ATOM   1170 C CE2 . TYR A 1 166 ? 7.529   -6.249  -9.228  1.00 37.82 ? 157 TYR A CE2 1 
ATOM   1171 C CZ  . TYR A 1 166 ? 8.089   -6.266  -10.491 1.00 36.19 ? 157 TYR A CZ  1 
ATOM   1172 O OH  . TYR A 1 166 ? 8.582   -5.102  -11.046 1.00 33.77 ? 157 TYR A OH  1 
ATOM   1173 N N   . PHE A 1 167 ? 7.892   -9.404  -6.092  1.00 34.71 ? 158 PHE A N   1 
ATOM   1174 C CA  . PHE A 1 167 ? 8.598   -8.418  -5.290  1.00 37.60 ? 158 PHE A CA  1 
ATOM   1175 C C   . PHE A 1 167 ? 9.823   -9.018  -4.601  1.00 36.28 ? 158 PHE A C   1 
ATOM   1176 O O   . PHE A 1 167 ? 10.812  -8.324  -4.387  1.00 36.73 ? 158 PHE A O   1 
ATOM   1177 C CB  . PHE A 1 167 ? 7.675   -7.784  -4.251  1.00 33.19 ? 158 PHE A CB  1 
ATOM   1178 C CG  . PHE A 1 167 ? 8.170   -6.455  -3.760  1.00 34.99 ? 158 PHE A CG  1 
ATOM   1179 C CD1 . PHE A 1 167 ? 7.872   -5.294  -4.454  1.00 36.82 ? 158 PHE A CD1 1 
ATOM   1180 C CD2 . PHE A 1 167 ? 8.966   -6.369  -2.631  1.00 37.44 ? 158 PHE A CD2 1 
ATOM   1181 C CE1 . PHE A 1 167 ? 8.340   -4.069  -4.023  1.00 36.21 ? 158 PHE A CE1 1 
ATOM   1182 C CE2 . PHE A 1 167 ? 9.440   -5.140  -2.189  1.00 39.73 ? 158 PHE A CE2 1 
ATOM   1183 C CZ  . PHE A 1 167 ? 9.128   -3.992  -2.887  1.00 39.66 ? 158 PHE A CZ  1 
ATOM   1184 N N   . SER A 1 168 ? 9.762   -10.307 -4.279  1.00 37.37 ? 159 SER A N   1 
ATOM   1185 C CA  . SER A 1 168 ? 10.874  -10.974 -3.602  1.00 44.05 ? 159 SER A CA  1 
ATOM   1186 C C   . SER A 1 168 ? 12.165  -10.950 -4.425  1.00 42.35 ? 159 SER A C   1 
ATOM   1187 O O   . SER A 1 168 ? 13.261  -11.062 -3.872  1.00 43.65 ? 159 SER A O   1 
ATOM   1188 C CB  . SER A 1 168 ? 10.508  -12.423 -3.268  1.00 38.66 ? 159 SER A CB  1 
ATOM   1189 O OG  . SER A 1 168 ? 10.487  -13.228 -4.436  1.00 39.65 ? 159 SER A OG  1 
ATOM   1190 N N   . GLY A 1 169 ? 12.038  -10.799 -5.740  1.00 37.86 ? 160 GLY A N   1 
ATOM   1191 C CA  . GLY A 1 169 ? 13.201  -10.792 -6.613  1.00 37.87 ? 160 GLY A CA  1 
ATOM   1192 C C   . GLY A 1 169 ? 13.488  -9.467  -7.299  1.00 39.04 ? 160 GLY A C   1 
ATOM   1193 O O   . GLY A 1 169 ? 14.377  -9.384  -8.143  1.00 40.78 ? 160 GLY A O   1 
ATOM   1194 N N   . LEU A 1 170 ? 12.741  -8.426  -6.941  1.00 37.43 ? 161 LEU A N   1 
ATOM   1195 C CA  . LEU A 1 170 ? 12.934  -7.106  -7.539  1.00 37.88 ? 161 LEU A CA  1 
ATOM   1196 C C   . LEU A 1 170 ? 14.277  -6.508  -7.115  1.00 41.70 ? 161 LEU A C   1 
ATOM   1197 O O   . LEU A 1 170 ? 14.606  -6.484  -5.929  1.00 38.96 ? 161 LEU A O   1 
ATOM   1198 C CB  . LEU A 1 170 ? 11.789  -6.164  -7.153  1.00 33.97 ? 161 LEU A CB  1 
ATOM   1199 C CG  . LEU A 1 170 ? 11.831  -4.748  -7.744  1.00 38.54 ? 161 LEU A CG  1 
ATOM   1200 C CD1 . LEU A 1 170 ? 11.805  -4.785  -9.262  1.00 35.50 ? 161 LEU A CD1 1 
ATOM   1201 C CD2 . LEU A 1 170 ? 10.679  -3.904  -7.212  1.00 33.80 ? 161 LEU A CD2 1 
ATOM   1202 N N   . ARG A 1 171 ? 15.051  -6.038  -8.089  1.00 38.11 ? 162 ARG A N   1 
ATOM   1203 C CA  . ARG A 1 171 ? 16.368  -5.459  -7.819  1.00 39.19 ? 162 ARG A CA  1 
ATOM   1204 C C   . ARG A 1 171 ? 16.607  -4.177  -8.611  1.00 42.11 ? 162 ARG A C   1 
ATOM   1205 O O   . ARG A 1 171 ? 16.271  -4.097  -9.794  1.00 36.92 ? 162 ARG A O   1 
ATOM   1206 C CB  . ARG A 1 171 ? 17.483  -6.459  -8.149  1.00 40.59 ? 162 ARG A CB  1 
ATOM   1207 C CG  . ARG A 1 171 ? 17.392  -7.799  -7.431  1.00 41.51 ? 162 ARG A CG  1 
ATOM   1208 C CD  . ARG A 1 171 ? 17.642  -7.669  -5.933  1.00 47.18 ? 162 ARG A CD  1 
ATOM   1209 N NE  . ARG A 1 171 ? 17.516  -8.959  -5.253  1.00 52.69 ? 162 ARG A NE  1 
ATOM   1210 C CZ  . ARG A 1 171 ? 16.437  -9.356  -4.580  1.00 52.17 ? 162 ARG A CZ  1 
ATOM   1211 N NH1 . ARG A 1 171 ? 16.420  -10.552 -4.006  1.00 51.64 ? 162 ARG A NH1 1 
ATOM   1212 N NH2 . ARG A 1 171 ? 15.378  -8.557  -4.474  1.00 43.76 ? 162 ARG A NH2 1 
ATOM   1213 N N   . TYR A 1 172 ? 17.191  -3.187  -7.935  1.00 38.67 ? 163 TYR A N   1 
ATOM   1214 C CA  . TYR A 1 172 ? 17.732  -1.975  -8.550  1.00 39.31 ? 163 TYR A CA  1 
ATOM   1215 C C   . TYR A 1 172 ? 19.106  -1.725  -7.922  1.00 42.82 ? 163 TYR A C   1 
ATOM   1216 O O   . TYR A 1 172 ? 19.285  -1.966  -6.731  1.00 36.97 ? 163 TYR A O   1 
ATOM   1217 C CB  . TYR A 1 172 ? 16.831  -0.756  -8.313  1.00 36.25 ? 163 TYR A CB  1 
ATOM   1218 C CG  . TYR A 1 172 ? 15.659  -0.573  -9.260  1.00 36.17 ? 163 TYR A CG  1 
ATOM   1219 C CD1 . TYR A 1 172 ? 14.468  -1.262  -9.065  1.00 40.53 ? 163 TYR A CD1 1 
ATOM   1220 C CD2 . TYR A 1 172 ? 15.727  0.329   -10.314 1.00 39.22 ? 163 TYR A CD2 1 
ATOM   1221 C CE1 . TYR A 1 172 ? 13.387  -1.077  -9.913  1.00 38.71 ? 163 TYR A CE1 1 
ATOM   1222 C CE2 . TYR A 1 172 ? 14.652  0.517   -11.170 1.00 35.03 ? 163 TYR A CE2 1 
ATOM   1223 C CZ  . TYR A 1 172 ? 13.484  -0.186  -10.962 1.00 37.90 ? 163 TYR A CZ  1 
ATOM   1224 O OH  . TYR A 1 172 ? 12.408  -0.004  -11.808 1.00 37.34 ? 163 TYR A OH  1 
ATOM   1225 N N   . PRO A 1 173 ? 20.074  -1.230  -8.707  1.00 39.68 ? 164 PRO A N   1 
ATOM   1226 C CA  . PRO A 1 173 ? 21.392  -0.940  -8.132  1.00 43.62 ? 164 PRO A CA  1 
ATOM   1227 C C   . PRO A 1 173 ? 21.333  0.131   -7.041  1.00 43.83 ? 164 PRO A C   1 
ATOM   1228 O O   . PRO A 1 173 ? 20.790  1.209   -7.267  1.00 44.61 ? 164 PRO A O   1 
ATOM   1229 C CB  . PRO A 1 173 ? 22.203  -0.442  -9.336  1.00 47.08 ? 164 PRO A CB  1 
ATOM   1230 C CG  . PRO A 1 173 ? 21.174  0.047   -10.313 1.00 45.79 ? 164 PRO A CG  1 
ATOM   1231 C CD  . PRO A 1 173 ? 20.002  -0.879  -10.135 1.00 38.89 ? 164 PRO A CD  1 
ATOM   1232 N N   . GLY A 1 174 ? 21.881  -0.177  -5.870  1.00 45.67 ? 165 GLY A N   1 
ATOM   1233 C CA  . GLY A 1 174 ? 21.982  0.797   -4.795  1.00 43.87 ? 165 GLY A CA  1 
ATOM   1234 C C   . GLY A 1 174 ? 20.708  0.935   -3.984  1.00 46.95 ? 165 GLY A C   1 
ATOM   1235 O O   . GLY A 1 174 ? 20.623  1.779   -3.095  1.00 42.16 ? 165 GLY A O   1 
ATOM   1236 N N   . GLN A 1 175 ? 19.716  0.105   -4.291  1.00 41.07 ? 166 GLN A N   1 
ATOM   1237 C CA  . GLN A 1 175 ? 18.439  0.154   -3.593  1.00 38.24 ? 166 GLN A CA  1 
ATOM   1238 C C   . GLN A 1 175 ? 18.156  -1.192  -2.945  1.00 40.85 ? 166 GLN A C   1 
ATOM   1239 O O   . GLN A 1 175 ? 18.670  -2.217  -3.384  1.00 38.89 ? 166 GLN A O   1 
ATOM   1240 C CB  . GLN A 1 175 ? 17.311  0.538   -4.558  1.00 40.04 ? 166 GLN A CB  1 
ATOM   1241 C CG  . GLN A 1 175 ? 17.555  1.848   -5.306  1.00 43.10 ? 166 GLN A CG  1 
ATOM   1242 C CD  . GLN A 1 175 ? 16.437  2.195   -6.278  1.00 42.57 ? 166 GLN A CD  1 
ATOM   1243 O OE1 . GLN A 1 175 ? 16.690  2.544   -7.432  1.00 42.12 ? 166 GLN A OE1 1 
ATOM   1244 N NE2 . GLN A 1 175 ? 15.198  2.110   -5.811  1.00 40.76 ? 166 GLN A NE2 1 
ATOM   1245 N N   . GLU A 1 176 ? 17.339  -1.188  -1.898  1.00 40.28 ? 167 GLU A N   1 
ATOM   1246 C CA  . GLU A 1 176 ? 16.983  -2.424  -1.210  1.00 41.86 ? 167 GLU A CA  1 
ATOM   1247 C C   . GLU A 1 176 ? 15.481  -2.689  -1.250  1.00 42.27 ? 167 GLU A C   1 
ATOM   1248 O O   . GLU A 1 176 ? 14.678  -1.823  -0.895  1.00 40.17 ? 167 GLU A O   1 
ATOM   1249 C CB  . GLU A 1 176 ? 17.462  -2.382  0.244   1.00 43.25 ? 167 GLU A CB  1 
ATOM   1250 C CG  . GLU A 1 176 ? 17.056  -3.597  1.059   1.00 51.84 ? 167 GLU A CG  1 
ATOM   1251 C CD  . GLU A 1 176 ? 17.632  -3.576  2.463   1.00 57.13 ? 167 GLU A CD  1 
ATOM   1252 O OE1 . GLU A 1 176 ? 18.208  -2.537  2.855   1.00 58.42 ? 167 GLU A OE1 1 
ATOM   1253 O OE2 . GLU A 1 176 ? 17.509  -4.597  3.172   1.00 63.42 ? 167 GLU A OE2 1 
ATOM   1254 N N   . PHE A 1 177 ? 15.107  -3.894  -1.668  1.00 38.52 ? 168 PHE A N   1 
ATOM   1255 C CA  . PHE A 1 177 ? 13.702  -4.289  -1.687  1.00 42.30 ? 168 PHE A CA  1 
ATOM   1256 C C   . PHE A 1 177 ? 13.476  -5.525  -0.839  1.00 40.57 ? 168 PHE A C   1 
ATOM   1257 O O   . PHE A 1 177 ? 14.180  -6.526  -0.977  1.00 40.61 ? 168 PHE A O   1 
ATOM   1258 C CB  . PHE A 1 177 ? 13.234  -4.523  -3.124  1.00 38.55 ? 168 PHE A CB  1 
ATOM   1259 C CG  . PHE A 1 177 ? 13.455  -3.338  -4.009  1.00 39.63 ? 168 PHE A CG  1 
ATOM   1260 C CD1 . PHE A 1 177 ? 12.583  -2.266  -3.976  1.00 41.86 ? 168 PHE A CD1 1 
ATOM   1261 C CD2 . PHE A 1 177 ? 14.563  -3.274  -4.839  1.00 38.57 ? 168 PHE A CD2 1 
ATOM   1262 C CE1 . PHE A 1 177 ? 12.797  -1.161  -4.772  1.00 41.86 ? 168 PHE A CE1 1 
ATOM   1263 C CE2 . PHE A 1 177 ? 14.780  -2.175  -5.630  1.00 36.74 ? 168 PHE A CE2 1 
ATOM   1264 C CZ  . PHE A 1 177 ? 13.898  -1.116  -5.595  1.00 40.41 ? 168 PHE A CZ  1 
ATOM   1265 N N   . VAL A 1 178 ? 12.490  -5.447  0.047   1.00 38.64 ? 169 VAL A N   1 
ATOM   1266 C CA  . VAL A 1 178 ? 12.225  -6.539  0.978   1.00 41.11 ? 169 VAL A CA  1 
ATOM   1267 C C   . VAL A 1 178 ? 10.771  -6.978  0.912   1.00 42.23 ? 169 VAL A C   1 
ATOM   1268 O O   . VAL A 1 178 ? 9.872   -6.146  0.844   1.00 41.32 ? 169 VAL A O   1 
ATOM   1269 C CB  . VAL A 1 178 ? 12.560  -6.134  2.436   1.00 43.91 ? 169 VAL A CB  1 
ATOM   1270 C CG1 . VAL A 1 178 ? 12.185  -7.246  3.412   1.00 46.37 ? 169 VAL A CG1 1 
ATOM   1271 C CG2 . VAL A 1 178 ? 14.031  -5.779  2.569   1.00 42.91 ? 169 VAL A CG2 1 
ATOM   1272 N N   . ILE A 1 179 ? 10.542  -8.286  0.914   1.00 39.38 ? 170 ILE A N   1 
ATOM   1273 C CA  . ILE A 1 179 ? 9.197   -8.811  1.075   1.00 40.57 ? 170 ILE A CA  1 
ATOM   1274 C C   . ILE A 1 179 ? 9.084   -9.282  2.521   1.00 43.96 ? 170 ILE A C   1 
ATOM   1275 O O   . ILE A 1 179 ? 9.901   -10.081 2.989   1.00 43.16 ? 170 ILE A O   1 
ATOM   1276 C CB  . ILE A 1 179 ? 8.888   -9.953  0.059   1.00 40.71 ? 170 ILE A CB  1 
ATOM   1277 C CG1 . ILE A 1 179 ? 7.434   -10.419 0.181   1.00 40.44 ? 170 ILE A CG1 1 
ATOM   1278 C CG2 . ILE A 1 179 ? 9.875   -11.110 0.188   1.00 38.92 ? 170 ILE A CG2 1 
ATOM   1279 C CD1 . ILE A 1 179 ? 6.430   -9.434  -0.383  1.00 36.19 ? 170 ILE A CD1 1 
ATOM   1280 N N   . ALA A 1 180 ? 8.108   -8.758  3.255   1.00 39.56 ? 171 ALA A N   1 
ATOM   1281 C CA  . ALA A 1 180 ? 8.051   -9.073  4.682   1.00 43.41 ? 171 ALA A CA  1 
ATOM   1282 C C   . ALA A 1 180 ? 6.634   -9.065  5.217   1.00 43.13 ? 171 ALA A C   1 
ATOM   1283 O O   . ALA A 1 180 ? 5.763   -8.392  4.677   1.00 40.77 ? 171 ALA A O   1 
ATOM   1284 C CB  . ALA A 1 180 ? 8.921   -8.095  5.476   1.00 42.93 ? 171 ALA A CB  1 
ATOM   1285 N N   . THR A 1 181 ? 6.405   -9.818  6.288   1.00 39.52 ? 172 THR A N   1 
ATOM   1286 C CA  . THR A 1 181 ? 5.082   -9.876  6.890   1.00 38.07 ? 172 THR A CA  1 
ATOM   1287 C C   . THR A 1 181 ? 4.876   -8.663  7.786   1.00 40.75 ? 172 THR A C   1 
ATOM   1288 O O   . THR A 1 181 ? 5.838   -8.003  8.185   1.00 38.70 ? 172 THR A O   1 
ATOM   1289 C CB  . THR A 1 181 ? 4.873   -11.167 7.703   1.00 41.93 ? 172 THR A CB  1 
ATOM   1290 O OG1 . THR A 1 181 ? 5.803   -11.203 8.794   1.00 44.49 ? 172 THR A OG1 1 
ATOM   1291 C CG2 . THR A 1 181 ? 5.077   -12.392 6.818   1.00 42.69 ? 172 THR A CG2 1 
ATOM   1292 N N   . HIS A 1 182 ? 3.615   -8.380  8.094   1.00 42.34 ? 173 HIS A N   1 
ATOM   1293 C CA  . HIS A 1 182 ? 3.244   -7.200  8.867   1.00 38.90 ? 173 HIS A CA  1 
ATOM   1294 C C   . HIS A 1 182 ? 3.855   -7.198  10.266  1.00 43.04 ? 173 HIS A C   1 
ATOM   1295 O O   . HIS A 1 182 ? 4.121   -6.136  10.832  1.00 43.46 ? 173 HIS A O   1 
ATOM   1296 C CB  . HIS A 1 182 ? 1.721   -7.107  8.976   1.00 39.44 ? 173 HIS A CB  1 
ATOM   1297 C CG  . HIS A 1 182 ? 1.138   -8.046  9.987   1.00 40.01 ? 173 HIS A CG  1 
ATOM   1298 N ND1 . HIS A 1 182 ? 1.075   -9.408  9.788   1.00 42.27 ? 173 HIS A ND1 1 
ATOM   1299 C CD2 . HIS A 1 182 ? 0.612   -7.819  11.214  1.00 43.22 ? 173 HIS A CD2 1 
ATOM   1300 C CE1 . HIS A 1 182 ? 0.528   -9.980  10.846  1.00 46.22 ? 173 HIS A CE1 1 
ATOM   1301 N NE2 . HIS A 1 182 ? 0.238   -9.038  11.727  1.00 41.95 ? 173 HIS A NE2 1 
ATOM   1302 N N   . ASP A 1 183 ? 4.077   -8.381  10.831  1.00 43.48 ? 174 ASP A N   1 
ATOM   1303 C CA  . ASP A 1 183 ? 4.595   -8.457  12.196  1.00 48.36 ? 174 ASP A CA  1 
ATOM   1304 C C   . ASP A 1 183 ? 6.104   -8.695  12.250  1.00 47.71 ? 174 ASP A C   1 
ATOM   1305 O O   . ASP A 1 183 ? 6.680   -8.782  13.334  1.00 50.84 ? 174 ASP A O   1 
ATOM   1306 C CB  . ASP A 1 183 ? 3.859   -9.543  12.994  1.00 46.15 ? 174 ASP A CB  1 
ATOM   1307 C CG  . ASP A 1 183 ? 3.945   -10.915 12.349  1.00 47.58 ? 174 ASP A CG  1 
ATOM   1308 O OD1 . ASP A 1 183 ? 4.220   -11.006 11.135  1.00 48.54 ? 174 ASP A OD1 1 
ATOM   1309 O OD2 . ASP A 1 183 ? 3.717   -11.911 13.065  1.00 52.12 ? 174 ASP A OD2 1 
ATOM   1310 N N   . HIS A 1 184 ? 6.750   -8.777  11.091  1.00 46.36 ? 175 HIS A N   1 
ATOM   1311 C CA  . HIS A 1 184 ? 8.195   -8.998  11.065  1.00 45.46 ? 175 HIS A CA  1 
ATOM   1312 C C   . HIS A 1 184 ? 8.961   -7.878  10.364  1.00 51.40 ? 175 HIS A C   1 
ATOM   1313 O O   . HIS A 1 184 ? 10.179  -7.767  10.523  1.00 50.32 ? 175 HIS A O   1 
ATOM   1314 C CB  . HIS A 1 184 ? 8.515   -10.340 10.401  1.00 48.69 ? 175 HIS A CB  1 
ATOM   1315 C CG  . HIS A 1 184 ? 8.146   -11.526 11.237  1.00 53.71 ? 175 HIS A CG  1 
ATOM   1316 N ND1 . HIS A 1 184 ? 7.720   -12.719 10.694  1.00 63.52 ? 175 HIS A ND1 1 
ATOM   1317 C CD2 . HIS A 1 184 ? 8.144   -11.703 12.579  1.00 60.21 ? 175 HIS A CD2 1 
ATOM   1318 C CE1 . HIS A 1 184 ? 7.467   -13.578 11.665  1.00 62.05 ? 175 HIS A CE1 1 
ATOM   1319 N NE2 . HIS A 1 184 ? 7.716   -12.985 12.820  1.00 59.06 ? 175 HIS A NE2 1 
ATOM   1320 N N   . VAL A 1 185 ? 8.260   -7.050  9.593   1.00 42.98 ? 176 VAL A N   1 
ATOM   1321 C CA  . VAL A 1 185 ? 8.908   -5.922  8.929   1.00 42.91 ? 176 VAL A CA  1 
ATOM   1322 C C   . VAL A 1 185 ? 9.513   -4.979  9.972   1.00 50.35 ? 176 VAL A C   1 
ATOM   1323 O O   . VAL A 1 185 ? 8.887   -4.677  10.990  1.00 48.46 ? 176 VAL A O   1 
ATOM   1324 C CB  . VAL A 1 185 ? 7.925   -5.143  8.019   1.00 45.36 ? 176 VAL A CB  1 
ATOM   1325 C CG1 . VAL A 1 185 ? 6.679   -4.731  8.787   1.00 39.19 ? 176 VAL A CG1 1 
ATOM   1326 C CG2 . VAL A 1 185 ? 8.616   -3.932  7.397   1.00 44.80 ? 176 VAL A CG2 1 
ATOM   1327 N N   . ALA A 1 186 ? 10.744  -4.539  9.727   1.00 47.32 ? 177 ALA A N   1 
ATOM   1328 C CA  . ALA A 1 186 ? 11.445  -3.669  10.663  1.00 50.96 ? 177 ALA A CA  1 
ATOM   1329 C C   . ALA A 1 186 ? 10.834  -2.268  10.698  1.00 53.47 ? 177 ALA A C   1 
ATOM   1330 O O   . ALA A 1 186 ? 10.690  -1.619  9.662   1.00 56.62 ? 177 ALA A O   1 
ATOM   1331 C CB  . ALA A 1 186 ? 12.922  -3.592  10.304  1.00 48.27 ? 177 ALA A CB  1 
ATOM   1332 N N   . LEU A 1 187 ? 10.482  -1.805  11.892  1.00 54.75 ? 178 LEU A N   1 
ATOM   1333 C CA  . LEU A 1 187 ? 9.912   -0.472  12.060  1.00 55.29 ? 178 LEU A CA  1 
ATOM   1334 C C   . LEU A 1 187 ? 10.687  0.338   13.098  1.00 59.17 ? 178 LEU A C   1 
ATOM   1335 O O   . LEU A 1 187 ? 10.379  0.293   14.290  1.00 62.08 ? 178 LEU A O   1 
ATOM   1336 C CB  . LEU A 1 187 ? 8.436   -0.569  12.456  1.00 54.10 ? 178 LEU A CB  1 
ATOM   1337 C CG  . LEU A 1 187 ? 7.496   -1.104  11.372  1.00 49.30 ? 178 LEU A CG  1 
ATOM   1338 C CD1 . LEU A 1 187 ? 6.079   -1.275  11.900  1.00 50.32 ? 178 LEU A CD1 1 
ATOM   1339 C CD2 . LEU A 1 187 ? 7.513   -0.176  10.171  1.00 50.27 ? 178 LEU A CD2 1 
HETATM 1340 O O   . HOH B 2 .   ? -14.102 -4.094  3.977   1.00 51.95 ? 201 HOH A O   1 
HETATM 1341 O O   . HOH B 2 .   ? -15.559 -17.488 -15.660 1.00 56.78 ? 202 HOH A O   1 
HETATM 1342 O O   . HOH B 2 .   ? -9.813  -13.058 5.841   1.00 49.55 ? 203 HOH A O   1 
HETATM 1343 O O   . HOH B 2 .   ? -14.460 -23.467 -16.755 1.00 58.62 ? 204 HOH A O   1 
HETATM 1344 O O   . HOH B 2 .   ? 15.192  -1.974  3.688   1.00 64.74 ? 205 HOH A O   1 
HETATM 1345 O O   . HOH B 2 .   ? -2.844  3.888   18.061  1.00 60.09 ? 206 HOH A O   1 
HETATM 1346 O O   . HOH B 2 .   ? 7.127   -0.068  16.581  1.00 56.65 ? 207 HOH A O   1 
HETATM 1347 O O   . HOH B 2 .   ? 1.071   8.328   13.512  1.00 54.19 ? 208 HOH A O   1 
HETATM 1348 O O   . HOH B 2 .   ? -17.016 3.500   -5.459  1.00 52.79 ? 209 HOH A O   1 
HETATM 1349 O O   . HOH B 2 .   ? -13.431 -16.204 -19.274 1.00 46.05 ? 210 HOH A O   1 
HETATM 1350 O O   . HOH B 2 .   ? 0.960   -7.009  -8.499  1.00 41.93 ? 211 HOH A O   1 
HETATM 1351 O O   . HOH B 2 .   ? 17.731  3.476   -1.855  1.00 48.81 ? 212 HOH A O   1 
HETATM 1352 O O   . HOH B 2 .   ? -15.680 2.703   6.737   1.00 48.37 ? 213 HOH A O   1 
HETATM 1353 O O   . HOH B 2 .   ? 1.437   -10.017 -9.716  1.00 37.09 ? 214 HOH A O   1 
HETATM 1354 O O   . HOH B 2 .   ? -6.446  -14.350 7.130   1.00 47.40 ? 215 HOH A O   1 
HETATM 1355 O O   . HOH B 2 .   ? 0.060   2.143   18.649  1.00 58.15 ? 216 HOH A O   1 
HETATM 1356 O O   . HOH B 2 .   ? 15.522  -6.189  -11.178 1.00 40.70 ? 217 HOH A O   1 
HETATM 1357 O O   . HOH B 2 .   ? 0.894   -13.524 8.412   1.00 50.23 ? 218 HOH A O   1 
HETATM 1358 O O   . HOH B 2 .   ? 18.970  2.386   -8.743  1.00 45.00 ? 219 HOH A O   1 
HETATM 1359 O O   . HOH B 2 .   ? -7.306  1.199   -5.202  1.00 46.61 ? 220 HOH A O   1 
HETATM 1360 O O   . HOH B 2 .   ? -12.532 -9.528  -16.454 1.00 50.78 ? 221 HOH A O   1 
HETATM 1361 O O   . HOH B 2 .   ? 11.060  11.333  -0.132  1.00 46.53 ? 222 HOH A O   1 
HETATM 1362 O O   . HOH B 2 .   ? 15.024  -3.142  -11.943 1.00 36.98 ? 223 HOH A O   1 
HETATM 1363 O O   . HOH B 2 .   ? 9.910   -0.410  -10.963 1.00 34.61 ? 224 HOH A O   1 
HETATM 1364 O O   . HOH B 2 .   ? 4.259   7.762   16.384  1.00 59.71 ? 225 HOH A O   1 
HETATM 1365 O O   . HOH B 2 .   ? -17.632 4.219   5.088   1.00 43.06 ? 226 HOH A O   1 
HETATM 1366 O O   . HOH B 2 .   ? -7.069  -2.974  -16.211 1.00 40.84 ? 227 HOH A O   1 
HETATM 1367 O O   . HOH B 2 .   ? -11.526 7.877   5.907   1.00 39.63 ? 228 HOH A O   1 
HETATM 1368 O O   . HOH B 2 .   ? -16.982 -13.959 -18.541 1.00 42.60 ? 229 HOH A O   1 
HETATM 1369 O O   . HOH B 2 .   ? -12.258 11.627  6.166   1.00 40.39 ? 230 HOH A O   1 
HETATM 1370 O O   . HOH B 2 .   ? 12.786  -8.329  -2.440  1.00 47.77 ? 231 HOH A O   1 
HETATM 1371 O O   . HOH B 2 .   ? 16.658  3.802   3.422   1.00 53.14 ? 232 HOH A O   1 
HETATM 1372 O O   . HOH B 2 .   ? -16.077 10.684  1.724   1.00 40.48 ? 233 HOH A O   1 
HETATM 1373 O O   . HOH B 2 .   ? 12.327  -3.850  5.486   1.00 46.36 ? 234 HOH A O   1 
HETATM 1374 O O   . HOH B 2 .   ? -2.604  9.418   -9.189  1.00 35.09 ? 235 HOH A O   1 
HETATM 1375 O O   . HOH B 2 .   ? -5.498  -5.687  14.035  1.00 46.68 ? 236 HOH A O   1 
HETATM 1376 O O   . HOH B 2 .   ? -1.656  -10.212 1.574   1.00 35.54 ? 237 HOH A O   1 
HETATM 1377 O O   . HOH B 2 .   ? 0.374   -4.006  16.294  1.00 47.85 ? 238 HOH A O   1 
HETATM 1378 O O   . HOH B 2 .   ? -14.608 -15.683 -8.733  1.00 51.93 ? 239 HOH A O   1 
HETATM 1379 O O   . HOH B 2 .   ? 4.719   1.684   -11.988 1.00 36.22 ? 240 HOH A O   1 
HETATM 1380 O O   . HOH B 2 .   ? -8.029  -8.242  -10.142 1.00 36.40 ? 241 HOH A O   1 
HETATM 1381 O O   . HOH B 2 .   ? -1.951  15.974  0.609   1.00 49.43 ? 242 HOH A O   1 
HETATM 1382 O O   . HOH B 2 .   ? -13.995 -10.954 0.712   1.00 45.76 ? 243 HOH A O   1 
HETATM 1383 O O   . HOH B 2 .   ? -10.481 14.501  -7.566  1.00 53.86 ? 244 HOH A O   1 
HETATM 1384 O O   . HOH B 2 .   ? 15.772  3.984   -9.684  1.00 41.28 ? 245 HOH A O   1 
HETATM 1385 O O   . HOH B 2 .   ? 8.164   11.734  -7.754  1.00 53.45 ? 246 HOH A O   1 
HETATM 1386 O O   . HOH B 2 .   ? -6.914  8.046   5.922   1.00 41.12 ? 247 HOH A O   1 
HETATM 1387 O O   . HOH B 2 .   ? -9.169  -15.388 -4.417  1.00 40.73 ? 248 HOH A O   1 
HETATM 1388 O O   . HOH B 2 .   ? 13.943  -11.623 -1.211  1.00 58.56 ? 249 HOH A O   1 
HETATM 1389 O O   . HOH B 2 .   ? -10.517 -6.791  9.958   1.00 41.63 ? 250 HOH A O   1 
HETATM 1390 O O   . HOH B 2 .   ? -8.007  -19.205 -10.824 1.00 46.58 ? 251 HOH A O   1 
HETATM 1391 O O   . HOH B 2 .   ? -12.520 -11.758 4.960   1.00 44.54 ? 252 HOH A O   1 
HETATM 1392 O O   . HOH B 2 .   ? 3.848   7.662   13.782  1.00 51.05 ? 253 HOH A O   1 
HETATM 1393 O O   . HOH B 2 .   ? 4.859   -13.648 10.335  1.00 52.46 ? 254 HOH A O   1 
HETATM 1394 O O   . HOH B 2 .   ? -2.596  14.870  -4.100  1.00 43.47 ? 255 HOH A O   1 
HETATM 1395 O O   . HOH B 2 .   ? -14.205 -3.657  6.685   1.00 53.13 ? 256 HOH A O   1 
HETATM 1396 O O   . HOH B 2 .   ? 13.370  -2.211  1.603   1.00 41.74 ? 257 HOH A O   1 
HETATM 1397 O O   . HOH B 2 .   ? -11.324 -14.701 0.975   1.00 45.70 ? 258 HOH A O   1 
HETATM 1398 O O   . HOH B 2 .   ? -12.554 -12.119 -5.340  1.00 44.78 ? 259 HOH A O   1 
HETATM 1399 O O   . HOH B 2 .   ? -6.309  -0.570  -7.085  1.00 42.59 ? 260 HOH A O   1 
HETATM 1400 O O   . HOH B 2 .   ? -10.414 4.657   -11.164 1.00 47.01 ? 261 HOH A O   1 
HETATM 1401 O O   . HOH B 2 .   ? -4.866  -21.960 -1.741  1.00 58.28 ? 262 HOH A O   1 
HETATM 1402 O O   . HOH B 2 .   ? 2.706   15.964  -8.748  1.00 58.74 ? 263 HOH A O   1 
HETATM 1403 O O   . HOH B 2 .   ? -4.505  0.685   13.430  1.00 45.15 ? 264 HOH A O   1 
HETATM 1404 O O   . HOH B 2 .   ? -4.220  -12.133 10.755  1.00 52.65 ? 265 HOH A O   1 
HETATM 1405 O O   . HOH B 2 .   ? 2.958   14.126  -11.328 1.00 53.54 ? 266 HOH A O   1 
HETATM 1406 O O   . HOH B 2 .   ? 5.137   12.746  -11.723 1.00 54.28 ? 267 HOH A O   1 
HETATM 1407 O O   . HOH B 2 .   ? -4.073  12.189  -9.278  1.00 37.75 ? 268 HOH A O   1 
HETATM 1408 O O   . HOH B 2 .   ? 18.029  -4.268  -5.296  1.00 39.14 ? 269 HOH A O   1 
HETATM 1409 O O   . HOH B 2 .   ? -7.876  -19.112 -23.439 1.00 52.49 ? 270 HOH A O   1 
HETATM 1410 O O   . HOH B 2 .   ? -12.254 11.699  -8.692  1.00 50.85 ? 271 HOH A O   1 
HETATM 1411 O O   . HOH B 2 .   ? -3.814  15.212  -1.650  1.00 43.85 ? 272 HOH A O   1 
HETATM 1412 O O   . HOH B 2 .   ? 11.451  -10.921 5.289   1.00 50.38 ? 273 HOH A O   1 
HETATM 1413 O O   . HOH B 2 .   ? -14.340 -10.709 -8.720  1.00 51.77 ? 274 HOH A O   1 
HETATM 1414 O O   . HOH B 2 .   ? -6.595  -19.750 -6.077  1.00 50.49 ? 275 HOH A O   1 
HETATM 1415 O O   . HOH B 2 .   ? 22.828  -2.857  -5.298  1.00 56.01 ? 276 HOH A O   1 
HETATM 1416 O O   . HOH B 2 .   ? 4.242   15.787  -4.836  1.00 45.79 ? 277 HOH A O   1 
HETATM 1417 O O   . HOH B 2 .   ? -11.490 -15.698 -11.253 1.00 42.56 ? 278 HOH A O   1 
HETATM 1418 O O   . HOH B 2 .   ? -2.714  15.526  4.716   1.00 50.40 ? 279 HOH A O   1 
HETATM 1419 O O   . HOH B 2 .   ? 12.872  -14.790 -5.042  1.00 46.98 ? 280 HOH A O   1 
HETATM 1420 O O   . HOH B 2 .   ? -12.490 -8.606  -11.716 1.00 46.46 ? 281 HOH A O   1 
HETATM 1421 O O   . HOH B 2 .   ? 17.057  -5.604  -3.005  1.00 42.09 ? 282 HOH A O   1 
HETATM 1422 O O   . HOH B 2 .   ? -5.901  4.127   2.512   1.00 43.59 ? 283 HOH A O   1 
HETATM 1423 O O   . HOH B 2 .   ? 9.274   -13.574 8.372   1.00 52.66 ? 284 HOH A O   1 
HETATM 1424 O O   . HOH B 2 .   ? 2.619   10.273  10.190  1.00 51.69 ? 285 HOH A O   1 
HETATM 1425 O O   . HOH B 2 .   ? -2.030  -15.801 -1.797  1.00 41.13 ? 286 HOH A O   1 
HETATM 1426 O O   . HOH B 2 .   ? -7.622  0.955   -11.751 1.00 49.49 ? 287 HOH A O   1 
HETATM 1427 O O   . HOH B 2 .   ? -10.926 -4.769  -9.732  1.00 43.57 ? 288 HOH A O   1 
HETATM 1428 O O   . HOH B 2 .   ? -10.185 -6.932  -13.987 1.00 49.51 ? 289 HOH A O   1 
HETATM 1429 O O   . HOH B 2 .   ? 13.332  5.268   10.199  1.00 54.84 ? 290 HOH A O   1 
HETATM 1430 O O   . HOH B 2 .   ? 8.260   19.003  0.256   1.00 57.13 ? 291 HOH A O   1 
HETATM 1431 O O   . HOH B 2 .   ? -19.527 5.945   -3.906  1.00 48.62 ? 292 HOH A O   1 
HETATM 1432 O O   . HOH B 2 .   ? 8.062   -3.041  16.455  1.00 60.04 ? 293 HOH A O   1 
HETATM 1433 O O   . HOH B 2 .   ? 8.776   -11.375 7.159   1.00 48.66 ? 294 HOH A O   1 
HETATM 1434 O O   . HOH B 2 .   ? -15.825 -0.383  6.209   1.00 49.69 ? 295 HOH A O   1 
HETATM 1435 O O   . HOH B 2 .   ? 3.849   12.992  -6.330  1.00 44.88 ? 296 HOH A O   1 
HETATM 1436 O O   . HOH B 2 .   ? 12.141  -6.076  7.575   1.00 50.70 ? 297 HOH A O   1 
HETATM 1437 O O   . HOH B 2 .   ? -15.133 11.475  -7.042  1.00 43.19 ? 298 HOH A O   1 
HETATM 1438 O O   . HOH B 2 .   ? -14.563 -12.294 6.627   1.00 63.08 ? 299 HOH A O   1 
HETATM 1439 O O   . HOH B 2 .   ? 1.205   11.314  13.074  1.00 65.97 ? 300 HOH A O   1 
HETATM 1440 O O   . HOH B 2 .   ? 3.482   10.552  -13.427 1.00 44.09 ? 301 HOH A O   1 
HETATM 1441 O O   . HOH B 2 .   ? -5.182  10.907  16.805  1.00 54.70 ? 302 HOH A O   1 
HETATM 1442 O O   . HOH B 2 .   ? -5.730  16.580  5.796   1.00 55.26 ? 303 HOH A O   1 
HETATM 1443 O O   . HOH B 2 .   ? -0.269  -8.004  -10.642 1.00 36.30 ? 304 HOH A O   1 
HETATM 1444 O O   . HOH B 2 .   ? -8.140  -20.500 -15.550 1.00 50.77 ? 305 HOH A O   1 
HETATM 1445 O O   . HOH B 2 .   ? 13.063  -10.053 1.121   1.00 52.52 ? 306 HOH A O   1 
HETATM 1446 O O   . HOH B 2 .   ? -5.918  -21.970 -11.686 0.50 43.13 ? 307 HOH A O   1 
HETATM 1447 O O   . HOH B 2 .   ? 4.536   15.448  5.175   1.00 51.38 ? 308 HOH A O   1 
HETATM 1448 O O   . HOH B 2 .   ? 18.543  5.912   -4.883  1.00 64.04 ? 309 HOH A O   1 
HETATM 1449 O O   . HOH B 2 .   ? 16.602  -8.098  0.306   1.00 61.66 ? 310 HOH A O   1 
HETATM 1450 O O   . HOH B 2 .   ? 7.284   1.961   -12.621 0.50 39.80 ? 311 HOH A O   1 
HETATM 1451 O O   . HOH B 2 .   ? 16.839  5.909   -0.722  1.00 53.03 ? 312 HOH A O   1 
HETATM 1452 O O   . HOH B 2 .   ? 1.953   -2.594  18.090  1.00 58.43 ? 313 HOH A O   1 
HETATM 1453 O O   . HOH B 2 .   ? -4.475  -3.703  15.529  1.00 55.24 ? 314 HOH A O   1 
HETATM 1454 O O   . HOH B 2 .   ? -13.810 -9.551  -13.774 1.00 61.12 ? 315 HOH A O   1 
HETATM 1455 O O   . HOH B 2 .   ? 6.017   13.163  -8.253  1.00 50.94 ? 316 HOH A O   1 
HETATM 1456 O O   . HOH B 2 .   ? -12.140 6.558   9.551   1.00 54.36 ? 317 HOH A O   1 
HETATM 1457 O O   . HOH B 2 .   ? 20.966  -5.181  -6.155  1.00 52.96 ? 318 HOH A O   1 
HETATM 1458 O O   . HOH B 2 .   ? -3.456  16.823  -5.854  1.00 50.34 ? 319 HOH A O   1 
HETATM 1459 O O   . HOH B 2 .   ? -17.341 -2.771  -4.815  1.00 70.21 ? 320 HOH A O   1 
HETATM 1460 O O   . HOH B 2 .   ? -10.451 -17.989 -10.036 1.00 48.74 ? 321 HOH A O   1 
HETATM 1461 O O   . HOH B 2 .   ? 1.556   12.134  -14.022 1.00 49.84 ? 322 HOH A O   1 
HETATM 1462 O O   . HOH B 2 .   ? -5.487  -21.542 -6.843  1.00 57.24 ? 323 HOH A O   1 
HETATM 1463 O O   . HOH B 2 .   ? -12.267 -7.252  -16.048 1.00 52.46 ? 324 HOH A O   1 
HETATM 1464 O O   . HOH B 2 .   ? -10.034 -6.881  -11.175 1.00 37.09 ? 325 HOH A O   1 
HETATM 1465 O O   . HOH B 2 .   ? -10.099 -6.549  12.557  1.00 54.21 ? 326 HOH A O   1 
HETATM 1466 O O   . HOH B 2 .   ? -8.230  -5.189  14.156  1.00 56.18 ? 327 HOH A O   1 
HETATM 1467 O O   . HOH B 2 .   ? -19.288 2.394   4.490   1.00 49.67 ? 328 HOH A O   1 
HETATM 1468 O O   . HOH B 2 .   ? -15.697 -15.134 -20.656 1.00 39.51 ? 329 HOH A O   1 
HETATM 1469 O O   . HOH B 2 .   ? -18.498 5.940   6.766   1.00 49.89 ? 330 HOH A O   1 
HETATM 1470 O O   . HOH B 2 .   ? -10.737 -14.066 8.586   1.00 59.35 ? 331 HOH A O   1 
HETATM 1471 O O   . HOH B 2 .   ? -8.202  7.025   -15.306 1.00 55.29 ? 332 HOH A O   1 
HETATM 1472 O O   . HOH B 2 .   ? -16.532 -3.917  7.825   1.00 62.96 ? 333 HOH A O   1 
HETATM 1473 O O   . HOH B 2 .   ? -2.108  -4.546  17.425  1.00 56.69 ? 334 HOH A O   1 
HETATM 1474 O O   . HOH B 2 .   ? 13.393  -16.950 -4.266  1.00 54.60 ? 335 HOH A O   1 
HETATM 1475 O O   . HOH B 2 .   ? 19.290  -6.549  -1.366  1.00 58.28 ? 336 HOH A O   1 
HETATM 1476 O O   . HOH B 2 .   ? -16.554 6.328   8.235   1.00 49.83 ? 337 HOH A O   1 
HETATM 1477 O O   . HOH B 2 .   ? -13.950 -4.912  -8.942  1.00 53.17 ? 338 HOH A O   1 
HETATM 1478 O O   . HOH B 2 .   ? 15.286  -10.179 2.897   1.00 67.07 ? 339 HOH A O   1 
# 
